data_4OY2
#
_entry.id   4OY2
#
_cell.length_a   122.215
_cell.length_b   123.660
_cell.length_c   229.610
_cell.angle_alpha   90.000
_cell.angle_beta   90.000
_cell.angle_gamma   90.000
#
_symmetry.space_group_name_H-M   'P 21 21 21'
#
loop_
_entity.id
_entity.type
_entity.pdbx_description
1 polymer 'Transcription initiation factor TFIID subunit 1'
2 polymer 'Transcription initiation factor TFIID subunit 7'
3 non-polymer 'ZINC ION'
4 non-polymer 2-AMINO-2-HYDROXYMETHYL-PROPANE-1,3-DIOL
5 water water
#
loop_
_entity_poly.entity_id
_entity_poly.type
_entity_poly.pdbx_seq_one_letter_code
_entity_poly.pdbx_strand_id
1 'polypeptide(L)'
;QTKVRSTISNLNIQHSQPAINLQSPFYKVAVPRYQLRHFHRENFGSHIRPGTKIVFSKLKARKRKRDKGKDVKESFSTSQ
DLTIGDTAPVYL(MSE)EYSEQTPVALSKFG(MSE)ANKLINYYRKANEQDTLRPKLPVGETHVLGVQDKSPFWNFGFVE
PGHIVPTLYNN(MSE)IRAPVFKHDISGTDFLLTKSSGFGISNRFYLRNINHLFTVGQTFPVEEIPGPNSRKVTS(MSE)
KATRLK(MSE)IIYRILNHNHSKAISIDPIAKHFPDQDYGQNRQKVKEF(MSE)KYQRDGPEKGLWRLKDDEKLLDNEAV
KSLITPEQISQVES(MSE)SQGLQFQEDNEAYNFDSKLKSLEENLLPWNITKNFINSTQ(MSE)RA(MSE)IQIHGVGDP
TGCGEGFSFLKTS(MSE)KGGFVKSGSPSSNNNSSNKKGTNTHSYNVAQQQKAYDEEIAKTWYTHTKSLSISNPFEE
(MSE)TNPDEINQTNKHVKTDRDDKKILKIVRKKRDENGIIQRQTIFIRDPRVIQGYIKIKEQDKEDVNKLLE
;
A,C,E
2 'polypeptide(L)'
;KLRLKPIRIPGEAYDSEASDIEDDPLIESGVILRILPDIQLEFVKNSLESGDYSGISIKWKNERHAVVTINDV(MSE)YG
AILVDLPTVIEVNKSVDRKNLLKTFDVSQ(MSE)LLCIRPIQEEEEVYALEAPDTEDLVVKHFEGIEDEIWENKETFLKG
YNGAPLSD(MSE)EAKHLKEIALKGYDYKHGISPPLYNVRNRRFRRK(MSE)DPNEIDYVEKVVD(MSE)LLKQDKQAEE
VSYDLVDKSELQARQ
;
B,D,F
#
loop_
_chem_comp.id
_chem_comp.type
_chem_comp.name
_chem_comp.formula
TRS non-polymer 2-AMINO-2-HYDROXYMETHYL-PROPANE-1,3-DIOL 'C4 H12 N O3 1'
ZN non-polymer 'ZINC ION' 'Zn 2'
#
# COMPACT_ATOMS: atom_id res chain seq x y z
N ASN A 10 37.99 -8.18 2.63
CA ASN A 10 38.51 -6.91 3.15
C ASN A 10 37.71 -5.70 2.66
N LEU A 11 37.62 -4.69 3.53
CA LEU A 11 36.86 -3.47 3.21
C LEU A 11 37.72 -2.42 2.51
N ASN A 12 38.96 -2.77 2.19
CA ASN A 12 39.87 -1.84 1.53
C ASN A 12 39.44 -1.55 0.10
N ILE A 13 39.29 -0.28 -0.25
CA ILE A 13 38.79 0.12 -1.56
C ILE A 13 39.91 0.28 -2.60
N GLN A 14 39.82 -0.48 -3.69
CA GLN A 14 40.71 -0.29 -4.83
C GLN A 14 39.91 0.07 -6.07
N HIS A 15 40.30 1.16 -6.72
CA HIS A 15 39.64 1.60 -7.95
C HIS A 15 40.28 0.95 -9.17
N SER A 16 39.69 1.21 -10.35
CA SER A 16 40.27 0.76 -11.60
C SER A 16 41.48 1.62 -11.92
N GLN A 17 42.19 1.27 -13.00
CA GLN A 17 43.35 2.06 -13.41
C GLN A 17 43.01 3.47 -13.94
N PRO A 18 42.02 3.59 -14.85
CA PRO A 18 41.68 4.92 -15.36
C PRO A 18 41.31 5.89 -14.23
N ALA A 19 40.70 5.37 -13.18
CA ALA A 19 40.35 6.18 -12.03
C ALA A 19 41.59 6.72 -11.30
N ILE A 20 42.56 5.84 -11.03
CA ILE A 20 43.80 6.22 -10.34
C ILE A 20 44.63 7.20 -11.17
N ASN A 21 44.60 7.01 -12.48
CA ASN A 21 45.34 7.87 -13.39
C ASN A 21 44.74 9.26 -13.54
N LEU A 22 43.50 9.43 -13.05
CA LEU A 22 42.74 10.66 -13.26
C LEU A 22 42.60 10.97 -14.75
N GLN A 23 42.33 9.91 -15.53
CA GLN A 23 42.23 9.96 -16.98
C GLN A 23 41.26 11.03 -17.49
N SER A 24 41.75 11.86 -18.42
CA SER A 24 40.91 12.82 -19.12
C SER A 24 40.16 12.05 -20.21
N PRO A 25 38.94 12.48 -20.56
CA PRO A 25 38.14 13.61 -20.07
C PRO A 25 37.31 13.30 -18.84
N PHE A 26 37.44 12.08 -18.32
CA PHE A 26 36.64 11.64 -17.18
C PHE A 26 36.88 12.51 -15.96
N TYR A 27 38.13 12.87 -15.72
CA TYR A 27 38.49 13.72 -14.58
C TYR A 27 39.10 15.04 -15.06
N LYS A 28 38.49 16.15 -14.66
CA LYS A 28 39.00 17.47 -15.05
C LYS A 28 39.22 18.35 -13.82
N VAL A 29 39.99 19.41 -13.99
CA VAL A 29 40.24 20.34 -12.88
C VAL A 29 39.03 21.26 -12.68
N ALA A 30 38.38 21.61 -13.79
CA ALA A 30 37.18 22.44 -13.73
C ALA A 30 36.15 21.97 -14.75
N VAL A 31 34.99 21.54 -14.28
CA VAL A 31 33.92 21.14 -15.19
C VAL A 31 33.10 22.37 -15.58
N PRO A 32 32.56 22.37 -16.81
CA PRO A 32 31.68 23.47 -17.22
C PRO A 32 30.49 23.59 -16.27
N ARG A 33 29.90 24.77 -16.14
CA ARG A 33 28.84 24.95 -15.16
C ARG A 33 27.58 24.15 -15.51
N TYR A 34 27.42 23.78 -16.78
CA TYR A 34 26.26 22.99 -17.19
C TYR A 34 26.24 21.66 -16.43
N GLN A 35 27.41 21.07 -16.25
CA GLN A 35 27.52 19.79 -15.55
C GLN A 35 27.47 19.99 -14.04
N LEU A 36 27.52 21.25 -13.62
CA LEU A 36 27.33 21.58 -12.21
C LEU A 36 25.86 21.81 -11.97
N ARG A 37 25.23 22.51 -12.90
CA ARG A 37 23.82 22.84 -12.81
C ARG A 37 22.97 21.58 -13.01
N HIS A 38 23.36 20.79 -14.00
CA HIS A 38 22.77 19.47 -14.18
C HIS A 38 23.78 18.43 -13.71
N PHE A 39 23.76 18.12 -12.42
CA PHE A 39 24.80 17.31 -11.79
C PHE A 39 24.61 15.82 -12.04
N HIS A 40 25.58 15.22 -12.75
CA HIS A 40 25.52 13.82 -13.17
C HIS A 40 24.25 13.53 -13.98
N ARG A 41 23.70 14.59 -14.55
CA ARG A 41 22.49 14.49 -15.37
C ARG A 41 22.81 15.09 -16.73
N GLU A 42 22.98 14.24 -17.73
CA GLU A 42 23.35 14.71 -19.06
C GLU A 42 22.17 14.51 -20.01
N ASN A 43 22.04 15.39 -21.00
CA ASN A 43 20.97 15.23 -21.99
C ASN A 43 21.43 14.32 -23.13
N PHE A 44 20.92 13.10 -23.15
CA PHE A 44 21.31 12.11 -24.15
C PHE A 44 20.80 12.48 -25.53
N GLY A 45 19.71 13.24 -25.57
CA GLY A 45 19.07 13.58 -26.84
C GLY A 45 19.75 14.72 -27.59
N SER A 46 20.54 15.50 -26.88
CA SER A 46 21.24 16.61 -27.52
C SER A 46 22.47 16.12 -28.27
N HIS A 47 22.93 14.91 -27.95
CA HIS A 47 24.13 14.37 -28.58
C HIS A 47 23.87 13.30 -29.66
N ILE A 48 22.62 13.13 -30.05
CA ILE A 48 22.28 12.28 -31.19
C ILE A 48 21.71 13.14 -32.32
N ARG A 49 22.33 13.07 -33.49
CA ARG A 49 21.87 13.83 -34.66
C ARG A 49 20.55 13.25 -35.15
N PRO A 50 19.53 14.11 -35.30
CA PRO A 50 18.19 13.68 -35.71
C PRO A 50 18.21 12.95 -37.05
N GLY A 51 17.53 11.81 -37.10
CA GLY A 51 17.53 10.98 -38.30
C GLY A 51 18.45 9.79 -38.16
N THR A 52 19.21 9.73 -37.07
CA THR A 52 20.14 8.64 -36.83
C THR A 52 19.38 7.34 -36.61
N LYS A 53 19.73 6.31 -37.36
CA LYS A 53 19.13 4.99 -37.15
C LYS A 53 19.99 4.17 -36.21
N ILE A 54 19.44 3.84 -35.05
CA ILE A 54 20.15 3.05 -34.07
C ILE A 54 19.93 1.56 -34.31
N VAL A 55 21.01 0.84 -34.65
CA VAL A 55 20.98 -0.62 -34.72
C VAL A 55 21.93 -1.16 -33.65
N PHE A 56 21.50 -2.22 -32.97
CA PHE A 56 22.30 -2.71 -31.84
C PHE A 56 23.38 -3.72 -32.26
N SER A 57 24.54 -3.60 -31.62
CA SER A 57 25.67 -4.49 -31.90
C SER A 57 25.70 -5.61 -30.87
N LYS A 58 26.52 -6.62 -31.12
CA LYS A 58 26.61 -7.79 -30.24
C LYS A 58 27.57 -7.55 -29.08
N LEU A 59 27.24 -8.11 -27.92
CA LEU A 59 28.07 -7.96 -26.72
C LEU A 59 29.35 -8.79 -26.81
N LYS A 60 30.48 -8.16 -26.50
CA LYS A 60 31.75 -8.88 -26.42
C LYS A 60 31.70 -9.86 -25.25
N ALA A 61 32.01 -11.12 -25.51
CA ALA A 61 32.01 -12.11 -24.44
C ALA A 61 33.13 -11.84 -23.44
N ARG A 62 32.80 -11.86 -22.15
CA ARG A 62 33.78 -11.68 -21.09
C ARG A 62 34.19 -13.03 -20.51
N LYS A 63 35.42 -13.46 -20.79
CA LYS A 63 35.89 -14.75 -20.31
C LYS A 63 36.05 -14.78 -18.79
N ARG A 64 35.49 -15.81 -18.16
CA ARG A 64 35.57 -15.96 -16.71
C ARG A 64 37.01 -16.10 -16.24
N LYS A 65 37.83 -16.74 -17.07
CA LYS A 65 39.25 -16.93 -16.77
C LYS A 65 40.00 -15.60 -16.68
N ARG A 66 39.53 -14.61 -17.42
CA ARG A 66 40.17 -13.29 -17.49
C ARG A 66 40.18 -12.54 -16.16
N ASP A 67 39.05 -12.56 -15.45
CA ASP A 67 38.93 -11.83 -14.19
C ASP A 67 39.06 -12.74 -12.96
N LYS A 68 39.33 -14.02 -13.20
CA LYS A 68 39.45 -15.00 -12.12
C LYS A 68 40.70 -14.76 -11.27
N GLY A 69 40.49 -14.49 -9.98
CA GLY A 69 41.57 -14.24 -9.05
C GLY A 69 42.41 -13.04 -9.45
N LYS A 70 41.73 -11.95 -9.81
CA LYS A 70 42.42 -10.74 -10.24
C LYS A 70 42.01 -9.53 -9.41
N ASP A 71 42.93 -8.58 -9.24
CA ASP A 71 42.62 -7.34 -8.54
C ASP A 71 41.78 -6.44 -9.42
N VAL A 72 41.17 -5.41 -8.83
CA VAL A 72 40.33 -4.48 -9.58
C VAL A 72 41.11 -3.81 -10.71
N LYS A 73 42.23 -3.17 -10.37
CA LYS A 73 43.03 -2.45 -11.36
C LYS A 73 43.61 -3.39 -12.41
N GLU A 74 43.76 -4.66 -12.06
CA GLU A 74 44.18 -5.68 -13.02
C GLU A 74 42.99 -6.07 -13.90
N SER A 75 41.82 -6.23 -13.28
CA SER A 75 40.60 -6.56 -14.02
C SER A 75 40.13 -5.42 -14.92
N PHE A 76 40.37 -4.19 -14.48
CA PHE A 76 40.06 -3.01 -15.27
C PHE A 76 41.29 -2.13 -15.43
N SER A 77 42.11 -2.45 -16.43
CA SER A 77 43.33 -1.69 -16.69
C SER A 77 43.07 -0.49 -17.59
N THR A 78 42.19 -0.69 -18.57
CA THR A 78 41.86 0.38 -19.51
C THR A 78 40.38 0.71 -19.48
N SER A 79 40.03 1.87 -20.03
CA SER A 79 38.63 2.30 -20.11
C SER A 79 37.78 1.32 -20.92
N GLN A 80 38.42 0.49 -21.74
CA GLN A 80 37.71 -0.49 -22.54
C GLN A 80 37.22 -1.65 -21.69
N ASP A 81 37.82 -1.83 -20.51
CA ASP A 81 37.40 -2.87 -19.58
C ASP A 81 36.13 -2.45 -18.82
N LEU A 82 35.79 -1.18 -18.89
CA LEU A 82 34.64 -0.64 -18.18
C LEU A 82 33.44 -0.40 -19.10
N THR A 83 33.48 -1.05 -20.26
CA THR A 83 32.38 -0.94 -21.22
C THR A 83 31.14 -1.66 -20.71
N ILE A 84 29.98 -1.30 -21.25
CA ILE A 84 28.75 -2.03 -21.00
C ILE A 84 28.52 -2.97 -22.19
N GLY A 85 29.38 -2.83 -23.20
CA GLY A 85 29.32 -3.66 -24.38
C GLY A 85 29.85 -5.07 -24.17
N ASP A 86 29.92 -5.51 -22.92
CA ASP A 86 30.27 -6.91 -22.64
C ASP A 86 29.17 -7.66 -21.87
N THR A 87 29.47 -8.88 -21.47
CA THR A 87 28.49 -9.74 -20.81
C THR A 87 28.52 -9.61 -19.29
N ALA A 88 29.47 -8.85 -18.77
CA ALA A 88 29.57 -8.64 -17.33
C ALA A 88 28.29 -7.99 -16.80
N PRO A 89 27.74 -8.56 -15.71
CA PRO A 89 26.50 -8.13 -15.07
C PRO A 89 26.51 -6.64 -14.75
N VAL A 90 25.36 -5.99 -14.96
CA VAL A 90 25.26 -4.57 -14.71
C VAL A 90 24.34 -4.29 -13.51
N TYR A 91 24.80 -3.41 -12.62
CA TYR A 91 24.03 -3.06 -11.42
C TYR A 91 23.59 -1.60 -11.52
N LEU A 92 22.29 -1.34 -11.40
CA LEU A 92 21.78 0.03 -11.41
C LEU A 92 21.45 0.50 -9.99
N MSE A 93 22.26 1.43 -9.48
CA MSE A 93 22.01 2.03 -8.17
C MSE A 93 21.21 3.31 -8.33
O MSE A 93 21.78 4.35 -8.69
CB MSE A 93 23.32 2.33 -7.45
CG MSE A 93 24.40 1.28 -7.64
SE MSE A 93 23.88 -0.51 -7.07
CE MSE A 93 24.06 -0.25 -5.15
N GLU A 94 19.92 3.26 -8.05
CA GLU A 94 19.06 4.46 -8.13
C GLU A 94 19.03 5.21 -6.80
N TYR A 95 19.47 6.46 -6.83
CA TYR A 95 19.56 7.26 -5.61
C TYR A 95 18.21 7.86 -5.21
N SER A 96 17.83 7.61 -3.96
CA SER A 96 16.57 8.11 -3.42
C SER A 96 16.66 9.61 -3.16
N GLU A 97 17.86 10.07 -2.80
CA GLU A 97 18.09 11.49 -2.62
C GLU A 97 18.24 12.20 -3.97
N GLN A 98 17.65 13.39 -4.07
CA GLN A 98 17.74 14.21 -5.25
C GLN A 98 19.14 14.82 -5.33
N THR A 99 19.75 15.03 -4.17
CA THR A 99 21.08 15.62 -4.08
C THR A 99 21.91 14.88 -3.03
N PRO A 100 22.43 13.70 -3.40
CA PRO A 100 23.26 12.91 -2.49
C PRO A 100 24.55 13.64 -2.13
N VAL A 101 25.22 13.24 -1.05
CA VAL A 101 26.45 13.89 -0.60
C VAL A 101 27.50 13.89 -1.69
N ALA A 102 27.91 12.69 -2.11
CA ALA A 102 28.88 12.53 -3.19
C ALA A 102 28.52 11.34 -4.09
N LEU A 103 28.78 11.46 -5.38
CA LEU A 103 28.64 10.34 -6.30
C LEU A 103 30.01 9.87 -6.76
N SER A 104 30.07 8.77 -7.50
CA SER A 104 31.34 8.29 -7.99
C SER A 104 31.54 8.73 -9.44
N LYS A 105 32.80 8.97 -9.80
CA LYS A 105 33.15 9.30 -11.18
C LYS A 105 33.62 8.03 -11.88
N PHE A 106 33.89 8.14 -13.19
CA PHE A 106 34.24 6.99 -14.01
C PHE A 106 35.38 6.16 -13.44
N GLY A 107 35.20 4.85 -13.39
CA GLY A 107 36.26 3.94 -12.98
C GLY A 107 36.29 3.65 -11.49
N MSE A 108 35.71 4.54 -10.69
CA MSE A 108 35.73 4.38 -9.24
C MSE A 108 34.92 3.15 -8.80
O MSE A 108 33.90 2.81 -9.42
CB MSE A 108 35.22 5.64 -8.54
CG MSE A 108 36.14 6.83 -8.69
SE MSE A 108 35.50 8.41 -7.75
CE MSE A 108 35.56 7.69 -5.95
N ALA A 109 35.37 2.50 -7.74
CA ALA A 109 34.76 1.26 -7.28
C ALA A 109 33.97 1.42 -5.99
N ASN A 110 32.79 0.83 -5.97
CA ASN A 110 32.00 0.72 -4.75
C ASN A 110 31.99 -0.73 -4.30
N LYS A 111 31.94 -0.95 -2.99
CA LYS A 111 31.78 -2.30 -2.48
C LYS A 111 30.34 -2.54 -2.04
N LEU A 112 29.75 -3.63 -2.50
CA LEU A 112 28.42 -4.02 -2.02
C LEU A 112 28.61 -4.94 -0.82
N ILE A 113 28.31 -4.43 0.37
CA ILE A 113 28.57 -5.15 1.60
C ILE A 113 27.28 -5.54 2.32
N ASN A 114 27.08 -6.84 2.51
CA ASN A 114 25.97 -7.31 3.31
C ASN A 114 26.40 -7.51 4.75
N TYR A 115 26.15 -6.53 5.61
CA TYR A 115 26.51 -6.63 7.01
C TYR A 115 25.60 -7.61 7.74
N TYR A 116 26.19 -8.64 8.35
CA TYR A 116 25.45 -9.52 9.23
C TYR A 116 25.98 -9.38 10.65
N ARG A 117 25.08 -9.23 11.61
CA ARG A 117 25.49 -9.19 13.01
C ARG A 117 25.10 -10.48 13.72
N LYS A 118 26.07 -11.06 14.43
CA LYS A 118 25.87 -12.29 15.19
C LYS A 118 24.84 -12.05 16.28
N ALA A 119 23.93 -13.02 16.44
CA ALA A 119 22.90 -12.92 17.47
C ALA A 119 23.54 -13.03 18.85
N ASN A 120 24.51 -13.93 18.95
CA ASN A 120 25.23 -14.19 20.18
C ASN A 120 26.70 -14.43 19.90
N GLU A 121 27.52 -14.46 20.94
CA GLU A 121 28.95 -14.74 20.79
C GLU A 121 29.15 -16.13 20.16
N GLN A 122 28.19 -17.01 20.39
CA GLN A 122 28.26 -18.40 19.93
C GLN A 122 27.77 -18.57 18.48
N ASP A 123 27.41 -17.46 17.83
CA ASP A 123 26.88 -17.50 16.47
C ASP A 123 27.97 -17.88 15.46
N THR A 124 27.74 -18.98 14.73
CA THR A 124 28.69 -19.49 13.75
C THR A 124 28.29 -19.14 12.33
N LEU A 125 27.15 -18.48 12.18
CA LEU A 125 26.56 -18.25 10.86
C LEU A 125 27.30 -17.18 10.04
N ARG A 126 27.37 -17.43 8.74
CA ARG A 126 27.93 -16.47 7.79
C ARG A 126 27.06 -16.49 6.54
N PRO A 127 25.91 -15.79 6.59
CA PRO A 127 24.86 -15.83 5.57
C PRO A 127 25.32 -15.28 4.22
N LYS A 128 24.90 -15.89 3.13
CA LYS A 128 25.26 -15.41 1.80
C LYS A 128 24.03 -15.01 0.99
N LEU A 129 24.01 -13.76 0.56
CA LEU A 129 23.00 -13.31 -0.40
C LEU A 129 23.58 -13.50 -1.80
N PRO A 130 22.71 -13.66 -2.81
CA PRO A 130 23.15 -13.88 -4.20
C PRO A 130 24.19 -12.86 -4.70
N VAL A 131 24.16 -11.64 -4.16
CA VAL A 131 25.12 -10.61 -4.54
C VAL A 131 25.61 -9.82 -3.34
N GLY A 132 26.78 -9.18 -3.49
CA GLY A 132 27.39 -8.45 -2.39
C GLY A 132 28.26 -9.34 -1.52
N GLU A 133 29.13 -8.75 -0.71
CA GLU A 133 29.99 -9.52 0.19
C GLU A 133 29.50 -9.49 1.64
N THR A 134 29.33 -10.67 2.22
CA THR A 134 28.91 -10.78 3.60
C THR A 134 30.03 -10.40 4.57
N HIS A 135 29.77 -9.44 5.44
CA HIS A 135 30.74 -9.01 6.44
CA HIS A 135 30.74 -9.01 6.44
C HIS A 135 30.16 -9.15 7.83
N VAL A 136 30.76 -10.02 8.63
CA VAL A 136 30.27 -10.31 9.98
C VAL A 136 30.60 -9.25 11.02
N LEU A 137 29.59 -8.77 11.73
CA LEU A 137 29.78 -7.83 12.82
C LEU A 137 29.72 -8.54 14.15
N GLY A 138 30.70 -8.27 15.02
CA GLY A 138 30.70 -8.82 16.36
C GLY A 138 29.58 -8.20 17.18
N VAL A 139 29.32 -8.79 18.35
CA VAL A 139 28.24 -8.31 19.21
C VAL A 139 28.56 -6.92 19.77
N GLN A 140 29.83 -6.70 20.12
CA GLN A 140 30.27 -5.42 20.66
C GLN A 140 30.84 -4.50 19.58
N ASP A 141 30.83 -4.97 18.34
CA ASP A 141 31.30 -4.16 17.21
C ASP A 141 30.39 -2.94 17.00
N LYS A 142 30.99 -1.79 16.72
CA LYS A 142 30.22 -0.58 16.46
C LYS A 142 29.49 -0.68 15.13
N SER A 143 28.44 0.10 14.96
CA SER A 143 27.63 0.06 13.74
C SER A 143 28.31 0.77 12.58
N PRO A 144 28.23 0.18 11.39
CA PRO A 144 28.78 0.79 10.17
C PRO A 144 28.09 2.09 9.85
N PHE A 145 26.90 2.29 10.42
CA PHE A 145 26.17 3.53 10.24
C PHE A 145 26.25 4.40 11.49
N TRP A 146 27.24 4.11 12.33
CA TRP A 146 27.46 4.86 13.56
C TRP A 146 26.23 4.86 14.48
N ASN A 147 25.87 6.03 14.99
CA ASN A 147 24.74 6.13 15.91
C ASN A 147 23.44 6.53 15.22
N PHE A 148 23.44 6.52 13.89
CA PHE A 148 22.26 6.91 13.14
C PHE A 148 21.60 5.75 12.40
N GLY A 149 22.22 4.57 12.48
CA GLY A 149 21.67 3.38 11.87
C GLY A 149 22.12 2.15 12.61
N PHE A 150 21.49 1.01 12.34
CA PHE A 150 21.78 -0.20 13.08
C PHE A 150 21.79 -1.46 12.20
N VAL A 151 22.57 -2.44 12.63
CA VAL A 151 22.42 -3.80 12.12
C VAL A 151 22.05 -4.69 13.32
N GLU A 152 20.80 -5.09 13.38
CA GLU A 152 20.27 -5.88 14.49
C GLU A 152 20.93 -7.25 14.51
N PRO A 153 21.02 -7.87 15.70
CA PRO A 153 21.62 -9.21 15.83
C PRO A 153 20.86 -10.25 15.02
N GLY A 154 21.58 -11.02 14.21
CA GLY A 154 20.95 -12.04 13.39
C GLY A 154 20.27 -11.46 12.16
N HIS A 155 20.52 -10.19 11.90
CA HIS A 155 19.93 -9.53 10.74
C HIS A 155 21.00 -9.11 9.73
N ILE A 156 20.61 -9.03 8.47
CA ILE A 156 21.49 -8.58 7.41
C ILE A 156 21.03 -7.21 6.93
N VAL A 157 21.96 -6.26 6.77
CA VAL A 157 21.65 -4.96 6.19
C VAL A 157 22.60 -4.67 5.05
N PRO A 158 22.13 -4.84 3.80
CA PRO A 158 22.96 -4.57 2.62
C PRO A 158 23.34 -3.10 2.53
N THR A 159 24.60 -2.82 2.17
CA THR A 159 25.13 -1.47 2.27
C THR A 159 26.03 -1.10 1.08
N LEU A 160 25.88 0.14 0.60
CA LEU A 160 26.79 0.69 -0.39
C LEU A 160 27.99 1.28 0.35
N TYR A 161 29.17 0.75 0.05
CA TYR A 161 30.39 1.15 0.76
C TYR A 161 31.37 1.85 -0.16
N ASN A 162 31.81 3.05 0.22
CA ASN A 162 32.97 3.69 -0.40
C ASN A 162 33.67 4.66 0.56
N ASN A 163 34.73 5.31 0.08
CA ASN A 163 35.52 6.17 0.96
C ASN A 163 34.87 7.52 1.21
N MSE A 164 33.80 7.80 0.47
CA MSE A 164 33.10 9.07 0.59
C MSE A 164 31.84 8.95 1.43
O MSE A 164 31.64 9.69 2.39
CB MSE A 164 32.73 9.61 -0.81
CG MSE A 164 33.93 9.92 -1.69
SE MSE A 164 33.47 10.44 -3.52
CE MSE A 164 32.58 8.79 -4.09
N ILE A 165 30.99 8.00 1.06
CA ILE A 165 29.72 7.82 1.76
C ILE A 165 29.43 6.37 2.13
N ARG A 166 28.52 6.18 3.06
CA ARG A 166 27.98 4.86 3.34
C ARG A 166 26.46 4.97 3.37
N ALA A 167 25.79 4.07 2.66
CA ALA A 167 24.33 4.14 2.57
C ALA A 167 23.69 2.76 2.45
N PRO A 168 22.53 2.59 3.08
CA PRO A 168 21.79 1.34 2.95
C PRO A 168 21.24 1.21 1.53
N VAL A 169 21.25 0.00 0.97
CA VAL A 169 20.66 -0.20 -0.33
C VAL A 169 19.51 -1.21 -0.24
N PHE A 170 18.63 -1.16 -1.24
CA PHE A 170 17.45 -2.01 -1.24
C PHE A 170 17.19 -2.61 -2.62
N LYS A 171 17.42 -3.91 -2.75
CA LYS A 171 17.27 -4.60 -4.02
C LYS A 171 15.80 -4.70 -4.42
N HIS A 172 15.48 -4.32 -5.65
CA HIS A 172 14.12 -4.48 -6.15
C HIS A 172 14.09 -5.14 -7.52
N ASP A 173 12.90 -5.55 -7.95
CA ASP A 173 12.73 -6.14 -9.27
C ASP A 173 12.65 -5.03 -10.32
N ILE A 174 13.29 -5.25 -11.47
CA ILE A 174 13.18 -4.32 -12.59
C ILE A 174 11.91 -4.65 -13.35
N SER A 175 11.11 -3.64 -13.69
CA SER A 175 9.94 -3.85 -14.53
C SER A 175 10.37 -4.58 -15.79
N GLY A 176 9.61 -5.58 -16.20
CA GLY A 176 9.97 -6.37 -17.36
C GLY A 176 9.97 -5.57 -18.65
N THR A 177 9.55 -4.31 -18.54
CA THR A 177 9.51 -3.39 -19.66
C THR A 177 10.79 -2.59 -19.78
N ASP A 178 11.60 -2.60 -18.73
CA ASP A 178 12.76 -1.72 -18.69
C ASP A 178 14.04 -2.38 -19.22
N PHE A 179 14.78 -1.63 -20.03
CA PHE A 179 16.06 -2.10 -20.56
C PHE A 179 17.07 -0.97 -20.55
N LEU A 180 18.34 -1.31 -20.68
CA LEU A 180 19.40 -0.32 -20.66
C LEU A 180 19.94 -0.10 -22.07
N LEU A 181 19.68 1.09 -22.60
CA LEU A 181 20.18 1.46 -23.93
C LEU A 181 21.46 2.24 -23.76
N THR A 182 22.57 1.67 -24.22
CA THR A 182 23.86 2.35 -24.06
C THR A 182 24.51 2.71 -25.40
N LYS A 183 25.18 3.86 -25.41
CA LYS A 183 25.85 4.37 -26.59
C LYS A 183 27.34 4.40 -26.32
N SER A 184 28.11 3.71 -27.15
CA SER A 184 29.54 3.53 -26.91
C SER A 184 30.40 4.00 -28.09
N SER A 185 31.47 4.73 -27.79
CA SER A 185 32.42 5.19 -28.81
C SER A 185 33.80 5.36 -28.21
N GLY A 186 34.83 5.38 -29.05
CA GLY A 186 36.20 5.44 -28.58
C GLY A 186 36.99 4.20 -28.97
N PHE A 187 38.29 4.21 -28.66
CA PHE A 187 39.22 3.13 -29.03
C PHE A 187 39.26 2.89 -30.54
N GLY A 188 39.37 3.99 -31.29
CA GLY A 188 39.43 3.93 -32.74
C GLY A 188 38.10 3.61 -33.41
N ILE A 189 37.08 3.30 -32.61
CA ILE A 189 35.79 2.91 -33.16
C ILE A 189 34.71 3.99 -32.98
N SER A 190 33.91 4.20 -34.02
CA SER A 190 32.85 5.22 -34.01
C SER A 190 31.59 4.68 -33.36
N ASN A 191 30.76 5.58 -32.84
CA ASN A 191 29.67 5.21 -31.92
C ASN A 191 28.72 4.10 -32.37
N ARG A 192 28.56 3.11 -31.49
CA ARG A 192 27.62 2.00 -31.71
C ARG A 192 26.78 1.80 -30.45
N PHE A 193 25.73 0.98 -30.56
CA PHE A 193 24.75 0.89 -29.48
C PHE A 193 24.54 -0.53 -28.95
N TYR A 194 24.26 -0.62 -27.66
CA TYR A 194 23.96 -1.92 -27.04
C TYR A 194 22.64 -1.85 -26.29
N LEU A 195 21.88 -2.95 -26.32
CA LEU A 195 20.62 -3.04 -25.59
C LEU A 195 20.72 -4.23 -24.64
N ARG A 196 20.69 -3.97 -23.34
CA ARG A 196 20.88 -5.04 -22.37
C ARG A 196 19.74 -5.15 -21.36
N ASN A 197 19.57 -6.35 -20.82
CA ASN A 197 18.74 -6.54 -19.65
C ASN A 197 19.49 -5.97 -18.45
N ILE A 198 18.74 -5.57 -17.43
CA ILE A 198 19.36 -5.11 -16.20
C ILE A 198 19.49 -6.29 -15.26
N ASN A 199 20.71 -6.61 -14.87
CA ASN A 199 20.96 -7.72 -13.97
C ASN A 199 20.42 -7.45 -12.57
N HIS A 200 20.76 -6.28 -12.04
CA HIS A 200 20.38 -5.95 -10.67
C HIS A 200 20.00 -4.49 -10.51
N LEU A 201 18.98 -4.23 -9.69
CA LEU A 201 18.52 -2.88 -9.42
C LEU A 201 18.45 -2.64 -7.92
N PHE A 202 19.10 -1.58 -7.47
CA PHE A 202 19.09 -1.24 -6.05
C PHE A 202 18.59 0.18 -5.88
N THR A 203 17.88 0.43 -4.78
CA THR A 203 17.54 1.79 -4.40
C THR A 203 18.52 2.19 -3.31
N VAL A 204 19.29 3.25 -3.54
CA VAL A 204 20.25 3.69 -2.54
C VAL A 204 19.54 4.55 -1.50
N GLY A 205 19.77 4.25 -0.23
CA GLY A 205 19.17 5.02 0.85
C GLY A 205 19.88 6.34 1.04
N GLN A 206 19.61 7.00 2.17
CA GLN A 206 20.24 8.29 2.47
C GLN A 206 21.75 8.15 2.58
N THR A 207 22.49 9.03 1.92
CA THR A 207 23.95 8.97 1.93
C THR A 207 24.54 9.57 3.20
N PHE A 208 25.27 8.75 3.95
CA PHE A 208 25.95 9.22 5.15
C PHE A 208 27.43 9.43 4.84
N PRO A 209 27.89 10.69 4.98
CA PRO A 209 29.27 11.05 4.64
C PRO A 209 30.29 10.41 5.57
N VAL A 210 31.30 9.75 5.00
CA VAL A 210 32.42 9.24 5.77
C VAL A 210 33.37 10.40 6.05
N GLU A 211 33.49 11.28 5.06
CA GLU A 211 34.41 12.40 5.11
C GLU A 211 33.66 13.67 4.73
N GLU A 212 34.08 14.81 5.28
CA GLU A 212 33.44 16.08 4.97
C GLU A 212 33.53 16.44 3.49
N ILE A 213 32.61 17.27 3.03
CA ILE A 213 32.76 17.93 1.75
C ILE A 213 33.44 19.27 2.02
N PRO A 214 34.54 19.56 1.30
CA PRO A 214 35.37 20.76 1.48
C PRO A 214 34.57 22.04 1.33
N GLY A 215 35.07 23.15 1.87
CA GLY A 215 34.42 24.44 1.68
C GLY A 215 35.04 25.18 0.51
N PRO A 216 34.49 26.36 0.19
CA PRO A 216 34.99 27.16 -0.93
C PRO A 216 36.40 27.67 -0.68
N ASN A 217 36.63 28.20 0.53
CA ASN A 217 37.95 28.70 0.90
C ASN A 217 38.78 27.70 1.69
N SER A 218 38.38 26.44 1.62
CA SER A 218 39.10 25.35 2.28
C SER A 218 40.54 25.24 1.78
N ARG A 219 41.49 25.11 2.70
CA ARG A 219 42.90 24.96 2.34
C ARG A 219 43.12 23.68 1.54
N LYS A 220 42.23 22.71 1.71
CA LYS A 220 42.32 21.44 0.99
C LYS A 220 42.05 21.62 -0.51
N VAL A 221 41.17 22.57 -0.86
CA VAL A 221 40.86 22.85 -2.25
C VAL A 221 41.92 23.74 -2.90
N THR A 222 42.28 24.83 -2.22
CA THR A 222 43.26 25.78 -2.72
C THR A 222 44.62 25.11 -2.97
N SER A 223 44.95 24.11 -2.15
CA SER A 223 46.23 23.43 -2.23
C SER A 223 46.31 22.43 -3.38
N MSE A 224 45.18 22.16 -4.03
CA MSE A 224 45.14 21.24 -5.16
C MSE A 224 45.85 21.83 -6.37
O MSE A 224 46.51 21.11 -7.12
CB MSE A 224 43.70 20.87 -5.52
CG MSE A 224 42.97 20.07 -4.47
SE MSE A 224 41.51 19.06 -5.27
CE MSE A 224 40.61 20.54 -6.16
N LYS A 225 45.69 23.13 -6.56
CA LYS A 225 46.36 23.83 -7.65
C LYS A 225 47.87 23.64 -7.53
N ALA A 226 48.38 23.77 -6.31
CA ALA A 226 49.79 23.57 -6.05
C ALA A 226 50.21 22.12 -6.27
N THR A 227 49.33 21.19 -5.92
CA THR A 227 49.63 19.76 -6.02
C THR A 227 49.66 19.32 -7.49
N ARG A 228 48.79 19.93 -8.28
CA ARG A 228 48.72 19.66 -9.71
C ARG A 228 50.02 20.13 -10.37
N LEU A 229 50.74 21.02 -9.70
CA LEU A 229 52.02 21.51 -10.19
C LEU A 229 53.14 20.54 -9.84
N LYS A 230 53.26 20.19 -8.57
CA LYS A 230 54.20 19.18 -8.06
C LYS A 230 54.21 17.99 -9.02
N MSE A 231 53.02 17.39 -9.14
CA MSE A 231 52.63 16.47 -10.20
C MSE A 231 53.46 16.57 -11.48
O MSE A 231 54.36 15.77 -11.74
CB MSE A 231 51.18 16.78 -10.56
CG MSE A 231 50.26 15.60 -10.66
SE MSE A 231 49.03 15.47 -9.14
CE MSE A 231 47.87 14.08 -9.85
N ILE A 232 53.12 17.58 -12.28
CA ILE A 232 53.72 17.82 -13.59
C ILE A 232 55.25 17.98 -13.52
N ILE A 233 55.71 18.76 -12.55
CA ILE A 233 57.14 18.96 -12.34
C ILE A 233 57.88 17.63 -12.22
N TYR A 234 57.40 16.76 -11.34
CA TYR A 234 58.03 15.46 -11.14
C TYR A 234 58.03 14.65 -12.43
N ARG A 235 56.90 14.66 -13.14
CA ARG A 235 56.79 13.90 -14.38
CA ARG A 235 56.79 13.90 -14.38
C ARG A 235 57.82 14.35 -15.40
N ILE A 236 57.94 15.66 -15.59
CA ILE A 236 58.90 16.25 -16.51
C ILE A 236 60.33 15.89 -16.14
N LEU A 237 60.63 15.94 -14.84
CA LEU A 237 61.93 15.55 -14.33
C LEU A 237 62.23 14.08 -14.57
N ASN A 238 61.29 13.21 -14.20
CA ASN A 238 61.46 11.77 -14.38
C ASN A 238 61.66 11.37 -15.84
N HIS A 239 61.21 12.22 -16.75
CA HIS A 239 61.34 11.96 -18.18
C HIS A 239 62.76 12.28 -18.67
N ASN A 240 63.29 13.43 -18.27
CA ASN A 240 64.60 13.88 -18.72
C ASN A 240 65.75 13.49 -17.78
N HIS A 241 65.39 13.12 -16.54
CA HIS A 241 66.36 12.77 -15.49
C HIS A 241 67.29 13.92 -15.10
N SER A 242 67.11 15.07 -15.75
CA SER A 242 68.06 16.16 -15.68
C SER A 242 68.22 16.78 -14.29
N LYS A 243 67.15 16.72 -13.50
CA LYS A 243 67.08 17.39 -12.19
C LYS A 243 67.18 18.91 -12.32
N ALA A 244 67.31 19.38 -13.55
CA ALA A 244 67.28 20.80 -13.87
C ALA A 244 66.47 20.97 -15.16
N ILE A 245 65.35 21.67 -15.06
CA ILE A 245 64.45 21.83 -16.19
C ILE A 245 64.05 23.28 -16.40
N SER A 246 63.42 23.56 -17.55
CA SER A 246 62.93 24.90 -17.84
C SER A 246 61.48 25.07 -17.37
N ILE A 247 61.09 26.31 -17.07
CA ILE A 247 59.73 26.59 -16.62
C ILE A 247 58.78 26.80 -17.79
N ASP A 248 59.31 26.69 -19.01
CA ASP A 248 58.50 26.86 -20.22
C ASP A 248 57.47 25.75 -20.48
N PRO A 249 57.85 24.47 -20.36
CA PRO A 249 56.85 23.45 -20.64
C PRO A 249 55.81 23.28 -19.54
N ILE A 250 56.05 23.85 -18.35
CA ILE A 250 55.04 23.79 -17.30
C ILE A 250 53.99 24.88 -17.48
N ALA A 251 54.39 26.00 -18.08
CA ALA A 251 53.51 27.15 -18.26
C ALA A 251 52.33 26.85 -19.18
N LYS A 252 52.52 25.94 -20.13
CA LYS A 252 51.47 25.61 -21.08
C LYS A 252 50.33 24.85 -20.41
N HIS A 253 50.59 24.36 -19.19
CA HIS A 253 49.58 23.63 -18.44
C HIS A 253 48.80 24.57 -17.52
N PHE A 254 49.15 25.85 -17.57
CA PHE A 254 48.42 26.85 -16.81
C PHE A 254 48.21 28.09 -17.68
N PRO A 255 47.33 27.97 -18.68
CA PRO A 255 47.12 28.99 -19.72
C PRO A 255 46.63 30.32 -19.17
N ASP A 256 46.03 30.27 -17.98
CA ASP A 256 45.49 31.46 -17.33
C ASP A 256 46.59 32.35 -16.74
N GLN A 257 47.68 31.72 -16.30
CA GLN A 257 48.74 32.42 -15.58
C GLN A 257 49.77 33.08 -16.50
N ASP A 258 50.18 34.30 -16.15
CA ASP A 258 51.21 35.01 -16.91
C ASP A 258 52.61 34.67 -16.37
N TYR A 259 53.63 35.31 -16.94
CA TYR A 259 55.02 34.99 -16.57
C TYR A 259 55.28 35.13 -15.06
N GLY A 260 54.72 36.17 -14.45
CA GLY A 260 54.93 36.40 -13.03
C GLY A 260 54.28 35.34 -12.16
N GLN A 261 53.01 35.07 -12.42
CA GLN A 261 52.27 34.06 -11.67
C GLN A 261 52.89 32.68 -11.83
N ASN A 262 53.21 32.30 -13.07
CA ASN A 262 53.83 31.01 -13.36
C ASN A 262 55.14 30.81 -12.60
N ARG A 263 55.92 31.86 -12.48
CA ARG A 263 57.18 31.82 -11.75
C ARG A 263 56.92 31.67 -10.25
N GLN A 264 56.05 32.52 -9.71
CA GLN A 264 55.73 32.54 -8.28
C GLN A 264 55.29 31.16 -7.77
N LYS A 265 54.41 30.52 -8.53
CA LYS A 265 53.88 29.20 -8.16
C LYS A 265 54.96 28.12 -8.11
N VAL A 266 55.96 28.26 -8.97
CA VAL A 266 57.02 27.25 -9.08
C VAL A 266 57.98 27.28 -7.89
N LYS A 267 58.17 28.47 -7.32
CA LYS A 267 59.09 28.64 -6.20
C LYS A 267 58.61 28.02 -4.89
N GLU A 268 57.45 27.37 -4.92
CA GLU A 268 57.00 26.59 -3.78
C GLU A 268 57.69 25.24 -3.82
N PHE A 269 58.36 24.96 -4.94
CA PHE A 269 59.01 23.69 -5.18
C PHE A 269 60.43 23.85 -5.72
N MSE A 270 60.57 24.64 -6.78
CA MSE A 270 61.86 24.75 -7.46
C MSE A 270 62.58 26.07 -7.14
O MSE A 270 61.95 27.07 -6.82
CB MSE A 270 61.68 24.60 -8.98
CG MSE A 270 60.73 23.48 -9.37
SE MSE A 270 61.14 22.65 -11.07
CE MSE A 270 60.35 23.94 -12.29
N LYS A 271 63.91 26.03 -7.24
CA LYS A 271 64.74 27.22 -7.06
C LYS A 271 65.51 27.50 -8.36
N TYR A 272 65.81 28.78 -8.60
CA TYR A 272 66.39 29.19 -9.88
C TYR A 272 67.92 29.09 -9.89
N GLN A 273 68.46 28.60 -11.01
CA GLN A 273 69.91 28.48 -11.17
C GLN A 273 70.46 29.70 -11.91
N ARG A 274 71.26 30.51 -11.21
CA ARG A 274 71.80 31.74 -11.77
C ARG A 274 73.07 31.53 -12.61
N ASP A 275 74.03 30.78 -12.06
CA ASP A 275 75.31 30.58 -12.74
C ASP A 275 75.73 29.11 -12.80
N GLY A 276 76.12 28.66 -14.00
CA GLY A 276 76.57 27.29 -14.20
C GLY A 276 76.11 26.76 -15.54
N PRO A 277 76.23 25.45 -15.76
CA PRO A 277 75.68 24.83 -16.97
C PRO A 277 74.16 24.75 -16.87
N GLU A 278 73.65 24.80 -15.65
CA GLU A 278 72.22 24.73 -15.37
C GLU A 278 71.57 26.11 -15.28
N LYS A 279 72.33 27.15 -15.61
CA LYS A 279 71.84 28.51 -15.51
C LYS A 279 70.68 28.77 -16.46
N GLY A 280 69.66 29.46 -15.99
CA GLY A 280 68.46 29.70 -16.77
C GLY A 280 67.46 28.58 -16.61
N LEU A 281 67.76 27.66 -15.70
CA LEU A 281 66.89 26.51 -15.46
C LEU A 281 66.53 26.40 -13.98
N TRP A 282 65.63 25.48 -13.65
CA TRP A 282 65.19 25.30 -12.28
C TRP A 282 65.52 23.90 -11.76
N ARG A 283 66.02 23.84 -10.53
CA ARG A 283 66.20 22.58 -9.82
C ARG A 283 65.22 22.62 -8.67
N LEU A 284 64.66 21.48 -8.29
CA LEU A 284 63.78 21.47 -7.13
C LEU A 284 64.60 21.47 -5.85
N LYS A 285 64.13 22.21 -4.85
CA LYS A 285 64.72 22.18 -3.53
C LYS A 285 64.58 20.76 -3.01
N ASP A 286 65.68 20.16 -2.57
CA ASP A 286 65.64 18.77 -2.13
C ASP A 286 64.99 18.62 -0.75
N ASP A 287 64.42 19.72 -0.25
CA ASP A 287 63.49 19.66 0.87
C ASP A 287 62.26 18.89 0.40
N GLU A 288 62.02 18.93 -0.91
CA GLU A 288 61.04 18.08 -1.56
C GLU A 288 61.74 16.90 -2.23
N LYS A 289 61.19 15.70 -2.04
CA LYS A 289 61.78 14.49 -2.64
C LYS A 289 61.01 14.08 -3.89
N LEU A 290 61.75 13.83 -4.97
CA LEU A 290 61.13 13.40 -6.22
C LEU A 290 60.44 12.06 -6.06
N LEU A 291 59.22 11.97 -6.57
CA LEU A 291 58.51 10.69 -6.56
C LEU A 291 58.53 10.10 -7.95
N ASP A 292 58.54 8.77 -8.04
CA ASP A 292 58.42 8.09 -9.32
C ASP A 292 57.04 8.36 -9.89
N ASN A 293 56.90 8.27 -11.21
CA ASN A 293 55.63 8.57 -11.87
C ASN A 293 54.43 7.79 -11.35
N GLU A 294 54.67 6.55 -10.91
CA GLU A 294 53.59 5.68 -10.47
C GLU A 294 53.07 6.06 -9.09
N ALA A 295 53.96 6.61 -8.26
CA ALA A 295 53.56 7.09 -6.94
C ALA A 295 53.12 8.54 -7.00
N VAL A 296 53.35 9.20 -8.13
CA VAL A 296 52.98 10.59 -8.28
C VAL A 296 51.48 10.72 -8.52
N LYS A 297 50.87 9.63 -8.99
CA LYS A 297 49.44 9.58 -9.20
C LYS A 297 48.69 9.63 -7.87
N SER A 298 49.35 9.15 -6.82
CA SER A 298 48.71 9.00 -5.51
C SER A 298 48.53 10.33 -4.80
N LEU A 299 49.13 11.38 -5.36
CA LEU A 299 49.05 12.73 -4.78
C LEU A 299 47.63 13.29 -4.78
N ILE A 300 46.84 12.92 -5.78
CA ILE A 300 45.43 13.29 -5.80
C ILE A 300 44.56 12.06 -6.08
N THR A 301 43.62 11.81 -5.18
CA THR A 301 42.70 10.67 -5.31
C THR A 301 41.47 11.11 -6.10
N PRO A 302 40.81 10.15 -6.78
CA PRO A 302 39.57 10.50 -7.51
C PRO A 302 38.44 10.90 -6.56
N GLU A 303 38.43 10.35 -5.35
CA GLU A 303 37.50 10.78 -4.30
C GLU A 303 37.62 12.27 -4.04
N GLN A 304 38.86 12.75 -3.96
CA GLN A 304 39.14 14.17 -3.73
C GLN A 304 38.48 15.06 -4.78
N ILE A 305 38.63 14.67 -6.05
CA ILE A 305 38.05 15.44 -7.14
C ILE A 305 36.53 15.42 -7.09
N SER A 306 35.97 14.23 -6.88
CA SER A 306 34.53 14.05 -6.81
C SER A 306 33.93 14.84 -5.64
N GLN A 307 34.68 14.93 -4.55
CA GLN A 307 34.25 15.70 -3.39
C GLN A 307 34.21 17.20 -3.70
N VAL A 308 35.12 17.67 -4.54
CA VAL A 308 35.18 19.08 -4.89
C VAL A 308 34.05 19.45 -5.86
N GLU A 309 33.67 18.49 -6.71
CA GLU A 309 32.57 18.72 -7.63
C GLU A 309 31.25 18.82 -6.87
N SER A 310 31.10 17.99 -5.85
CA SER A 310 29.94 18.06 -4.97
C SER A 310 29.90 19.42 -4.29
N MSE A 311 31.08 19.92 -3.94
CA MSE A 311 31.22 21.24 -3.35
C MSE A 311 30.86 22.31 -4.36
O MSE A 311 30.11 23.24 -4.06
CB MSE A 311 32.65 21.45 -2.84
CG MSE A 311 32.87 22.77 -2.16
SE MSE A 311 34.22 23.83 -3.03
CE MSE A 311 33.02 25.03 -4.01
N SER A 312 31.39 22.18 -5.57
CA SER A 312 31.11 23.13 -6.64
C SER A 312 29.63 23.14 -7.04
N GLN A 313 28.96 22.00 -6.82
CA GLN A 313 27.53 21.91 -7.12
C GLN A 313 26.74 22.76 -6.14
N GLY A 314 27.16 22.74 -4.88
CA GLY A 314 26.52 23.55 -3.86
C GLY A 314 26.72 25.02 -4.16
N LEU A 315 27.96 25.35 -4.49
CA LEU A 315 28.32 26.72 -4.86
C LEU A 315 27.50 27.22 -6.04
N GLN A 316 27.37 26.39 -7.08
CA GLN A 316 26.63 26.77 -8.28
C GLN A 316 25.15 26.97 -7.97
N PHE A 317 24.61 26.07 -7.16
CA PHE A 317 23.20 26.12 -6.80
C PHE A 317 22.94 27.28 -5.85
N GLN A 318 23.94 27.64 -5.05
CA GLN A 318 23.85 28.79 -4.17
C GLN A 318 23.67 30.08 -4.97
N GLU A 319 24.50 30.28 -5.99
CA GLU A 319 24.43 31.51 -6.78
C GLU A 319 23.30 31.46 -7.81
N ASP A 320 22.84 30.26 -8.15
CA ASP A 320 21.68 30.11 -9.00
C ASP A 320 20.42 30.52 -8.24
N ASN A 321 20.44 30.28 -6.93
CA ASN A 321 19.34 30.67 -6.07
C ASN A 321 19.34 32.16 -5.76
N GLU A 322 20.50 32.69 -5.37
CA GLU A 322 20.67 34.11 -5.07
C GLU A 322 20.05 35.03 -6.11
N ALA A 323 20.26 34.70 -7.39
CA ALA A 323 19.79 35.53 -8.48
C ALA A 323 18.32 35.31 -8.81
N TYR A 324 17.88 34.04 -8.78
CA TYR A 324 16.58 33.70 -9.34
C TYR A 324 15.50 33.32 -8.33
N ASN A 325 15.87 33.24 -7.06
CA ASN A 325 14.90 32.89 -6.01
C ASN A 325 14.32 34.09 -5.27
N PHE A 326 13.04 34.33 -5.49
CA PHE A 326 12.32 35.42 -4.86
C PHE A 326 11.85 35.05 -3.46
N ASP A 327 11.97 33.76 -3.14
CA ASP A 327 11.50 33.24 -1.87
C ASP A 327 12.57 33.40 -0.80
N SER A 328 12.38 34.39 0.07
CA SER A 328 13.33 34.71 1.13
C SER A 328 13.53 33.54 2.08
N LYS A 329 12.42 32.92 2.47
CA LYS A 329 12.44 31.81 3.40
C LYS A 329 13.12 30.59 2.78
N LEU A 330 12.77 30.29 1.53
CA LEU A 330 13.36 29.15 0.82
C LEU A 330 14.85 29.34 0.55
N LYS A 331 15.23 30.57 0.16
CA LYS A 331 16.63 30.86 -0.14
C LYS A 331 17.49 30.65 1.10
N SER A 332 16.95 31.06 2.24
CA SER A 332 17.66 30.95 3.51
C SER A 332 17.85 29.49 3.92
N LEU A 333 16.88 28.66 3.59
CA LEU A 333 16.95 27.23 3.89
C LEU A 333 18.13 26.58 3.17
N GLU A 334 18.27 26.87 1.88
CA GLU A 334 19.35 26.35 1.07
C GLU A 334 20.72 26.76 1.61
N GLU A 335 20.80 27.99 2.14
CA GLU A 335 22.05 28.49 2.69
C GLU A 335 22.45 27.67 3.91
N ASN A 336 21.45 27.20 4.65
CA ASN A 336 21.68 26.36 5.83
C ASN A 336 21.91 24.89 5.46
N LEU A 337 21.62 24.55 4.21
CA LEU A 337 21.76 23.17 3.74
C LEU A 337 23.01 22.95 2.87
N LEU A 338 23.87 23.95 2.80
CA LEU A 338 25.11 23.86 2.02
C LEU A 338 25.94 22.66 2.50
N PRO A 339 26.40 21.84 1.54
CA PRO A 339 27.03 20.54 1.82
C PRO A 339 28.26 20.62 2.72
N TRP A 340 29.11 21.63 2.56
CA TRP A 340 30.28 21.75 3.41
C TRP A 340 29.91 21.91 4.88
N ASN A 341 28.78 22.57 5.14
CA ASN A 341 28.25 22.71 6.50
C ASN A 341 27.60 21.41 7.00
N ILE A 342 26.52 21.03 6.33
CA ILE A 342 25.76 19.81 6.62
C ILE A 342 26.62 18.58 6.90
N THR A 343 27.48 18.23 5.95
CA THR A 343 28.34 17.07 6.10
C THR A 343 29.23 17.21 7.33
N LYS A 344 29.71 18.43 7.59
CA LYS A 344 30.58 18.69 8.73
C LYS A 344 29.87 18.39 10.05
N ASN A 345 28.65 18.90 10.17
CA ASN A 345 27.87 18.69 11.38
C ASN A 345 27.51 17.23 11.62
N PHE A 346 27.36 16.47 10.53
CA PHE A 346 27.08 15.04 10.64
C PHE A 346 28.28 14.29 11.23
N ILE A 347 29.49 14.69 10.83
CA ILE A 347 30.69 14.04 11.35
C ILE A 347 30.85 14.38 12.84
N ASN A 348 30.44 15.59 13.20
CA ASN A 348 30.46 16.01 14.59
C ASN A 348 29.51 15.17 15.44
N SER A 349 28.27 15.07 14.98
CA SER A 349 27.27 14.25 15.67
C SER A 349 27.67 12.78 15.73
N THR A 350 28.45 12.34 14.76
CA THR A 350 28.95 10.98 14.74
C THR A 350 30.00 10.79 15.84
N GLN A 351 30.68 11.87 16.20
CA GLN A 351 31.69 11.86 17.26
C GLN A 351 31.16 12.45 18.56
N MSE A 352 29.83 12.53 18.66
CA MSE A 352 29.14 13.07 19.84
C MSE A 352 29.54 14.52 20.14
O MSE A 352 29.47 14.96 21.28
CB MSE A 352 29.35 12.18 21.07
CG MSE A 352 29.17 10.68 20.84
SE MSE A 352 27.47 10.15 20.04
CE MSE A 352 26.24 11.09 21.24
N ARG A 353 29.96 15.24 19.10
CA ARG A 353 30.42 16.61 19.24
C ARG A 353 29.29 17.59 18.90
N ALA A 354 28.18 17.06 18.40
CA ALA A 354 27.00 17.87 18.06
C ALA A 354 25.75 17.00 17.89
N MSE A 355 24.63 17.62 17.56
CA MSE A 355 23.38 16.90 17.32
C MSE A 355 22.69 17.42 16.07
O MSE A 355 22.91 18.56 15.65
CB MSE A 355 22.43 17.05 18.51
CG MSE A 355 23.03 16.79 19.87
SE MSE A 355 21.69 16.29 21.20
CE MSE A 355 20.28 17.54 20.71
N ILE A 356 21.84 16.58 15.47
CA ILE A 356 21.07 17.00 14.30
C ILE A 356 19.57 17.00 14.59
N GLN A 357 18.82 17.78 13.80
CA GLN A 357 17.39 17.98 14.03
C GLN A 357 16.54 16.77 13.69
N ILE A 358 17.06 15.90 12.83
CA ILE A 358 16.41 14.65 12.43
C ILE A 358 15.13 14.85 11.62
N HIS A 359 14.39 15.91 11.90
CA HIS A 359 13.09 16.14 11.25
C HIS A 359 12.91 17.61 10.84
N GLY A 360 11.76 17.90 10.22
CA GLY A 360 11.46 19.26 9.81
C GLY A 360 11.94 19.60 8.41
N VAL A 361 12.24 20.88 8.22
CA VAL A 361 12.56 21.42 6.90
C VAL A 361 13.82 20.81 6.25
N GLY A 362 14.80 20.45 7.07
CA GLY A 362 16.05 19.92 6.55
C GLY A 362 15.96 18.51 5.99
N ASP A 363 14.83 17.84 6.20
CA ASP A 363 14.60 16.49 5.70
C ASP A 363 14.46 16.52 4.18
N PRO A 364 15.43 15.91 3.48
CA PRO A 364 15.46 15.88 2.01
C PRO A 364 14.25 15.18 1.39
N THR A 365 13.46 14.47 2.19
CA THR A 365 12.29 13.77 1.67
C THR A 365 11.05 14.66 1.57
N GLY A 366 10.85 15.52 2.56
CA GLY A 366 9.65 16.35 2.58
C GLY A 366 8.56 15.69 3.40
N CYS A 367 8.62 14.37 3.48
CA CYS A 367 7.86 13.63 4.49
C CYS A 367 8.84 13.26 5.59
N GLY A 368 8.47 12.31 6.44
CA GLY A 368 9.33 11.93 7.56
C GLY A 368 10.21 10.75 7.25
N GLU A 369 10.43 10.49 5.96
CA GLU A 369 11.13 9.27 5.57
C GLU A 369 12.66 9.41 5.44
N GLY A 370 13.20 10.53 5.90
CA GLY A 370 14.64 10.73 5.84
C GLY A 370 15.19 11.53 7.02
N PHE A 371 16.52 11.68 7.08
CA PHE A 371 17.15 12.41 8.16
C PHE A 371 17.41 13.87 7.80
N SER A 372 17.20 14.77 8.77
CA SER A 372 17.60 16.16 8.62
C SER A 372 18.95 16.33 9.30
N PHE A 373 19.92 16.89 8.58
CA PHE A 373 21.27 17.01 9.11
C PHE A 373 21.57 18.39 9.68
N LEU A 374 20.58 19.29 9.64
CA LEU A 374 20.71 20.63 10.24
C LEU A 374 21.12 20.51 11.71
N LYS A 375 21.81 21.52 12.21
CA LYS A 375 22.29 21.48 13.60
C LYS A 375 21.25 22.01 14.56
N THR A 376 21.16 21.38 15.74
CA THR A 376 20.28 21.87 16.80
C THR A 376 21.06 21.99 18.11
N SER A 377 20.53 22.78 19.05
CA SER A 377 21.20 23.02 20.33
C SER A 377 21.22 21.78 21.22
N MSE A 378 21.73 21.94 22.43
CA MSE A 378 21.97 20.83 23.35
C MSE A 378 20.94 20.88 24.49
O MSE A 378 20.40 21.94 24.79
CB MSE A 378 23.40 20.90 23.88
CG MSE A 378 24.45 21.28 22.83
SE MSE A 378 24.77 19.96 21.42
CE MSE A 378 25.98 18.76 22.36
N LYS A 379 20.65 19.73 25.12
CA LYS A 379 21.23 18.44 24.79
C LYS A 379 20.20 17.32 24.87
N HIS A 403 22.04 21.31 32.43
CA HIS A 403 21.43 20.41 33.40
C HIS A 403 22.14 19.06 33.46
N SER A 404 21.51 18.09 34.12
CA SER A 404 22.08 16.74 34.23
C SER A 404 21.06 15.65 33.87
N TYR A 405 20.06 15.47 34.72
CA TYR A 405 19.03 14.46 34.47
C TYR A 405 18.13 14.85 33.29
N ASN A 406 18.11 16.14 32.97
CA ASN A 406 17.35 16.63 31.84
C ASN A 406 18.00 16.27 30.50
N VAL A 407 19.34 16.23 30.49
CA VAL A 407 20.06 15.87 29.27
C VAL A 407 19.93 14.38 28.99
N ALA A 408 19.84 13.57 30.05
CA ALA A 408 19.63 12.14 29.89
C ALA A 408 18.23 11.87 29.36
N GLN A 409 17.28 12.72 29.75
CA GLN A 409 15.93 12.64 29.25
C GLN A 409 15.87 13.02 27.77
N GLN A 410 16.53 14.13 27.42
CA GLN A 410 16.59 14.59 26.04
C GLN A 410 17.35 13.60 25.17
N GLN A 411 18.42 13.04 25.72
CA GLN A 411 19.24 12.07 24.98
C GLN A 411 18.41 10.84 24.63
N LYS A 412 17.60 10.37 25.58
CA LYS A 412 16.75 9.22 25.36
C LYS A 412 15.74 9.47 24.24
N ALA A 413 15.12 10.64 24.25
CA ALA A 413 14.18 11.03 23.21
C ALA A 413 14.90 11.21 21.86
N TYR A 414 16.14 11.67 21.91
CA TYR A 414 16.97 11.81 20.72
C TYR A 414 17.27 10.43 20.13
N ASP A 415 17.86 9.56 20.94
CA ASP A 415 18.23 8.21 20.50
C ASP A 415 17.02 7.41 20.03
N GLU A 416 15.84 7.73 20.55
CA GLU A 416 14.62 7.05 20.15
C GLU A 416 14.14 7.57 18.80
N GLU A 417 14.14 8.88 18.65
CA GLU A 417 13.69 9.50 17.40
C GLU A 417 14.58 9.07 16.25
N ILE A 418 15.87 8.90 16.53
CA ILE A 418 16.82 8.39 15.54
C ILE A 418 16.40 7.01 15.06
N ALA A 419 16.30 6.06 15.99
CA ALA A 419 15.94 4.69 15.64
C ALA A 419 14.58 4.66 14.93
N LYS A 420 13.64 5.46 15.44
CA LYS A 420 12.33 5.57 14.84
C LYS A 420 12.46 6.00 13.37
N THR A 421 13.20 7.08 13.14
CA THR A 421 13.39 7.59 11.77
C THR A 421 14.15 6.60 10.88
N TRP A 422 15.15 5.94 11.44
CA TRP A 422 15.93 4.95 10.70
C TRP A 422 15.07 3.82 10.14
N TYR A 423 14.19 3.28 10.97
CA TYR A 423 13.36 2.16 10.54
C TYR A 423 12.25 2.59 9.60
N THR A 424 11.73 3.80 9.80
CA THR A 424 10.78 4.36 8.85
C THR A 424 11.48 4.49 7.49
N HIS A 425 12.71 4.98 7.54
CA HIS A 425 13.51 5.16 6.34
C HIS A 425 13.72 3.86 5.58
N THR A 426 14.16 2.82 6.28
CA THR A 426 14.47 1.55 5.63
C THR A 426 13.22 0.79 5.19
N LYS A 427 12.14 0.94 5.93
CA LYS A 427 10.89 0.31 5.55
C LYS A 427 10.35 0.96 4.29
N SER A 428 10.46 2.29 4.23
CA SER A 428 9.98 3.06 3.09
C SER A 428 10.65 2.65 1.78
N LEU A 429 11.90 2.23 1.86
CA LEU A 429 12.67 1.90 0.67
C LEU A 429 12.66 0.42 0.37
N SER A 430 12.00 -0.34 1.25
CA SER A 430 11.88 -1.79 1.08
C SER A 430 10.57 -2.15 0.39
N ILE A 431 9.83 -1.14 -0.07
CA ILE A 431 8.51 -1.35 -0.66
C ILE A 431 8.56 -1.95 -2.06
N SER A 432 8.03 -3.17 -2.18
CA SER A 432 7.94 -3.88 -3.44
C SER A 432 6.74 -3.41 -4.27
N ASN A 433 5.57 -3.40 -3.64
CA ASN A 433 4.35 -2.95 -4.30
C ASN A 433 3.83 -1.67 -3.69
N PRO A 434 4.04 -0.54 -4.39
CA PRO A 434 3.68 0.81 -3.99
C PRO A 434 2.26 0.94 -3.47
N PHE A 435 1.30 0.53 -4.28
CA PHE A 435 -0.12 0.76 -3.97
C PHE A 435 -0.66 -0.01 -2.78
N GLU A 436 -0.06 -1.16 -2.48
CA GLU A 436 -0.49 -1.96 -1.33
C GLU A 436 0.23 -1.54 -0.05
N GLU A 437 1.51 -1.18 -0.15
CA GLU A 437 2.31 -0.85 1.02
C GLU A 437 2.29 0.63 1.42
N MSE A 438 2.28 1.53 0.44
CA MSE A 438 2.25 2.96 0.75
C MSE A 438 0.86 3.39 1.23
O MSE A 438 -0.14 2.80 0.85
CB MSE A 438 2.64 3.81 -0.48
CG MSE A 438 4.12 3.77 -0.84
SE MSE A 438 4.64 5.23 -2.03
CE MSE A 438 4.25 4.40 -3.71
N THR A 439 0.84 4.43 2.05
CA THR A 439 -0.42 5.01 2.51
C THR A 439 -1.20 5.63 1.36
N ASN A 440 -0.61 6.65 0.74
CA ASN A 440 -1.18 7.24 -0.47
C ASN A 440 -0.07 7.53 -1.47
N PRO A 441 0.18 6.57 -2.38
CA PRO A 441 1.21 6.71 -3.41
C PRO A 441 1.08 8.00 -4.21
N ASP A 442 -0.15 8.45 -4.43
CA ASP A 442 -0.40 9.65 -5.23
C ASP A 442 -0.51 10.92 -4.38
N GLU A 443 -0.16 10.83 -3.10
CA GLU A 443 -0.16 11.98 -2.21
C GLU A 443 0.87 13.00 -2.70
N ILE A 444 0.78 14.22 -2.20
CA ILE A 444 1.72 15.26 -2.58
C ILE A 444 2.42 15.80 -1.33
N ASN A 445 3.74 15.96 -1.43
CA ASN A 445 4.59 16.49 -0.36
C ASN A 445 4.04 17.77 0.21
N GLN A 446 4.48 18.13 1.42
CA GLN A 446 4.16 19.43 1.98
C GLN A 446 4.69 20.53 1.07
N THR A 447 6.00 20.52 0.86
CA THR A 447 6.69 21.51 0.04
C THR A 447 6.30 21.49 -1.44
N ASN A 448 5.71 20.38 -1.90
CA ASN A 448 5.23 20.30 -3.27
C ASN A 448 3.74 20.62 -3.40
N LYS A 449 3.05 20.71 -2.27
CA LYS A 449 1.62 21.00 -2.26
C LYS A 449 1.38 22.50 -2.22
N HIS A 450 2.12 23.17 -1.34
CA HIS A 450 1.97 24.61 -1.16
C HIS A 450 3.28 25.30 -1.51
N VAL A 451 3.30 25.99 -2.65
CA VAL A 451 4.48 26.74 -3.08
C VAL A 451 4.16 28.23 -3.19
N LYS A 452 5.13 29.07 -2.84
CA LYS A 452 4.98 30.52 -2.96
C LYS A 452 5.30 30.93 -4.38
N THR A 453 4.32 31.47 -5.08
CA THR A 453 4.48 31.85 -6.49
C THR A 453 4.55 33.36 -6.69
N ASP A 454 4.56 34.11 -5.59
CA ASP A 454 4.51 35.57 -5.66
C ASP A 454 5.62 36.21 -4.85
N ARG A 455 5.92 37.47 -5.14
CA ARG A 455 6.91 38.22 -4.39
C ARG A 455 6.34 38.56 -3.01
N ASP A 456 7.18 39.14 -2.15
CA ASP A 456 6.73 39.63 -0.86
C ASP A 456 5.89 40.88 -1.08
N ASP A 457 6.28 41.66 -2.09
CA ASP A 457 5.58 42.89 -2.43
C ASP A 457 4.31 42.64 -3.24
N LYS A 458 4.19 41.42 -3.77
CA LYS A 458 3.12 41.07 -4.71
C LYS A 458 3.11 42.01 -5.92
N LYS A 459 4.29 42.57 -6.20
CA LYS A 459 4.44 43.51 -7.30
C LYS A 459 4.84 42.80 -8.57
N ILE A 460 4.94 43.54 -9.67
CA ILE A 460 5.44 42.98 -10.92
C ILE A 460 6.47 43.92 -11.52
N LEU A 461 6.94 43.60 -12.73
CA LEU A 461 7.97 44.40 -13.37
C LEU A 461 7.44 45.12 -14.60
N LYS A 462 7.50 46.46 -14.57
CA LYS A 462 7.09 47.28 -15.70
C LYS A 462 8.32 47.89 -16.35
N ILE A 463 8.55 47.53 -17.62
CA ILE A 463 9.68 48.07 -18.36
C ILE A 463 9.19 48.92 -19.53
N VAL A 464 9.74 50.12 -19.64
CA VAL A 464 9.40 51.02 -20.75
C VAL A 464 10.63 51.19 -21.64
N ARG A 465 10.48 50.87 -22.92
CA ARG A 465 11.61 50.89 -23.85
C ARG A 465 11.41 51.85 -25.01
N LYS A 466 12.40 52.71 -25.23
CA LYS A 466 12.41 53.62 -26.37
C LYS A 466 13.52 53.22 -27.34
N LYS A 467 13.15 52.72 -28.50
CA LYS A 467 14.13 52.29 -29.49
C LYS A 467 13.91 53.00 -30.82
N ARG A 468 14.86 53.86 -31.19
CA ARG A 468 14.83 54.54 -32.47
C ARG A 468 15.05 53.52 -33.58
N ASP A 469 14.04 53.36 -34.44
CA ASP A 469 14.06 52.30 -35.44
C ASP A 469 13.26 52.66 -36.70
N GLU A 470 12.95 51.63 -37.48
CA GLU A 470 12.13 51.76 -38.69
C GLU A 470 12.72 52.69 -39.75
N ASN A 471 13.96 53.13 -39.54
CA ASN A 471 14.54 54.23 -40.31
C ASN A 471 13.59 55.43 -40.27
N GLY A 472 13.18 55.80 -39.07
CA GLY A 472 12.20 56.86 -38.88
C GLY A 472 11.90 57.11 -37.40
N ILE A 473 10.61 57.14 -37.07
CA ILE A 473 10.15 57.55 -35.74
C ILE A 473 10.66 56.67 -34.59
N ILE A 474 10.85 57.30 -33.43
CA ILE A 474 11.20 56.60 -32.20
C ILE A 474 10.02 55.78 -31.73
N GLN A 475 10.19 54.46 -31.58
CA GLN A 475 9.11 53.61 -31.10
C GLN A 475 9.21 53.35 -29.61
N ARG A 476 8.06 53.26 -28.95
CA ARG A 476 8.00 52.99 -27.52
C ARG A 476 7.20 51.73 -27.24
N GLN A 477 7.78 50.82 -26.46
CA GLN A 477 7.06 49.65 -26.01
C GLN A 477 6.98 49.63 -24.49
N THR A 478 5.88 49.13 -23.97
CA THR A 478 5.73 48.94 -22.53
C THR A 478 5.54 47.45 -22.24
N ILE A 479 6.43 46.89 -21.42
CA ILE A 479 6.39 45.45 -21.15
C ILE A 479 6.19 45.14 -19.67
N PHE A 480 5.36 44.13 -19.40
CA PHE A 480 5.12 43.67 -18.04
C PHE A 480 5.69 42.26 -17.84
N ILE A 481 6.44 42.08 -16.76
CA ILE A 481 7.01 40.77 -16.44
C ILE A 481 6.38 40.25 -15.14
N ARG A 482 5.58 39.20 -15.26
CA ARG A 482 4.84 38.66 -14.12
C ARG A 482 5.60 37.54 -13.41
N ASP A 483 6.67 37.05 -14.03
CA ASP A 483 7.46 35.95 -13.47
C ASP A 483 8.46 36.47 -12.43
N PRO A 484 8.19 36.18 -11.15
CA PRO A 484 9.03 36.66 -10.04
C PRO A 484 10.46 36.13 -10.11
N ARG A 485 10.65 34.98 -10.77
CA ARG A 485 11.98 34.42 -10.93
C ARG A 485 12.79 35.27 -11.91
N VAL A 486 12.16 35.67 -13.00
CA VAL A 486 12.80 36.57 -13.96
C VAL A 486 13.04 37.94 -13.34
N ILE A 487 11.99 38.48 -12.72
CA ILE A 487 12.07 39.77 -12.05
C ILE A 487 13.26 39.87 -11.12
N GLN A 488 13.49 38.83 -10.33
CA GLN A 488 14.58 38.80 -9.37
CA GLN A 488 14.59 38.82 -9.38
C GLN A 488 15.93 38.84 -10.10
N GLY A 489 16.02 38.10 -11.21
CA GLY A 489 17.24 38.04 -11.99
C GLY A 489 17.53 39.36 -12.68
N TYR A 490 16.50 39.93 -13.30
CA TYR A 490 16.61 41.21 -14.00
C TYR A 490 17.14 42.31 -13.08
N ILE A 491 16.54 42.45 -11.91
CA ILE A 491 16.95 43.48 -10.96
C ILE A 491 18.39 43.28 -10.49
N LYS A 492 18.73 42.07 -10.07
CA LYS A 492 20.05 41.76 -9.51
C LYS A 492 21.21 42.17 -10.42
N ILE A 493 21.04 41.90 -11.72
CA ILE A 493 22.02 42.35 -12.70
C ILE A 493 22.02 43.87 -12.74
N LYS A 494 20.87 44.46 -13.06
CA LYS A 494 20.69 45.91 -13.05
C LYS A 494 21.24 46.57 -11.80
N GLU A 495 20.96 45.97 -10.64
CA GLU A 495 21.45 46.47 -9.36
C GLU A 495 22.97 46.58 -9.35
N GLN A 496 23.65 45.47 -9.60
CA GLN A 496 25.11 45.46 -9.67
C GLN A 496 25.61 46.24 -10.88
N ASP A 497 24.85 46.19 -11.98
CA ASP A 497 25.19 46.92 -13.20
C ASP A 497 25.09 48.43 -12.98
N LYS A 498 24.14 48.85 -12.14
CA LYS A 498 23.95 50.27 -11.83
C LYS A 498 25.19 50.86 -11.16
N GLU A 499 26.06 49.98 -10.68
CA GLU A 499 27.35 50.40 -10.16
C GLU A 499 28.43 50.31 -11.25
N ASP A 500 28.91 51.47 -11.67
CA ASP A 500 30.10 51.61 -12.50
C ASP A 500 31.08 52.41 -11.66
N VAL A 501 30.67 52.64 -10.42
CA VAL A 501 31.36 53.52 -9.48
C VAL A 501 32.68 52.95 -8.98
N ASN A 502 33.33 53.71 -8.07
CA ASN A 502 34.63 53.35 -7.52
C ASN A 502 35.72 53.23 -8.57
N ASN B 10 -37.24 -5.21 30.68
CA ASN B 10 -38.34 -4.28 30.84
C ASN B 10 -38.63 -3.50 29.56
N LEU B 11 -37.57 -2.98 28.95
CA LEU B 11 -37.63 -2.29 27.66
C LEU B 11 -38.40 -0.95 27.68
N ASN B 12 -38.92 -0.57 28.85
CA ASN B 12 -39.58 0.72 28.97
C ASN B 12 -38.56 1.78 29.39
N ILE B 13 -38.34 2.76 28.53
CA ILE B 13 -37.35 3.80 28.78
C ILE B 13 -37.78 4.74 29.91
N GLN B 14 -36.93 4.86 30.93
CA GLN B 14 -37.14 5.84 32.00
C GLN B 14 -35.95 6.79 32.07
N HIS B 15 -36.24 8.08 32.15
CA HIS B 15 -35.18 9.09 32.17
C HIS B 15 -34.85 9.56 33.58
N SER B 16 -33.70 10.18 33.72
CA SER B 16 -33.33 10.88 34.95
C SER B 16 -34.30 12.04 35.12
N GLN B 17 -34.52 12.46 36.37
CA GLN B 17 -35.44 13.57 36.65
C GLN B 17 -35.19 14.86 35.84
N PRO B 18 -33.92 15.33 35.77
CA PRO B 18 -33.69 16.58 35.02
C PRO B 18 -34.14 16.52 33.56
N ALA B 19 -33.98 15.36 32.93
CA ALA B 19 -34.44 15.18 31.57
C ALA B 19 -35.97 15.24 31.49
N ILE B 20 -36.62 14.66 32.50
CA ILE B 20 -38.08 14.66 32.59
C ILE B 20 -38.59 16.07 32.88
N ASN B 21 -37.90 16.77 33.77
CA ASN B 21 -38.27 18.12 34.16
C ASN B 21 -38.04 19.13 33.04
N LEU B 22 -37.35 18.68 31.99
CA LEU B 22 -36.91 19.54 30.90
C LEU B 22 -36.08 20.70 31.43
N GLN B 23 -35.22 20.38 32.40
CA GLN B 23 -34.36 21.33 33.09
C GLN B 23 -33.52 22.20 32.15
N SER B 24 -33.69 23.51 32.26
CA SER B 24 -32.84 24.47 31.56
C SER B 24 -31.53 24.55 32.34
N PRO B 25 -30.42 24.90 31.66
CA PRO B 25 -30.25 25.34 30.27
C PRO B 25 -30.19 24.20 29.25
N PHE B 26 -30.22 22.96 29.74
CA PHE B 26 -30.10 21.78 28.88
C PHE B 26 -31.18 21.67 27.81
N TYR B 27 -32.35 22.23 28.09
CA TYR B 27 -33.47 22.17 27.15
C TYR B 27 -34.04 23.55 26.88
N LYS B 28 -34.07 23.94 25.61
CA LYS B 28 -34.60 25.25 25.20
C LYS B 28 -35.56 25.11 24.03
N VAL B 29 -36.46 26.06 23.88
CA VAL B 29 -37.43 26.03 22.79
C VAL B 29 -36.75 26.30 21.46
N ALA B 30 -35.59 26.93 21.53
CA ALA B 30 -34.78 27.21 20.36
C ALA B 30 -33.34 27.38 20.81
N VAL B 31 -32.41 27.08 19.91
CA VAL B 31 -30.99 27.19 20.21
C VAL B 31 -30.32 28.14 19.22
N PRO B 32 -29.25 28.82 19.66
CA PRO B 32 -28.49 29.71 18.78
C PRO B 32 -28.06 29.03 17.49
N ARG B 33 -28.06 29.77 16.38
CA ARG B 33 -27.77 29.20 15.06
C ARG B 33 -26.43 28.47 15.02
N TYR B 34 -25.53 28.81 15.93
CA TYR B 34 -24.25 28.13 16.04
C TYR B 34 -24.43 26.64 16.33
N GLN B 35 -25.28 26.34 17.31
CA GLN B 35 -25.44 24.96 17.78
C GLN B 35 -26.21 24.06 16.82
N LEU B 36 -26.83 24.65 15.80
CA LEU B 36 -27.46 23.88 14.73
C LEU B 36 -26.44 23.68 13.61
N ARG B 37 -25.51 24.63 13.51
CA ARG B 37 -24.44 24.56 12.53
C ARG B 37 -23.40 23.55 12.98
N HIS B 38 -23.00 23.67 14.25
CA HIS B 38 -22.15 22.68 14.87
C HIS B 38 -23.01 21.82 15.80
N PHE B 39 -23.61 20.78 15.25
CA PHE B 39 -24.61 19.99 15.97
C PHE B 39 -23.98 18.99 16.96
N HIS B 40 -24.21 19.23 18.25
CA HIS B 40 -23.60 18.47 19.34
C HIS B 40 -22.06 18.56 19.34
N ARG B 41 -21.53 19.37 18.44
CA ARG B 41 -20.10 19.61 18.39
CA ARG B 41 -20.10 19.62 18.36
C ARG B 41 -19.79 20.97 18.98
N GLU B 42 -19.26 20.97 20.19
CA GLU B 42 -18.98 22.22 20.92
C GLU B 42 -17.48 22.46 21.04
N ASN B 43 -17.05 23.68 20.72
CA ASN B 43 -15.64 24.03 20.83
C ASN B 43 -15.21 24.24 22.29
N PHE B 44 -14.28 23.41 22.74
CA PHE B 44 -13.87 23.40 24.13
C PHE B 44 -12.89 24.52 24.43
N GLY B 45 -12.02 24.83 23.47
CA GLY B 45 -10.99 25.83 23.67
C GLY B 45 -11.53 27.24 23.76
N SER B 46 -12.69 27.48 23.15
CA SER B 46 -13.29 28.81 23.16
C SER B 46 -13.83 29.17 24.53
N HIS B 47 -14.12 28.16 25.35
CA HIS B 47 -14.72 28.39 26.66
C HIS B 47 -13.70 28.32 27.81
N ILE B 48 -12.42 28.29 27.47
CA ILE B 48 -11.38 28.31 28.50
C ILE B 48 -10.40 29.48 28.32
N ARG B 49 -10.18 30.23 29.39
CA ARG B 49 -9.32 31.41 29.35
C ARG B 49 -7.85 31.03 29.18
N PRO B 50 -7.22 31.54 28.12
CA PRO B 50 -5.79 31.31 27.88
C PRO B 50 -4.97 31.67 29.11
N GLY B 51 -4.00 30.83 29.45
CA GLY B 51 -3.19 31.03 30.63
C GLY B 51 -3.67 30.17 31.77
N THR B 52 -4.85 29.59 31.62
CA THR B 52 -5.43 28.74 32.67
C THR B 52 -4.55 27.54 32.95
N LYS B 53 -4.23 27.31 34.21
CA LYS B 53 -3.55 26.09 34.62
C LYS B 53 -4.59 25.11 35.12
N ILE B 54 -4.56 23.89 34.57
CA ILE B 54 -5.55 22.88 34.93
C ILE B 54 -4.97 21.83 35.87
N VAL B 55 -5.42 21.85 37.12
CA VAL B 55 -5.09 20.79 38.07
C VAL B 55 -6.20 19.74 38.04
N PHE B 56 -5.98 18.58 38.64
CA PHE B 56 -6.98 17.52 38.62
C PHE B 56 -7.51 17.14 39.99
N SER B 57 -8.83 17.30 40.17
CA SER B 57 -9.51 17.02 41.43
C SER B 57 -9.74 15.52 41.59
N LYS B 58 -9.73 15.05 42.83
CA LYS B 58 -9.98 13.63 43.12
C LYS B 58 -11.45 13.28 42.87
N LEU B 59 -11.70 12.01 42.56
CA LEU B 59 -13.05 11.55 42.22
C LEU B 59 -13.90 11.20 43.44
N LYS B 60 -15.15 11.66 43.43
CA LYS B 60 -16.08 11.38 44.52
C LYS B 60 -16.80 10.05 44.30
N ALA B 61 -16.31 8.99 44.94
CA ALA B 61 -16.94 7.67 44.81
C ALA B 61 -18.40 7.67 45.25
N ARG B 62 -19.15 6.67 44.79
CA ARG B 62 -20.52 6.45 45.25
C ARG B 62 -20.79 4.97 45.48
N LYS B 63 -21.13 4.60 46.71
CA LYS B 63 -21.32 3.20 47.08
C LYS B 63 -22.61 2.62 46.50
N ARG B 64 -22.72 1.30 46.51
CA ARG B 64 -23.86 0.61 45.93
C ARG B 64 -25.19 0.97 46.61
N LYS B 65 -25.15 1.16 47.92
CA LYS B 65 -26.35 1.49 48.70
C LYS B 65 -27.04 2.77 48.20
N ARG B 66 -26.26 3.65 47.58
CA ARG B 66 -26.80 4.86 46.99
C ARG B 66 -27.66 4.54 45.78
N ASP B 67 -27.33 3.44 45.10
CA ASP B 67 -27.92 3.12 43.80
C ASP B 67 -28.77 1.86 43.76
N LYS B 68 -28.21 0.74 44.21
CA LYS B 68 -28.83 -0.57 44.01
C LYS B 68 -30.27 -0.69 44.52
N GLY B 69 -31.11 -1.34 43.73
CA GLY B 69 -32.52 -1.51 44.05
C GLY B 69 -33.38 -0.35 43.61
N LYS B 70 -32.76 0.78 43.32
CA LYS B 70 -33.48 1.98 42.92
C LYS B 70 -33.71 2.03 41.40
N ASP B 71 -34.49 3.01 40.95
CA ASP B 71 -34.75 3.18 39.53
C ASP B 71 -33.94 4.35 38.98
N VAL B 72 -33.99 4.55 37.66
CA VAL B 72 -33.22 5.60 37.01
C VAL B 72 -33.58 6.99 37.54
N LYS B 73 -34.87 7.31 37.51
CA LYS B 73 -35.34 8.60 38.03
C LYS B 73 -35.05 8.71 39.52
N GLU B 74 -34.94 7.56 40.19
CA GLU B 74 -34.53 7.52 41.58
C GLU B 74 -33.02 7.75 41.70
N SER B 75 -32.25 6.98 40.95
CA SER B 75 -30.78 7.03 41.03
C SER B 75 -30.21 8.35 40.51
N PHE B 76 -30.96 9.01 39.63
CA PHE B 76 -30.56 10.32 39.12
C PHE B 76 -31.70 11.33 39.26
N SER B 77 -31.70 12.06 40.37
CA SER B 77 -32.71 13.08 40.64
C SER B 77 -32.11 14.47 40.45
N THR B 78 -30.78 14.52 40.38
CA THR B 78 -30.06 15.77 40.31
C THR B 78 -28.84 15.69 39.39
N SER B 79 -28.34 16.86 38.98
CA SER B 79 -27.16 16.94 38.13
C SER B 79 -25.95 16.27 38.77
N GLN B 80 -25.80 16.43 40.07
CA GLN B 80 -24.67 15.82 40.80
C GLN B 80 -24.68 14.29 40.69
N ASP B 81 -25.84 13.73 40.37
CA ASP B 81 -25.95 12.30 40.14
C ASP B 81 -25.45 11.95 38.74
N LEU B 82 -25.40 12.97 37.87
CA LEU B 82 -24.99 12.80 36.48
C LEU B 82 -23.55 13.26 36.23
N THR B 83 -22.84 13.62 37.29
CA THR B 83 -21.46 14.08 37.15
C THR B 83 -20.54 12.96 36.70
N ILE B 84 -19.42 13.34 36.08
CA ILE B 84 -18.39 12.39 35.72
C ILE B 84 -17.41 12.32 36.89
N GLY B 85 -17.59 13.22 37.84
CA GLY B 85 -16.74 13.29 39.02
C GLY B 85 -16.88 12.14 40.00
N ASP B 86 -17.53 11.06 39.59
CA ASP B 86 -17.65 9.88 40.43
C ASP B 86 -16.96 8.66 39.83
N THR B 87 -17.05 7.53 40.53
CA THR B 87 -16.41 6.30 40.08
C THR B 87 -17.35 5.40 39.29
N ALA B 88 -18.55 5.90 39.00
CA ALA B 88 -19.50 5.19 38.16
C ALA B 88 -18.92 5.07 36.76
N PRO B 89 -18.87 3.84 36.23
CA PRO B 89 -18.26 3.56 34.92
C PRO B 89 -18.79 4.45 33.80
N VAL B 90 -17.96 4.71 32.80
CA VAL B 90 -18.32 5.60 31.71
C VAL B 90 -18.34 4.85 30.36
N TYR B 91 -19.40 5.04 29.60
CA TYR B 91 -19.56 4.38 28.31
C TYR B 91 -19.53 5.41 27.18
N LEU B 92 -18.50 5.34 26.33
CA LEU B 92 -18.41 6.22 25.18
C LEU B 92 -19.03 5.58 23.93
N MSE B 93 -20.10 6.20 23.42
CA MSE B 93 -20.74 5.72 22.19
C MSE B 93 -20.32 6.61 21.01
O MSE B 93 -20.87 7.71 20.85
CB MSE B 93 -22.25 5.76 22.31
CG MSE B 93 -22.81 5.32 23.66
SE MSE B 93 -22.29 3.51 24.18
CE MSE B 93 -23.63 2.52 23.20
N GLU B 94 -19.37 6.15 20.20
CA GLU B 94 -18.94 6.93 19.03
C GLU B 94 -19.77 6.58 17.80
N TYR B 95 -20.38 7.60 17.20
CA TYR B 95 -21.26 7.37 16.05
C TYR B 95 -20.49 7.25 14.74
N SER B 96 -20.78 6.20 13.99
CA SER B 96 -20.17 5.97 12.69
C SER B 96 -20.70 6.95 11.66
N GLU B 97 -21.91 7.45 11.88
CA GLU B 97 -22.54 8.39 10.96
C GLU B 97 -22.12 9.83 11.28
N GLN B 98 -21.90 10.62 10.24
CA GLN B 98 -21.57 12.03 10.42
C GLN B 98 -22.80 12.75 10.97
N THR B 99 -23.97 12.35 10.48
CA THR B 99 -25.23 12.95 10.91
C THR B 99 -26.26 11.88 11.29
N PRO B 100 -26.18 11.39 12.55
CA PRO B 100 -27.15 10.41 13.07
C PRO B 100 -28.57 10.95 13.02
N VAL B 101 -29.57 10.07 12.97
CA VAL B 101 -30.97 10.50 12.89
C VAL B 101 -31.33 11.42 14.04
N ALA B 102 -30.96 11.02 15.25
CA ALA B 102 -31.19 11.82 16.45
C ALA B 102 -30.20 11.45 17.55
N LEU B 103 -29.90 12.41 18.42
CA LEU B 103 -29.02 12.15 19.56
C LEU B 103 -29.73 12.45 20.87
N SER B 104 -29.34 11.78 21.94
CA SER B 104 -29.93 12.04 23.25
C SER B 104 -29.45 13.39 23.79
N LYS B 105 -30.24 13.98 24.69
CA LYS B 105 -29.85 15.21 25.34
C LYS B 105 -29.50 14.93 26.80
N PHE B 106 -29.17 15.97 27.55
CA PHE B 106 -28.70 15.81 28.93
C PHE B 106 -29.70 15.05 29.81
N GLY B 107 -29.20 14.03 30.51
CA GLY B 107 -30.02 13.28 31.44
C GLY B 107 -30.85 12.18 30.82
N MSE B 108 -31.11 12.29 29.52
CA MSE B 108 -31.87 11.25 28.81
C MSE B 108 -31.14 9.90 28.86
O MSE B 108 -29.92 9.84 28.89
CB MSE B 108 -32.11 11.64 27.37
CG MSE B 108 -33.04 12.81 27.19
SE MSE B 108 -33.46 13.01 25.31
CE MSE B 108 -34.12 11.21 25.01
N ALA B 109 -31.91 8.82 28.87
CA ALA B 109 -31.34 7.50 29.03
C ALA B 109 -31.32 6.68 27.75
N ASN B 110 -30.52 5.63 27.77
CA ASN B 110 -30.40 4.69 26.67
C ASN B 110 -30.36 3.30 27.26
N LYS B 111 -30.82 2.31 26.51
CA LYS B 111 -30.70 0.94 26.99
C LYS B 111 -29.72 0.15 26.13
N LEU B 112 -28.70 -0.41 26.78
CA LEU B 112 -27.79 -1.30 26.10
C LEU B 112 -28.39 -2.70 26.17
N ILE B 113 -28.91 -3.16 25.05
CA ILE B 113 -29.64 -4.42 24.98
C ILE B 113 -28.85 -5.44 24.18
N ASN B 114 -28.72 -6.65 24.73
CA ASN B 114 -28.14 -7.74 23.96
C ASN B 114 -29.25 -8.67 23.48
N TYR B 115 -29.66 -8.54 22.23
CA TYR B 115 -30.69 -9.41 21.69
C TYR B 115 -30.14 -10.81 21.45
N TYR B 116 -30.88 -11.81 21.93
CA TYR B 116 -30.58 -13.20 21.62
C TYR B 116 -31.84 -13.86 21.06
N ARG B 117 -31.68 -14.61 19.97
CA ARG B 117 -32.80 -15.30 19.35
C ARG B 117 -32.66 -16.82 19.49
N LYS B 118 -33.68 -17.44 20.07
CA LYS B 118 -33.69 -18.87 20.34
C LYS B 118 -33.47 -19.68 19.07
N ALA B 119 -32.61 -20.69 19.17
CA ALA B 119 -32.30 -21.57 18.04
C ALA B 119 -33.51 -22.43 17.71
N ASN B 120 -34.35 -22.65 18.71
CA ASN B 120 -35.60 -23.38 18.57
C ASN B 120 -36.53 -23.05 19.73
N GLU B 121 -37.75 -23.59 19.70
CA GLU B 121 -38.71 -23.35 20.78
C GLU B 121 -38.21 -23.94 22.10
N GLN B 122 -37.42 -25.00 21.99
CA GLN B 122 -36.88 -25.68 23.16
C GLN B 122 -35.79 -24.88 23.86
N ASP B 123 -35.15 -23.98 23.12
CA ASP B 123 -33.99 -23.23 23.64
C ASP B 123 -34.32 -22.48 24.93
N THR B 124 -33.59 -22.82 25.99
CA THR B 124 -33.78 -22.24 27.31
C THR B 124 -32.64 -21.26 27.63
N LEU B 125 -31.66 -21.20 26.73
CA LEU B 125 -30.48 -20.38 26.94
C LEU B 125 -30.83 -18.91 27.13
N ARG B 126 -30.17 -18.26 28.08
CA ARG B 126 -30.41 -16.84 28.34
C ARG B 126 -29.10 -16.14 28.65
N PRO B 127 -28.27 -15.93 27.61
CA PRO B 127 -26.88 -15.47 27.71
C PRO B 127 -26.68 -14.24 28.60
N LYS B 128 -25.50 -14.10 29.18
CA LYS B 128 -25.15 -12.90 29.92
C LYS B 128 -23.83 -12.34 29.39
N LEU B 129 -23.78 -11.03 29.20
CA LEU B 129 -22.55 -10.39 28.73
C LEU B 129 -22.05 -9.41 29.81
N PRO B 130 -20.74 -9.16 29.84
CA PRO B 130 -20.10 -8.24 30.80
C PRO B 130 -20.86 -6.95 30.98
N VAL B 131 -21.41 -6.39 29.90
CA VAL B 131 -22.25 -5.20 30.00
C VAL B 131 -23.51 -5.35 29.16
N GLY B 132 -24.56 -4.62 29.53
CA GLY B 132 -25.82 -4.64 28.81
C GLY B 132 -26.85 -5.64 29.32
N GLU B 133 -28.12 -5.36 29.06
CA GLU B 133 -29.21 -6.24 29.47
C GLU B 133 -29.58 -7.18 28.33
N THR B 134 -29.53 -8.47 28.60
CA THR B 134 -29.89 -9.47 27.60
C THR B 134 -31.40 -9.49 27.38
N HIS B 135 -31.84 -9.67 26.15
CA HIS B 135 -33.25 -9.78 25.83
CA HIS B 135 -33.25 -9.79 25.84
C HIS B 135 -33.48 -10.90 24.82
N VAL B 136 -34.38 -11.82 25.15
CA VAL B 136 -34.57 -13.00 24.31
C VAL B 136 -35.71 -12.84 23.31
N LEU B 137 -35.44 -13.20 22.06
CA LEU B 137 -36.45 -13.15 21.01
C LEU B 137 -36.99 -14.54 20.76
N GLY B 138 -38.32 -14.67 20.72
CA GLY B 138 -38.95 -15.93 20.36
C GLY B 138 -38.59 -16.28 18.93
N VAL B 139 -38.71 -17.56 18.57
CA VAL B 139 -38.37 -18.00 17.22
C VAL B 139 -39.28 -17.30 16.20
N GLN B 140 -40.51 -17.03 16.62
CA GLN B 140 -41.49 -16.37 15.75
C GLN B 140 -41.53 -14.87 16.00
N ASP B 141 -40.68 -14.38 16.90
CA ASP B 141 -40.69 -12.96 17.26
C ASP B 141 -40.10 -12.07 16.18
N LYS B 142 -40.60 -10.85 16.11
CA LYS B 142 -40.21 -9.89 15.10
C LYS B 142 -38.83 -9.33 15.44
N SER B 143 -38.01 -9.09 14.43
CA SER B 143 -36.70 -8.48 14.64
C SER B 143 -36.82 -7.06 15.17
N PRO B 144 -35.92 -6.68 16.08
CA PRO B 144 -35.91 -5.31 16.61
C PRO B 144 -35.44 -4.30 15.58
N PHE B 145 -34.93 -4.79 14.45
CA PHE B 145 -34.54 -3.91 13.35
C PHE B 145 -35.53 -4.05 12.19
N TRP B 146 -36.71 -4.58 12.50
CA TRP B 146 -37.78 -4.71 11.51
C TRP B 146 -37.29 -5.52 10.32
N ASN B 147 -37.59 -5.05 9.11
CA ASN B 147 -37.23 -5.77 7.90
C ASN B 147 -35.84 -5.41 7.37
N PHE B 148 -35.11 -4.58 8.11
CA PHE B 148 -33.81 -4.10 7.63
C PHE B 148 -32.62 -4.68 8.39
N GLY B 149 -32.88 -5.45 9.44
CA GLY B 149 -31.80 -6.04 10.21
C GLY B 149 -32.17 -7.36 10.84
N PHE B 150 -31.17 -8.14 11.21
CA PHE B 150 -31.41 -9.49 11.69
C PHE B 150 -30.74 -9.80 13.02
N VAL B 151 -31.42 -10.59 13.84
CA VAL B 151 -30.79 -11.27 14.97
C VAL B 151 -30.95 -12.76 14.70
N GLU B 152 -29.93 -13.35 14.08
CA GLU B 152 -29.97 -14.76 13.67
C GLU B 152 -30.27 -15.69 14.85
N PRO B 153 -30.90 -16.85 14.59
CA PRO B 153 -31.20 -17.82 15.64
C PRO B 153 -29.92 -18.31 16.31
N GLY B 154 -29.85 -18.20 17.63
CA GLY B 154 -28.66 -18.58 18.37
C GLY B 154 -27.55 -17.54 18.39
N HIS B 155 -27.86 -16.33 17.94
CA HIS B 155 -26.85 -15.28 17.86
C HIS B 155 -27.18 -14.08 18.75
N ILE B 156 -26.16 -13.28 19.06
CA ILE B 156 -26.35 -12.12 19.92
C ILE B 156 -26.01 -10.82 19.20
N VAL B 157 -26.93 -9.87 19.23
CA VAL B 157 -26.71 -8.58 18.57
C VAL B 157 -26.87 -7.46 19.59
N PRO B 158 -25.74 -7.02 20.17
CA PRO B 158 -25.76 -5.87 21.08
C PRO B 158 -26.34 -4.66 20.37
N THR B 159 -27.25 -3.94 21.01
CA THR B 159 -28.01 -2.88 20.34
C THR B 159 -28.14 -1.65 21.24
N LEU B 160 -27.98 -0.47 20.65
CA LEU B 160 -28.34 0.75 21.37
C LEU B 160 -29.85 0.94 21.22
N TYR B 161 -30.54 1.13 22.34
CA TYR B 161 -32.00 1.16 22.33
C TYR B 161 -32.52 2.44 22.99
N ASN B 162 -33.34 3.19 22.26
CA ASN B 162 -34.10 4.29 22.86
C ASN B 162 -35.44 4.49 22.16
N ASN B 163 -36.20 5.52 22.58
CA ASN B 163 -37.50 5.78 21.99
C ASN B 163 -37.40 6.41 20.61
N MSE B 164 -36.23 6.96 20.31
CA MSE B 164 -36.03 7.70 19.07
C MSE B 164 -35.43 6.84 17.97
O MSE B 164 -35.85 6.93 16.82
CB MSE B 164 -35.14 8.91 19.33
CG MSE B 164 -35.70 9.89 20.35
SE MSE B 164 -34.50 11.38 20.64
CE MSE B 164 -33.01 10.40 21.42
N ILE B 165 -34.43 6.03 18.33
CA ILE B 165 -33.68 5.25 17.35
C ILE B 165 -33.33 3.87 17.87
N ARG B 166 -32.87 3.01 16.96
CA ARG B 166 -32.27 1.73 17.31
C ARG B 166 -31.07 1.53 16.42
N ALA B 167 -29.97 1.04 17.00
CA ALA B 167 -28.75 0.84 16.22
C ALA B 167 -27.92 -0.29 16.80
N PRO B 168 -27.34 -1.11 15.92
CA PRO B 168 -26.41 -2.13 16.41
C PRO B 168 -25.13 -1.47 16.92
N VAL B 169 -24.60 -1.92 18.04
CA VAL B 169 -23.36 -1.37 18.56
C VAL B 169 -22.24 -2.39 18.54
N PHE B 170 -21.01 -1.90 18.59
CA PHE B 170 -19.84 -2.75 18.48
C PHE B 170 -18.76 -2.31 19.45
N LYS B 171 -18.49 -3.16 20.44
CA LYS B 171 -17.54 -2.83 21.50
C LYS B 171 -16.10 -3.01 21.02
N HIS B 172 -15.26 -2.01 21.29
CA HIS B 172 -13.84 -2.11 20.96
C HIS B 172 -12.94 -1.66 22.09
N ASP B 173 -11.67 -2.04 22.00
CA ASP B 173 -10.68 -1.65 22.98
C ASP B 173 -10.33 -0.18 22.82
N ILE B 174 -9.98 0.48 23.92
CA ILE B 174 -9.55 1.88 23.88
C ILE B 174 -8.03 1.92 23.83
N SER B 175 -7.47 2.86 23.09
CA SER B 175 -6.03 3.04 23.04
C SER B 175 -5.52 3.29 24.44
N GLY B 176 -4.33 2.75 24.76
CA GLY B 176 -3.76 2.95 26.08
C GLY B 176 -3.40 4.40 26.30
N THR B 177 -3.37 5.17 25.21
CA THR B 177 -2.93 6.55 25.24
C THR B 177 -4.09 7.52 25.47
N ASP B 178 -5.32 7.02 25.38
CA ASP B 178 -6.48 7.89 25.39
C ASP B 178 -7.23 7.95 26.72
N PHE B 179 -7.49 9.18 27.17
CA PHE B 179 -8.17 9.39 28.44
C PHE B 179 -9.33 10.36 28.26
N LEU B 180 -10.19 10.44 29.27
CA LEU B 180 -11.31 11.38 29.23
C LEU B 180 -11.06 12.58 30.14
N LEU B 181 -10.99 13.76 29.53
CA LEU B 181 -10.77 15.00 30.27
C LEU B 181 -12.11 15.72 30.45
N THR B 182 -12.48 15.99 31.70
CA THR B 182 -13.79 16.54 32.01
C THR B 182 -13.71 17.88 32.76
N LYS B 183 -14.53 18.84 32.33
CA LYS B 183 -14.61 20.14 32.98
C LYS B 183 -16.03 20.41 33.50
N SER B 184 -16.15 20.52 34.82
CA SER B 184 -17.45 20.74 35.45
C SER B 184 -17.55 22.08 36.15
N SER B 185 -18.66 22.79 35.95
CA SER B 185 -18.92 24.04 36.65
C SER B 185 -20.38 24.09 37.10
N GLY B 186 -20.60 24.05 38.42
CA GLY B 186 -21.95 24.08 38.97
C GLY B 186 -22.03 23.50 40.37
N PHE B 187 -23.21 23.59 40.98
CA PHE B 187 -23.46 23.14 42.35
C PHE B 187 -22.45 23.69 43.35
N GLY B 188 -22.28 25.01 43.35
CA GLY B 188 -21.34 25.65 44.25
C GLY B 188 -19.89 25.29 43.91
N ILE B 189 -19.56 25.38 42.63
CA ILE B 189 -18.21 25.11 42.16
C ILE B 189 -17.97 25.85 40.86
N SER B 190 -16.72 26.24 40.62
CA SER B 190 -16.37 26.92 39.37
C SER B 190 -15.14 26.26 38.76
N ASN B 191 -15.33 25.65 37.60
CA ASN B 191 -14.25 25.02 36.84
C ASN B 191 -13.40 24.02 37.64
N ARG B 192 -14.01 22.92 38.05
CA ARG B 192 -13.26 21.81 38.64
C ARG B 192 -12.88 20.85 37.50
N PHE B 193 -11.78 20.13 37.64
CA PHE B 193 -11.32 19.26 36.55
C PHE B 193 -11.11 17.80 36.95
N TYR B 194 -11.57 16.89 36.11
CA TYR B 194 -11.43 15.45 36.35
C TYR B 194 -10.76 14.75 35.18
N LEU B 195 -9.99 13.70 35.47
CA LEU B 195 -9.38 12.89 34.43
C LEU B 195 -9.75 11.42 34.64
N ARG B 196 -10.36 10.82 33.63
CA ARG B 196 -10.89 9.46 33.73
C ARG B 196 -10.26 8.51 32.70
N ASN B 197 -10.08 7.25 33.09
CA ASN B 197 -9.90 6.20 32.12
C ASN B 197 -11.23 6.00 31.41
N ILE B 198 -11.22 5.48 30.19
CA ILE B 198 -12.47 5.17 29.51
C ILE B 198 -12.78 3.69 29.71
N ASN B 199 -13.85 3.41 30.47
CA ASN B 199 -14.20 2.06 30.84
C ASN B 199 -14.69 1.23 29.66
N HIS B 200 -15.58 1.82 28.86
CA HIS B 200 -16.14 1.13 27.72
C HIS B 200 -16.21 2.02 26.49
N LEU B 201 -15.95 1.43 25.33
CA LEU B 201 -16.05 2.16 24.07
C LEU B 201 -16.92 1.37 23.11
N PHE B 202 -17.93 2.03 22.55
CA PHE B 202 -18.79 1.39 21.56
C PHE B 202 -18.80 2.20 20.27
N THR B 203 -18.78 1.49 19.13
CA THR B 203 -19.05 2.12 17.85
C THR B 203 -20.54 1.93 17.57
N VAL B 204 -21.28 3.03 17.45
CA VAL B 204 -22.69 2.94 17.11
C VAL B 204 -22.84 2.80 15.60
N GLY B 205 -23.66 1.85 15.16
CA GLY B 205 -23.86 1.60 13.74
C GLY B 205 -24.87 2.54 13.13
N GLN B 206 -25.49 2.11 12.04
CA GLN B 206 -26.52 2.90 11.37
C GLN B 206 -27.70 3.11 12.30
N THR B 207 -28.13 4.36 12.46
CA THR B 207 -29.26 4.65 13.34
C THR B 207 -30.61 4.51 12.63
N PHE B 208 -31.38 3.50 13.02
CA PHE B 208 -32.71 3.32 12.46
C PHE B 208 -33.75 4.05 13.30
N PRO B 209 -34.53 4.94 12.67
CA PRO B 209 -35.51 5.76 13.39
C PRO B 209 -36.75 4.96 13.80
N VAL B 210 -37.16 5.10 15.05
CA VAL B 210 -38.36 4.45 15.55
C VAL B 210 -39.55 5.36 15.26
N GLU B 211 -39.34 6.64 15.50
CA GLU B 211 -40.34 7.67 15.30
C GLU B 211 -39.77 8.63 14.26
N GLU B 212 -40.63 9.16 13.38
CA GLU B 212 -40.15 10.02 12.31
C GLU B 212 -39.71 11.38 12.85
N ILE B 213 -38.83 12.05 12.12
CA ILE B 213 -38.42 13.40 12.46
C ILE B 213 -39.47 14.35 11.90
N PRO B 214 -39.99 15.26 12.74
CA PRO B 214 -41.09 16.14 12.33
C PRO B 214 -40.66 17.12 11.24
N GLY B 215 -41.60 17.51 10.37
CA GLY B 215 -41.31 18.44 9.29
C GLY B 215 -41.38 19.89 9.73
N PRO B 216 -41.08 20.81 8.80
CA PRO B 216 -41.05 22.24 9.10
C PRO B 216 -42.45 22.79 9.37
N ASN B 217 -43.45 22.26 8.67
CA ASN B 217 -44.83 22.67 8.83
C ASN B 217 -45.60 21.77 9.79
N SER B 218 -44.87 20.88 10.47
CA SER B 218 -45.49 19.87 11.33
C SER B 218 -46.39 20.48 12.40
N ARG B 219 -47.66 20.07 12.39
CA ARG B 219 -48.62 20.54 13.38
C ARG B 219 -48.14 20.16 14.78
N LYS B 220 -47.47 19.02 14.87
CA LYS B 220 -46.96 18.51 16.13
C LYS B 220 -45.99 19.49 16.82
N VAL B 221 -45.13 20.12 16.03
CA VAL B 221 -44.17 21.07 16.59
C VAL B 221 -44.75 22.46 16.77
N THR B 222 -45.73 22.82 15.93
CA THR B 222 -46.39 24.11 16.03
C THR B 222 -47.30 24.14 17.25
N SER B 223 -47.76 22.96 17.67
CA SER B 223 -48.65 22.84 18.82
C SER B 223 -47.87 22.78 20.12
N MSE B 224 -46.55 22.75 20.04
CA MSE B 224 -45.69 22.75 21.23
C MSE B 224 -45.67 24.13 21.88
O MSE B 224 -45.63 24.25 23.10
CB MSE B 224 -44.26 22.31 20.89
CG MSE B 224 -44.14 20.94 20.25
SE MSE B 224 -42.32 20.22 20.31
CE MSE B 224 -41.34 21.88 19.99
N LYS B 225 -45.68 25.17 21.04
CA LYS B 225 -45.66 26.54 21.53
C LYS B 225 -46.86 26.82 22.44
N ALA B 226 -48.01 26.25 22.09
CA ALA B 226 -49.20 26.38 22.90
C ALA B 226 -49.14 25.48 24.14
N THR B 227 -48.59 24.28 23.98
CA THR B 227 -48.49 23.32 25.09
C THR B 227 -47.59 23.84 26.21
N ARG B 228 -46.60 24.64 25.85
CA ARG B 228 -45.74 25.27 26.83
C ARG B 228 -46.55 26.29 27.65
N LEU B 229 -47.42 27.02 26.97
CA LEU B 229 -48.31 27.98 27.65
C LEU B 229 -49.19 27.28 28.68
N LYS B 230 -49.67 26.09 28.33
CA LYS B 230 -50.50 25.28 29.23
C LYS B 230 -49.73 24.80 30.47
N MSE B 231 -48.49 24.36 30.27
CA MSE B 231 -47.67 23.85 31.37
C MSE B 231 -47.30 24.94 32.37
O MSE B 231 -47.12 24.68 33.55
CB MSE B 231 -46.39 23.20 30.83
CG MSE B 231 -46.59 21.90 30.07
SE MSE B 231 -44.88 21.07 29.58
CE MSE B 231 -44.16 22.51 28.48
N ILE B 232 -47.18 26.17 31.87
CA ILE B 232 -46.90 27.32 32.74
C ILE B 232 -48.13 27.64 33.60
N ILE B 233 -49.27 27.78 32.94
CA ILE B 233 -50.54 28.05 33.60
C ILE B 233 -50.83 27.08 34.75
N TYR B 234 -50.86 25.79 34.44
CA TYR B 234 -51.19 24.77 35.43
C TYR B 234 -50.20 24.79 36.59
N ARG B 235 -48.97 25.20 36.30
CA ARG B 235 -47.94 25.30 37.32
C ARG B 235 -48.13 26.56 38.16
N ILE B 236 -48.72 27.59 37.56
CA ILE B 236 -49.03 28.83 38.27
C ILE B 236 -50.22 28.63 39.22
N LEU B 237 -51.23 27.89 38.76
CA LEU B 237 -52.42 27.62 39.56
C LEU B 237 -52.08 26.92 40.87
N ASN B 238 -51.29 25.85 40.79
CA ASN B 238 -50.89 25.09 41.98
C ASN B 238 -50.07 25.93 42.97
N HIS B 239 -49.57 27.07 42.51
CA HIS B 239 -48.82 27.98 43.38
C HIS B 239 -49.75 28.79 44.29
N ASN B 240 -50.58 29.63 43.70
CA ASN B 240 -51.51 30.46 44.46
C ASN B 240 -52.61 29.65 45.15
N HIS B 241 -52.91 28.47 44.59
CA HIS B 241 -53.90 27.54 45.16
C HIS B 241 -55.32 28.10 45.16
N SER B 242 -55.49 29.31 44.63
CA SER B 242 -56.77 30.01 44.65
C SER B 242 -57.57 29.84 43.36
N LYS B 243 -57.07 29.01 42.45
CA LYS B 243 -57.76 28.66 41.20
C LYS B 243 -58.02 29.84 40.25
N ALA B 244 -57.56 31.02 40.60
CA ALA B 244 -57.73 32.20 39.76
C ALA B 244 -56.58 33.19 39.98
N ILE B 245 -56.04 33.71 38.87
CA ILE B 245 -54.90 34.62 38.94
C ILE B 245 -54.87 35.59 37.77
N SER B 246 -53.89 36.49 37.80
CA SER B 246 -53.77 37.54 36.77
C SER B 246 -53.25 36.99 35.44
N ILE B 247 -53.62 37.65 34.35
CA ILE B 247 -53.16 37.27 33.02
C ILE B 247 -51.86 38.00 32.68
N ASP B 248 -51.45 38.91 33.57
CA ASP B 248 -50.25 39.71 33.39
C ASP B 248 -48.89 38.98 33.48
N PRO B 249 -48.67 38.18 34.56
CA PRO B 249 -47.31 37.66 34.79
C PRO B 249 -46.77 36.70 33.73
N ILE B 250 -47.62 36.23 32.81
CA ILE B 250 -47.21 35.22 31.83
C ILE B 250 -46.43 35.77 30.62
N ALA B 251 -47.00 36.76 29.93
CA ALA B 251 -46.56 37.15 28.59
C ALA B 251 -45.08 37.53 28.45
N LYS B 252 -44.38 37.70 29.56
CA LYS B 252 -42.94 37.98 29.51
C LYS B 252 -42.19 36.75 29.00
N HIS B 253 -42.79 35.58 29.19
CA HIS B 253 -42.22 34.33 28.69
C HIS B 253 -42.37 34.26 27.17
N PHE B 254 -43.32 35.04 26.64
CA PHE B 254 -43.56 35.10 25.21
C PHE B 254 -43.37 36.53 24.70
N PRO B 255 -42.09 36.96 24.53
CA PRO B 255 -41.81 38.33 24.08
C PRO B 255 -42.21 38.58 22.62
N ASP B 256 -43.47 38.28 22.29
CA ASP B 256 -44.03 38.53 20.98
C ASP B 256 -45.56 38.52 21.08
N GLN B 257 -46.19 39.52 20.50
CA GLN B 257 -47.64 39.66 20.59
C GLN B 257 -48.22 40.51 19.46
N ASN B 262 -51.23 38.59 21.91
CA ASN B 262 -50.95 37.18 22.18
C ASN B 262 -52.17 36.44 22.73
N ARG B 263 -53.17 37.20 23.16
CA ARG B 263 -54.39 36.64 23.75
C ARG B 263 -55.17 35.78 22.75
N GLN B 264 -54.87 35.93 21.47
CA GLN B 264 -55.45 35.08 20.43
C GLN B 264 -55.11 33.62 20.71
N LYS B 265 -53.90 33.40 21.21
CA LYS B 265 -53.46 32.06 21.62
C LYS B 265 -53.91 31.75 23.05
N VAL B 266 -53.96 32.78 23.89
CA VAL B 266 -54.34 32.62 25.29
C VAL B 266 -55.83 32.37 25.47
N LYS B 267 -56.59 32.49 24.38
CA LYS B 267 -58.03 32.28 24.41
C LYS B 267 -58.40 30.81 24.59
N GLU B 268 -57.41 29.93 24.52
CA GLU B 268 -57.64 28.49 24.65
C GLU B 268 -57.77 28.07 26.12
N PHE B 269 -58.90 27.46 26.44
CA PHE B 269 -59.19 26.98 27.80
C PHE B 269 -59.18 28.08 28.86
N MSE B 270 -59.34 29.32 28.42
CA MSE B 270 -59.33 30.48 29.32
C MSE B 270 -60.42 31.47 28.90
O MSE B 270 -60.72 31.61 27.71
CB MSE B 270 -57.96 31.17 29.31
CG MSE B 270 -56.78 30.31 29.79
SE MSE B 270 -56.30 30.55 31.67
CE MSE B 270 -55.74 32.43 31.62
N LYS B 271 -60.99 32.19 29.87
CA LYS B 271 -62.00 33.20 29.59
C LYS B 271 -61.82 34.43 30.48
N TYR B 272 -62.65 35.44 30.25
CA TYR B 272 -62.58 36.67 31.03
C TYR B 272 -63.47 36.60 32.27
N GLN B 273 -62.89 36.88 33.44
CA GLN B 273 -63.64 36.85 34.69
C GLN B 273 -62.93 37.68 35.76
N TRP B 282 -58.39 35.86 35.22
CA TRP B 282 -58.94 34.81 34.37
C TRP B 282 -58.82 33.45 35.04
N ARG B 283 -59.42 32.43 34.42
CA ARG B 283 -59.36 31.06 34.95
C ARG B 283 -59.56 30.02 33.85
N LEU B 284 -59.46 28.74 34.22
CA LEU B 284 -59.57 27.65 33.27
C LEU B 284 -61.00 27.44 32.77
N LYS B 285 -61.13 26.86 31.58
CA LYS B 285 -62.45 26.57 31.02
C LYS B 285 -63.02 25.28 31.61
N ASP B 286 -64.21 24.90 31.16
CA ASP B 286 -64.85 23.68 31.63
C ASP B 286 -64.29 22.46 30.90
N ASP B 287 -63.88 22.66 29.65
CA ASP B 287 -63.35 21.57 28.83
C ASP B 287 -61.98 21.08 29.32
N GLU B 288 -61.24 21.96 29.99
CA GLU B 288 -59.88 21.65 30.43
C GLU B 288 -59.83 21.08 31.85
N LYS B 289 -59.45 19.81 31.95
CA LYS B 289 -59.21 19.18 33.25
C LYS B 289 -57.73 19.33 33.60
N LEU B 290 -57.44 20.08 34.65
CA LEU B 290 -56.07 20.43 35.01
C LEU B 290 -55.28 19.25 35.59
N LEU B 291 -53.97 19.29 35.41
CA LEU B 291 -53.08 18.25 35.93
C LEU B 291 -52.23 18.79 37.09
N ASP B 292 -51.80 17.91 37.97
CA ASP B 292 -50.89 18.30 39.06
C ASP B 292 -49.49 18.49 38.51
N ASN B 293 -48.57 18.96 39.36
CA ASN B 293 -47.21 19.30 38.94
C ASN B 293 -46.44 18.18 38.24
N GLU B 294 -46.33 17.02 38.90
CA GLU B 294 -45.58 15.89 38.35
C GLU B 294 -46.21 15.39 37.05
N ALA B 295 -47.52 15.59 36.90
CA ALA B 295 -48.22 15.18 35.68
C ALA B 295 -48.28 16.30 34.64
N VAL B 296 -47.81 17.48 35.03
CA VAL B 296 -47.69 18.62 34.10
C VAL B 296 -46.47 18.43 33.20
N LYS B 297 -45.38 17.96 33.81
CA LYS B 297 -44.11 17.73 33.12
C LYS B 297 -44.26 16.84 31.88
N SER B 298 -45.11 15.83 31.99
CA SER B 298 -45.22 14.78 30.98
C SER B 298 -45.89 15.20 29.66
N LEU B 299 -46.29 16.46 29.57
CA LEU B 299 -46.94 16.95 28.36
C LEU B 299 -45.95 17.09 27.21
N ILE B 300 -44.69 17.33 27.55
CA ILE B 300 -43.62 17.37 26.56
C ILE B 300 -42.44 16.48 26.96
N THR B 301 -42.15 15.50 26.11
CA THR B 301 -41.04 14.56 26.33
C THR B 301 -39.73 15.21 25.88
N PRO B 302 -38.62 14.82 26.53
CA PRO B 302 -37.31 15.31 26.09
C PRO B 302 -37.00 14.86 24.68
N GLU B 303 -37.53 13.69 24.31
CA GLU B 303 -37.44 13.21 22.94
C GLU B 303 -37.96 14.24 21.96
N GLN B 304 -39.11 14.83 22.26
CA GLN B 304 -39.72 15.85 21.41
C GLN B 304 -38.77 17.02 21.17
N ILE B 305 -37.96 17.35 22.18
CA ILE B 305 -37.00 18.43 22.04
C ILE B 305 -35.85 18.02 21.12
N SER B 306 -35.28 16.85 21.39
CA SER B 306 -34.17 16.34 20.58
C SER B 306 -34.61 16.13 19.14
N GLN B 307 -35.82 15.62 18.96
CA GLN B 307 -36.36 15.37 17.63
C GLN B 307 -36.64 16.67 16.89
N VAL B 308 -36.97 17.72 17.62
CA VAL B 308 -37.22 19.01 17.00
C VAL B 308 -35.90 19.73 16.69
N GLU B 309 -34.86 19.39 17.44
CA GLU B 309 -33.53 19.94 17.20
C GLU B 309 -32.89 19.32 15.96
N SER B 310 -33.11 18.02 15.78
CA SER B 310 -32.63 17.34 14.58
C SER B 310 -33.28 17.93 13.33
N MSE B 311 -34.52 18.37 13.48
CA MSE B 311 -35.23 19.01 12.38
C MSE B 311 -34.61 20.38 12.08
O MSE B 311 -34.43 20.76 10.93
CB MSE B 311 -36.72 19.18 12.73
CG MSE B 311 -37.51 19.93 11.66
SE MSE B 311 -39.04 20.91 12.36
CE MSE B 311 -38.08 22.12 13.58
N SER B 312 -34.30 21.12 13.14
CA SER B 312 -33.70 22.44 13.02
C SER B 312 -32.36 22.38 12.31
N GLN B 313 -31.55 21.38 12.68
CA GLN B 313 -30.24 21.17 12.05
C GLN B 313 -30.40 20.97 10.54
N GLY B 314 -31.45 20.23 10.16
CA GLY B 314 -31.74 20.02 8.75
C GLY B 314 -32.02 21.33 8.03
N LEU B 315 -32.87 22.15 8.62
CA LEU B 315 -33.22 23.45 8.05
C LEU B 315 -32.00 24.38 7.94
N GLN B 316 -31.24 24.47 9.02
CA GLN B 316 -30.03 25.28 9.06
C GLN B 316 -29.07 24.88 7.95
N PHE B 317 -28.77 23.60 7.88
CA PHE B 317 -27.87 23.06 6.86
C PHE B 317 -28.47 23.27 5.47
N GLN B 318 -29.80 23.31 5.41
CA GLN B 318 -30.50 23.49 4.14
C GLN B 318 -30.26 24.88 3.56
N GLU B 319 -30.37 25.90 4.40
CA GLU B 319 -30.19 27.28 3.96
C GLU B 319 -28.72 27.64 3.84
N ASP B 320 -27.88 27.02 4.65
CA ASP B 320 -26.43 27.14 4.52
C ASP B 320 -25.97 26.59 3.16
N ASN B 321 -26.57 25.48 2.75
CA ASN B 321 -26.27 24.90 1.44
C ASN B 321 -26.95 25.67 0.31
N GLU B 322 -28.05 26.34 0.62
CA GLU B 322 -28.70 27.20 -0.36
C GLU B 322 -27.77 28.37 -0.68
N ALA B 323 -27.30 29.02 0.38
CA ALA B 323 -26.45 30.20 0.26
C ALA B 323 -25.07 29.93 -0.34
N TYR B 324 -24.34 28.99 0.26
CA TYR B 324 -22.91 28.85 -0.03
C TYR B 324 -22.51 27.70 -0.95
N ASN B 325 -23.47 26.90 -1.39
CA ASN B 325 -23.13 25.76 -2.24
C ASN B 325 -23.34 26.02 -3.73
N PHE B 326 -22.23 26.07 -4.46
CA PHE B 326 -22.23 26.33 -5.90
C PHE B 326 -22.50 25.07 -6.72
N ASP B 327 -22.60 23.93 -6.03
CA ASP B 327 -22.85 22.66 -6.70
C ASP B 327 -24.35 22.44 -6.90
N SER B 328 -24.76 22.36 -8.16
CA SER B 328 -26.15 22.06 -8.52
C SER B 328 -26.53 20.65 -8.07
N LYS B 329 -25.72 19.67 -8.46
CA LYS B 329 -25.98 18.28 -8.11
C LYS B 329 -25.98 18.02 -6.60
N LEU B 330 -25.03 18.63 -5.89
CA LEU B 330 -24.91 18.40 -4.45
C LEU B 330 -26.09 18.97 -3.67
N LYS B 331 -26.51 20.18 -4.02
CA LYS B 331 -27.71 20.77 -3.43
C LYS B 331 -28.91 19.88 -3.70
N SER B 332 -29.00 19.37 -4.93
CA SER B 332 -30.08 18.48 -5.33
C SER B 332 -30.15 17.28 -4.41
N LEU B 333 -29.00 16.65 -4.17
CA LEU B 333 -28.91 15.48 -3.29
C LEU B 333 -29.36 15.79 -1.87
N GLU B 334 -28.68 16.73 -1.21
CA GLU B 334 -28.99 17.10 0.17
C GLU B 334 -30.48 17.39 0.37
N GLU B 335 -31.12 17.93 -0.66
CA GLU B 335 -32.54 18.25 -0.61
C GLU B 335 -33.38 16.97 -0.59
N ASN B 336 -32.85 15.92 -1.19
CA ASN B 336 -33.51 14.61 -1.17
C ASN B 336 -33.22 13.86 0.14
N LEU B 337 -32.22 14.34 0.89
CA LEU B 337 -31.79 13.68 2.11
C LEU B 337 -32.36 14.32 3.37
N LEU B 338 -33.35 15.20 3.22
CA LEU B 338 -33.92 15.93 4.35
C LEU B 338 -34.55 14.99 5.39
N PRO B 339 -34.13 15.13 6.66
CA PRO B 339 -34.42 14.23 7.78
C PRO B 339 -35.89 13.87 7.93
N TRP B 340 -36.77 14.88 7.87
CA TRP B 340 -38.20 14.63 7.99
C TRP B 340 -38.74 13.74 6.88
N ASN B 341 -38.15 13.82 5.70
CA ASN B 341 -38.59 13.00 4.58
C ASN B 341 -38.00 11.60 4.62
N ILE B 342 -36.71 11.54 4.93
CA ILE B 342 -35.96 10.28 4.99
C ILE B 342 -36.52 9.32 6.03
N THR B 343 -36.65 9.80 7.26
CA THR B 343 -37.16 8.98 8.36
C THR B 343 -38.62 8.59 8.16
N LYS B 344 -39.39 9.47 7.52
CA LYS B 344 -40.78 9.18 7.22
C LYS B 344 -40.87 8.04 6.21
N ASN B 345 -39.98 8.07 5.22
CA ASN B 345 -39.95 7.01 4.22
C ASN B 345 -39.51 5.67 4.80
N PHE B 346 -38.52 5.71 5.68
CA PHE B 346 -38.02 4.50 6.33
C PHE B 346 -39.14 3.79 7.08
N ILE B 347 -39.88 4.55 7.86
CA ILE B 347 -40.97 4.01 8.67
C ILE B 347 -42.09 3.47 7.80
N ASN B 348 -42.31 4.10 6.66
CA ASN B 348 -43.26 3.57 5.69
C ASN B 348 -42.77 2.23 5.15
N SER B 349 -41.47 2.17 4.85
CA SER B 349 -40.86 0.96 4.32
C SER B 349 -40.90 -0.14 5.37
N THR B 350 -40.85 0.29 6.63
CA THR B 350 -41.04 -0.60 7.76
C THR B 350 -42.43 -1.24 7.70
N GLN B 351 -43.41 -0.44 7.30
CA GLN B 351 -44.80 -0.87 7.22
C GLN B 351 -45.20 -1.32 5.81
N MSE B 352 -44.20 -1.57 4.96
CA MSE B 352 -44.41 -2.09 3.62
C MSE B 352 -45.25 -1.18 2.71
O MSE B 352 -45.87 -1.64 1.77
CB MSE B 352 -45.04 -3.49 3.66
CG MSE B 352 -44.35 -4.46 4.61
SE MSE B 352 -42.50 -4.81 4.15
CE MSE B 352 -42.73 -5.31 2.28
N ARG B 353 -45.23 0.12 3.00
CA ARG B 353 -45.94 1.09 2.18
C ARG B 353 -44.98 1.81 1.23
N ALA B 354 -43.70 1.47 1.34
CA ALA B 354 -42.67 2.10 0.54
C ALA B 354 -41.42 1.24 0.49
N MSE B 355 -40.47 1.63 -0.36
CA MSE B 355 -39.19 0.95 -0.42
C MSE B 355 -38.06 1.97 -0.27
O MSE B 355 -38.30 3.17 -0.26
CB MSE B 355 -39.03 0.18 -1.73
CG MSE B 355 -40.25 -0.66 -2.12
SE MSE B 355 -39.82 -2.19 -3.26
CE MSE B 355 -38.74 -1.29 -4.59
N ILE B 356 -36.83 1.47 -0.16
CA ILE B 356 -35.66 2.34 -0.13
C ILE B 356 -34.62 1.88 -1.14
N GLN B 357 -33.76 2.82 -1.57
CA GLN B 357 -32.76 2.50 -2.58
C GLN B 357 -31.70 1.53 -2.07
N ILE B 358 -31.47 1.55 -0.76
CA ILE B 358 -30.47 0.71 -0.08
C ILE B 358 -29.04 1.10 -0.43
N HIS B 359 -28.77 1.31 -1.72
CA HIS B 359 -27.47 1.77 -2.19
C HIS B 359 -27.63 3.00 -3.07
N GLY B 360 -26.53 3.73 -3.24
CA GLY B 360 -26.55 4.92 -4.08
C GLY B 360 -25.90 6.12 -3.44
N VAL B 361 -26.27 7.30 -3.94
CA VAL B 361 -25.69 8.55 -3.45
C VAL B 361 -26.26 8.92 -2.08
N GLY B 362 -27.29 8.19 -1.65
CA GLY B 362 -27.90 8.43 -0.36
C GLY B 362 -27.33 7.54 0.74
N ASP B 363 -26.31 6.76 0.39
CA ASP B 363 -25.57 5.98 1.37
C ASP B 363 -24.66 6.93 2.12
N PRO B 364 -24.84 7.03 3.44
CA PRO B 364 -24.09 8.00 4.25
C PRO B 364 -22.62 7.62 4.35
N THR B 365 -22.29 6.38 4.02
CA THR B 365 -20.91 5.91 4.12
C THR B 365 -20.03 6.36 2.96
N GLY B 366 -20.56 6.32 1.74
CA GLY B 366 -19.76 6.64 0.57
C GLY B 366 -19.17 5.39 -0.05
N CYS B 367 -19.09 4.33 0.75
CA CYS B 367 -18.86 2.98 0.22
C CYS B 367 -20.19 2.24 0.30
N GLY B 368 -20.15 0.91 0.27
CA GLY B 368 -21.37 0.14 0.32
C GLY B 368 -21.64 -0.38 1.71
N GLU B 369 -21.19 0.37 2.71
CA GLU B 369 -21.21 -0.10 4.10
C GLU B 369 -22.37 0.45 4.93
N GLY B 370 -23.33 1.08 4.28
CA GLY B 370 -24.50 1.59 4.99
C GLY B 370 -25.78 1.52 4.16
N PHE B 371 -26.90 1.90 4.77
CA PHE B 371 -28.18 1.91 4.06
C PHE B 371 -28.48 3.29 3.50
N SER B 372 -29.07 3.33 2.31
CA SER B 372 -29.60 4.58 1.76
C SER B 372 -31.11 4.59 1.95
N PHE B 373 -31.61 5.62 2.63
CA PHE B 373 -33.03 5.69 2.91
C PHE B 373 -33.82 6.45 1.85
N LEU B 374 -33.17 6.79 0.75
CA LEU B 374 -33.85 7.47 -0.36
C LEU B 374 -35.02 6.64 -0.87
N LYS B 375 -36.11 7.31 -1.23
CA LYS B 375 -37.34 6.64 -1.64
C LYS B 375 -37.19 5.98 -3.01
N THR B 376 -37.89 4.87 -3.21
CA THR B 376 -37.98 4.22 -4.51
C THR B 376 -39.23 3.35 -4.58
N SER B 377 -39.55 2.87 -5.77
CA SER B 377 -40.74 2.06 -6.00
C SER B 377 -40.42 0.94 -6.98
N MSE B 378 -41.42 0.15 -7.35
CA MSE B 378 -41.23 -0.85 -8.41
C MSE B 378 -40.85 -0.17 -9.72
O MSE B 378 -41.37 0.89 -10.05
CB MSE B 378 -42.49 -1.69 -8.58
CG MSE B 378 -42.40 -3.09 -8.00
SE MSE B 378 -41.89 -3.04 -6.13
CE MSE B 378 -42.21 -4.89 -5.63
N LYS B 379 -39.96 -0.81 -10.47
CA LYS B 379 -39.49 -0.26 -11.74
C LYS B 379 -40.03 -1.04 -12.93
N GLY B 380 -40.01 -0.43 -14.11
CA GLY B 380 -40.48 -1.07 -15.32
C GLY B 380 -39.54 -2.17 -15.81
N GLY B 381 -40.11 -3.33 -16.10
CA GLY B 381 -39.33 -4.47 -16.57
C GLY B 381 -39.55 -4.79 -18.04
N PHE B 382 -40.28 -3.92 -18.73
CA PHE B 382 -40.55 -4.06 -20.16
C PHE B 382 -41.17 -5.41 -20.54
N SER B 404 -43.54 -7.15 -18.14
CA SER B 404 -44.23 -6.13 -17.35
C SER B 404 -43.49 -5.82 -16.04
N TYR B 405 -44.23 -5.42 -15.03
CA TYR B 405 -43.70 -5.28 -13.67
C TYR B 405 -43.80 -6.63 -12.97
N ASN B 406 -42.66 -7.21 -12.58
CA ASN B 406 -42.71 -8.35 -11.67
C ASN B 406 -42.43 -7.88 -10.26
N VAL B 407 -43.49 -7.67 -9.48
CA VAL B 407 -43.35 -7.18 -8.11
C VAL B 407 -42.82 -8.29 -7.20
N ALA B 408 -43.26 -9.52 -7.43
CA ALA B 408 -42.81 -10.67 -6.65
C ALA B 408 -41.29 -10.84 -6.74
N GLN B 409 -40.76 -10.65 -7.95
CA GLN B 409 -39.32 -10.79 -8.17
C GLN B 409 -38.55 -9.57 -7.67
N GLN B 410 -39.15 -8.40 -7.81
CA GLN B 410 -38.51 -7.18 -7.30
C GLN B 410 -38.42 -7.21 -5.78
N GLN B 411 -39.39 -7.88 -5.15
CA GLN B 411 -39.42 -8.00 -3.69
C GLN B 411 -38.32 -8.94 -3.21
N LYS B 412 -38.22 -10.11 -3.84
CA LYS B 412 -37.21 -11.10 -3.47
C LYS B 412 -35.80 -10.53 -3.60
N ALA B 413 -35.61 -9.67 -4.60
CA ALA B 413 -34.31 -9.02 -4.81
C ALA B 413 -34.08 -7.91 -3.79
N TYR B 414 -35.17 -7.25 -3.40
CA TYR B 414 -35.13 -6.21 -2.37
C TYR B 414 -34.69 -6.85 -1.06
N ASP B 415 -35.41 -7.90 -0.66
CA ASP B 415 -35.09 -8.66 0.55
C ASP B 415 -33.63 -9.14 0.53
N GLU B 416 -33.25 -9.82 -0.53
CA GLU B 416 -31.91 -10.39 -0.64
C GLU B 416 -30.80 -9.36 -0.45
N GLU B 417 -31.00 -8.15 -0.98
CA GLU B 417 -29.97 -7.11 -0.89
C GLU B 417 -29.92 -6.46 0.50
N ILE B 418 -31.10 -6.29 1.11
CA ILE B 418 -31.17 -5.76 2.47
C ILE B 418 -30.27 -6.57 3.40
N ALA B 419 -30.44 -7.89 3.37
CA ALA B 419 -29.63 -8.78 4.18
C ALA B 419 -28.14 -8.60 3.87
N LYS B 420 -27.81 -8.65 2.59
CA LYS B 420 -26.44 -8.47 2.14
C LYS B 420 -25.86 -7.16 2.69
N THR B 421 -26.67 -6.12 2.68
CA THR B 421 -26.23 -4.80 3.12
C THR B 421 -26.06 -4.78 4.64
N TRP B 422 -27.00 -5.39 5.34
CA TRP B 422 -26.91 -5.48 6.80
C TRP B 422 -25.60 -6.13 7.24
N TYR B 423 -25.30 -7.29 6.69
CA TYR B 423 -24.10 -8.03 7.08
C TYR B 423 -22.82 -7.32 6.62
N THR B 424 -22.89 -6.62 5.50
CA THR B 424 -21.76 -5.80 5.07
C THR B 424 -21.53 -4.67 6.08
N HIS B 425 -22.64 -4.06 6.50
CA HIS B 425 -22.61 -3.02 7.51
C HIS B 425 -22.11 -3.56 8.85
N THR B 426 -22.69 -4.68 9.28
CA THR B 426 -22.31 -5.31 10.54
C THR B 426 -20.81 -5.65 10.57
N LYS B 427 -20.33 -6.31 9.52
CA LYS B 427 -18.95 -6.74 9.45
C LYS B 427 -17.97 -5.56 9.49
N SER B 428 -18.32 -4.48 8.81
CA SER B 428 -17.41 -3.34 8.71
C SER B 428 -17.13 -2.72 10.07
N LEU B 429 -18.09 -2.81 10.98
CA LEU B 429 -17.95 -2.16 12.28
C LEU B 429 -17.44 -3.12 13.36
N SER B 430 -17.15 -4.35 12.96
CA SER B 430 -16.57 -5.33 13.86
C SER B 430 -15.04 -5.31 13.79
N ILE B 431 -14.51 -4.55 12.84
CA ILE B 431 -13.06 -4.47 12.61
C ILE B 431 -12.30 -4.04 13.85
N SER B 432 -11.30 -4.84 14.24
CA SER B 432 -10.44 -4.55 15.37
C SER B 432 -9.10 -4.00 14.91
N ASN B 433 -8.49 -4.69 13.95
CA ASN B 433 -7.19 -4.27 13.45
C ASN B 433 -7.27 -3.96 11.96
N PRO B 434 -7.55 -2.69 11.65
CA PRO B 434 -7.83 -2.17 10.31
C PRO B 434 -6.77 -2.56 9.29
N PHE B 435 -5.50 -2.44 9.66
CA PHE B 435 -4.42 -2.66 8.69
C PHE B 435 -4.23 -4.14 8.35
N GLU B 436 -4.66 -5.02 9.24
CA GLU B 436 -4.61 -6.45 8.98
C GLU B 436 -5.93 -6.98 8.41
N GLU B 437 -7.03 -6.35 8.78
CA GLU B 437 -8.36 -6.81 8.39
C GLU B 437 -8.94 -6.12 7.14
N MSE B 438 -8.26 -5.11 6.62
CA MSE B 438 -8.75 -4.41 5.43
C MSE B 438 -7.74 -4.46 4.28
O MSE B 438 -6.53 -4.58 4.49
CB MSE B 438 -9.07 -2.94 5.73
CG MSE B 438 -10.13 -2.69 6.79
SE MSE B 438 -10.80 -0.85 6.67
CE MSE B 438 -11.00 -0.44 8.57
N THR B 439 -8.26 -4.36 3.05
CA THR B 439 -7.43 -4.24 1.85
C THR B 439 -6.61 -2.95 1.93
N ASN B 440 -7.31 -1.82 1.90
CA ASN B 440 -6.69 -0.51 2.03
C ASN B 440 -7.51 0.40 2.93
N PRO B 441 -7.10 0.48 4.21
CA PRO B 441 -7.79 1.30 5.21
C PRO B 441 -7.58 2.78 4.95
N ASP B 442 -6.57 3.10 4.15
CA ASP B 442 -6.26 4.49 3.86
C ASP B 442 -6.95 5.00 2.59
N GLU B 443 -7.70 4.12 1.92
CA GLU B 443 -8.35 4.48 0.67
C GLU B 443 -9.38 5.58 0.86
N ILE B 444 -9.68 6.29 -0.22
CA ILE B 444 -10.58 7.44 -0.17
C ILE B 444 -11.78 7.19 -1.08
N ASN B 445 -12.99 7.36 -0.54
CA ASN B 445 -14.21 7.11 -1.31
C ASN B 445 -14.41 8.13 -2.43
N GLN B 446 -15.36 7.85 -3.32
CA GLN B 446 -15.57 8.66 -4.52
C GLN B 446 -15.85 10.14 -4.22
N THR B 447 -16.62 10.40 -3.17
CA THR B 447 -17.06 11.76 -2.88
C THR B 447 -15.97 12.62 -2.23
N ASN B 448 -15.00 11.98 -1.59
CA ASN B 448 -13.89 12.70 -0.97
C ASN B 448 -12.64 12.70 -1.87
N LYS B 449 -12.74 12.00 -2.99
CA LYS B 449 -11.65 11.91 -3.95
C LYS B 449 -11.89 12.92 -5.08
N HIS B 450 -12.99 12.74 -5.80
CA HIS B 450 -13.34 13.63 -6.90
C HIS B 450 -14.31 14.73 -6.46
N VAL B 451 -13.79 15.95 -6.31
CA VAL B 451 -14.58 17.08 -5.82
C VAL B 451 -14.69 18.19 -6.88
N LYS B 452 -15.87 18.81 -6.98
CA LYS B 452 -16.06 19.96 -7.86
C LYS B 452 -15.73 21.25 -7.14
N THR B 453 -14.68 21.94 -7.62
CA THR B 453 -14.22 23.18 -7.00
C THR B 453 -14.58 24.38 -7.85
N ASP B 454 -15.23 24.13 -8.99
CA ASP B 454 -15.56 25.19 -9.92
C ASP B 454 -17.06 25.41 -10.06
N ARG B 455 -17.44 26.66 -10.34
CA ARG B 455 -18.82 26.97 -10.71
C ARG B 455 -19.14 26.32 -12.05
N ASP B 456 -20.43 26.18 -12.35
CA ASP B 456 -20.86 25.64 -13.64
C ASP B 456 -20.33 26.51 -14.78
N ASP B 457 -20.36 27.82 -14.55
CA ASP B 457 -19.92 28.81 -15.54
C ASP B 457 -18.41 28.97 -15.59
N LYS B 458 -17.72 28.44 -14.57
CA LYS B 458 -16.26 28.51 -14.46
C LYS B 458 -15.77 29.96 -14.44
N LYS B 459 -16.54 30.82 -13.81
CA LYS B 459 -16.27 32.26 -13.83
C LYS B 459 -15.78 32.79 -12.48
N ILE B 460 -14.76 33.64 -12.51
CA ILE B 460 -14.31 34.33 -11.31
C ILE B 460 -15.15 35.57 -11.05
N LEU B 461 -15.03 36.16 -9.86
CA LEU B 461 -15.81 37.34 -9.50
C LEU B 461 -14.90 38.52 -9.17
N LYS B 462 -15.31 39.73 -9.59
CA LYS B 462 -14.56 40.94 -9.30
C LYS B 462 -15.46 42.06 -8.75
N ILE B 463 -15.00 42.68 -7.66
CA ILE B 463 -15.75 43.75 -7.02
C ILE B 463 -14.90 45.03 -6.91
N VAL B 464 -15.37 46.10 -7.56
CA VAL B 464 -14.68 47.40 -7.51
C VAL B 464 -15.36 48.35 -6.53
N ARG B 465 -14.55 49.06 -5.75
CA ARG B 465 -15.07 49.93 -4.70
C ARG B 465 -14.32 51.27 -4.63
N LYS B 466 -15.07 52.35 -4.40
CA LYS B 466 -14.48 53.69 -4.31
C LYS B 466 -14.78 54.34 -2.96
N LYS B 467 -13.75 54.80 -2.27
CA LYS B 467 -13.92 55.37 -0.93
C LYS B 467 -13.00 56.58 -0.69
N ARG B 468 -13.39 57.44 0.24
CA ARG B 468 -12.67 58.69 0.49
C ARG B 468 -11.74 58.61 1.71
N ASP B 469 -10.45 58.91 1.48
CA ASP B 469 -9.44 58.86 2.53
C ASP B 469 -9.50 60.09 3.43
N GLU B 470 -8.84 60.00 4.59
CA GLU B 470 -8.66 61.13 5.48
C GLU B 470 -8.04 62.29 4.71
N ASN B 471 -8.20 63.51 5.23
CA ASN B 471 -8.18 64.71 4.41
C ASN B 471 -9.29 64.58 3.37
N GLY B 472 -8.92 64.33 2.11
CA GLY B 472 -9.92 64.08 1.09
C GLY B 472 -9.34 63.65 -0.25
N ILE B 473 -9.96 62.64 -0.84
CA ILE B 473 -9.61 62.14 -2.18
C ILE B 473 -10.51 60.97 -2.54
N ILE B 474 -10.68 60.72 -3.84
CA ILE B 474 -11.31 59.48 -4.27
C ILE B 474 -10.25 58.53 -4.80
N GLN B 475 -9.93 57.53 -3.99
CA GLN B 475 -9.05 56.44 -4.41
C GLN B 475 -9.92 55.19 -4.42
N ARG B 476 -9.76 54.35 -5.44
CA ARG B 476 -10.58 53.15 -5.54
C ARG B 476 -9.78 51.88 -5.35
N GLN B 477 -10.46 50.74 -5.38
CA GLN B 477 -9.82 49.44 -5.26
C GLN B 477 -10.59 48.42 -6.08
N THR B 478 -9.85 47.57 -6.78
CA THR B 478 -10.46 46.48 -7.54
C THR B 478 -9.99 45.14 -7.02
N ILE B 479 -10.85 44.44 -6.30
CA ILE B 479 -10.48 43.14 -5.71
C ILE B 479 -11.21 41.97 -6.35
N PHE B 480 -10.55 40.83 -6.39
CA PHE B 480 -11.13 39.62 -6.99
C PHE B 480 -11.47 38.57 -5.94
N ILE B 481 -12.49 37.76 -6.24
CA ILE B 481 -12.87 36.65 -5.38
C ILE B 481 -12.93 35.36 -6.20
N ARG B 482 -11.99 34.45 -5.94
CA ARG B 482 -11.87 33.22 -6.71
C ARG B 482 -12.56 32.02 -6.04
N ASP B 483 -13.03 32.23 -4.81
CA ASP B 483 -13.72 31.19 -4.05
C ASP B 483 -15.20 31.13 -4.44
N PRO B 484 -15.60 30.06 -5.13
CA PRO B 484 -16.96 29.94 -5.68
C PRO B 484 -18.02 29.84 -4.59
N ARG B 485 -17.56 29.53 -3.37
CA ARG B 485 -18.43 29.48 -2.20
C ARG B 485 -18.77 30.90 -1.73
N VAL B 486 -17.74 31.74 -1.63
CA VAL B 486 -17.92 33.15 -1.29
C VAL B 486 -18.77 33.85 -2.35
N ILE B 487 -18.52 33.50 -3.61
CA ILE B 487 -19.30 34.01 -4.73
C ILE B 487 -20.81 33.82 -4.52
N GLN B 488 -21.22 32.56 -4.34
CA GLN B 488 -22.63 32.20 -4.23
C GLN B 488 -23.34 32.98 -3.13
N GLY B 489 -22.74 33.04 -1.94
CA GLY B 489 -23.33 33.74 -0.82
C GLY B 489 -23.37 35.25 -1.00
N TYR B 490 -22.34 35.79 -1.64
CA TYR B 490 -22.26 37.21 -1.94
C TYR B 490 -23.38 37.63 -2.88
N ILE B 491 -23.39 37.05 -4.08
CA ILE B 491 -24.38 37.35 -5.12
C ILE B 491 -25.83 37.18 -4.64
N LYS B 492 -26.09 36.13 -3.86
CA LYS B 492 -27.44 35.83 -3.39
C LYS B 492 -28.03 36.95 -2.52
N ILE B 493 -27.18 37.70 -1.82
CA ILE B 493 -27.65 38.83 -1.03
C ILE B 493 -28.02 40.00 -1.95
N LYS B 494 -27.16 40.28 -2.93
CA LYS B 494 -27.41 41.34 -3.90
C LYS B 494 -28.73 41.11 -4.65
N GLU B 495 -28.86 39.94 -5.24
CA GLU B 495 -30.09 39.54 -5.93
C GLU B 495 -31.31 39.66 -5.02
N GLN B 496 -31.11 39.41 -3.73
CA GLN B 496 -32.18 39.56 -2.74
C GLN B 496 -32.42 41.03 -2.42
N ASP B 497 -31.33 41.76 -2.20
CA ASP B 497 -31.41 43.20 -1.93
C ASP B 497 -31.87 43.98 -3.15
N LYS B 498 -31.63 43.43 -4.33
CA LYS B 498 -32.13 44.02 -5.58
C LYS B 498 -33.64 43.86 -5.68
N GLU B 499 -34.16 42.79 -5.10
CA GLU B 499 -35.61 42.54 -5.06
C GLU B 499 -36.21 43.08 -3.76
N ASP B 500 -35.36 43.44 -2.81
CA ASP B 500 -35.80 43.91 -1.51
C ASP B 500 -36.29 45.35 -1.58
N VAL B 501 -36.04 46.02 -2.70
CA VAL B 501 -36.56 47.36 -2.93
C VAL B 501 -38.08 47.32 -3.04
N ASN B 502 -38.75 48.21 -2.32
CA ASN B 502 -40.22 48.25 -2.30
C ASN B 502 -40.81 48.68 -3.64
N ILE C 8 27.16 -37.70 10.54
CA ILE C 8 27.29 -36.48 11.32
C ILE C 8 26.45 -35.35 10.74
N SER C 9 26.04 -35.51 9.48
CA SER C 9 25.16 -34.54 8.81
C SER C 9 23.70 -34.87 9.12
N ASN C 10 23.23 -35.96 8.52
CA ASN C 10 21.96 -36.60 8.92
C ASN C 10 20.67 -35.82 8.59
N LEU C 11 20.80 -34.52 8.31
CA LEU C 11 19.65 -33.74 7.85
C LEU C 11 19.67 -33.59 6.34
N ASN C 12 20.63 -34.26 5.69
CA ASN C 12 20.74 -34.22 4.25
C ASN C 12 19.65 -35.01 3.55
N ILE C 13 18.93 -34.35 2.64
CA ILE C 13 17.89 -35.00 1.87
C ILE C 13 18.50 -35.74 0.68
N GLN C 14 18.21 -37.04 0.59
CA GLN C 14 18.62 -37.84 -0.55
C GLN C 14 17.36 -38.47 -1.15
N HIS C 15 17.06 -38.12 -2.39
CA HIS C 15 15.87 -38.63 -3.06
C HIS C 15 16.17 -39.96 -3.73
N SER C 16 15.13 -40.67 -4.16
CA SER C 16 15.32 -41.93 -4.87
C SER C 16 15.93 -41.66 -6.24
N GLN C 17 16.43 -42.72 -6.87
CA GLN C 17 16.99 -42.59 -8.22
C GLN C 17 16.00 -42.01 -9.25
N PRO C 18 14.75 -42.52 -9.28
CA PRO C 18 13.83 -41.97 -10.29
C PRO C 18 13.61 -40.46 -10.16
N ALA C 19 13.72 -39.93 -8.96
CA ALA C 19 13.62 -38.49 -8.76
C ALA C 19 14.84 -37.76 -9.32
N ILE C 20 16.02 -38.23 -8.94
CA ILE C 20 17.27 -37.64 -9.42
C ILE C 20 17.36 -37.73 -10.93
N ASN C 21 16.81 -38.81 -11.48
CA ASN C 21 16.80 -39.02 -12.93
C ASN C 21 15.84 -38.07 -13.64
N LEU C 22 14.95 -37.44 -12.87
CA LEU C 22 13.85 -36.65 -13.43
C LEU C 22 13.07 -37.49 -14.43
N GLN C 23 12.71 -38.70 -13.98
CA GLN C 23 11.99 -39.69 -14.78
C GLN C 23 10.71 -39.13 -15.42
N SER C 24 10.46 -39.52 -16.67
CA SER C 24 9.20 -39.19 -17.33
C SER C 24 8.19 -40.29 -17.07
N PRO C 25 6.89 -39.93 -17.03
CA PRO C 25 6.39 -38.57 -17.17
C PRO C 25 6.13 -37.95 -15.80
N PHE C 26 6.92 -38.32 -14.81
CA PHE C 26 6.74 -37.78 -13.46
C PHE C 26 7.24 -36.35 -13.38
N TYR C 27 8.08 -35.97 -14.35
CA TYR C 27 8.64 -34.64 -14.43
C TYR C 27 8.57 -34.18 -15.87
N LYS C 28 7.97 -33.03 -16.11
CA LYS C 28 7.87 -32.48 -17.46
C LYS C 28 8.36 -31.04 -17.47
N VAL C 29 8.86 -30.60 -18.62
CA VAL C 29 9.27 -29.21 -18.78
C VAL C 29 8.09 -28.31 -18.52
N ALA C 30 6.93 -28.70 -19.07
CA ALA C 30 5.69 -27.97 -18.84
C ALA C 30 4.52 -28.95 -18.75
N VAL C 31 3.60 -28.67 -17.84
CA VAL C 31 2.43 -29.54 -17.64
C VAL C 31 1.20 -28.86 -18.22
N PRO C 32 0.20 -29.66 -18.64
CA PRO C 32 -1.02 -29.08 -19.23
C PRO C 32 -1.76 -28.18 -18.25
N ARG C 33 -2.51 -27.20 -18.77
CA ARG C 33 -3.20 -26.23 -17.93
C ARG C 33 -4.05 -26.90 -16.85
N TYR C 34 -4.66 -28.03 -17.20
CA TYR C 34 -5.52 -28.75 -16.27
C TYR C 34 -4.82 -29.00 -14.95
N GLN C 35 -3.55 -29.39 -15.04
CA GLN C 35 -2.78 -29.80 -13.87
C GLN C 35 -2.25 -28.63 -13.07
N LEU C 36 -2.35 -27.43 -13.63
CA LEU C 36 -2.04 -26.22 -12.87
C LEU C 36 -3.31 -25.73 -12.18
N ARG C 37 -4.45 -25.87 -12.87
CA ARG C 37 -5.71 -25.40 -12.33
C ARG C 37 -6.19 -26.34 -11.24
N HIS C 38 -6.04 -27.64 -11.47
CA HIS C 38 -6.23 -28.63 -10.41
C HIS C 38 -4.87 -29.12 -9.94
N PHE C 39 -4.26 -28.38 -9.04
CA PHE C 39 -2.88 -28.65 -8.63
C PHE C 39 -2.80 -29.85 -7.69
N HIS C 40 -2.03 -30.85 -8.11
CA HIS C 40 -1.88 -32.11 -7.38
C HIS C 40 -3.23 -32.77 -7.11
N ARG C 41 -4.19 -32.50 -8.00
CA ARG C 41 -5.53 -33.05 -7.85
C ARG C 41 -6.03 -33.64 -9.16
N GLU C 42 -5.88 -34.96 -9.32
CA GLU C 42 -6.31 -35.63 -10.54
C GLU C 42 -7.68 -36.28 -10.32
N ASN C 43 -8.49 -36.35 -11.37
CA ASN C 43 -9.80 -36.98 -11.28
C ASN C 43 -9.72 -38.48 -11.56
N PHE C 44 -9.93 -39.28 -10.52
CA PHE C 44 -9.74 -40.73 -10.63
C PHE C 44 -10.78 -41.36 -11.55
N GLY C 45 -12.02 -40.91 -11.46
CA GLY C 45 -13.09 -41.51 -12.23
C GLY C 45 -13.04 -41.20 -13.72
N SER C 46 -12.20 -40.27 -14.10
CA SER C 46 -12.06 -39.90 -15.51
C SER C 46 -11.07 -40.82 -16.21
N HIS C 47 -10.20 -41.45 -15.42
CA HIS C 47 -9.16 -42.30 -15.98
C HIS C 47 -9.48 -43.80 -15.90
N ILE C 48 -10.72 -44.12 -15.55
CA ILE C 48 -11.16 -45.51 -15.51
C ILE C 48 -12.47 -45.70 -16.28
N ARG C 49 -12.46 -46.58 -17.29
CA ARG C 49 -13.60 -46.75 -18.19
C ARG C 49 -14.78 -47.41 -17.49
N PRO C 50 -16.00 -46.87 -17.69
CA PRO C 50 -17.22 -47.41 -17.08
C PRO C 50 -17.41 -48.89 -17.34
N GLY C 51 -17.84 -49.64 -16.33
CA GLY C 51 -18.01 -51.07 -16.45
C GLY C 51 -16.80 -51.86 -16.02
N THR C 52 -15.67 -51.17 -15.82
CA THR C 52 -14.44 -51.85 -15.38
C THR C 52 -14.66 -52.43 -13.99
N LYS C 53 -14.29 -53.70 -13.82
CA LYS C 53 -14.46 -54.37 -12.54
C LYS C 53 -13.13 -54.41 -11.78
N ILE C 54 -13.14 -53.87 -10.57
CA ILE C 54 -11.94 -53.81 -9.76
C ILE C 54 -11.79 -55.01 -8.85
N VAL C 55 -10.71 -55.77 -9.03
CA VAL C 55 -10.39 -56.87 -8.14
C VAL C 55 -9.02 -56.63 -7.51
N PHE C 56 -8.95 -56.71 -6.18
CA PHE C 56 -7.72 -56.38 -5.48
C PHE C 56 -6.72 -57.54 -5.51
N SER C 57 -5.44 -57.20 -5.60
CA SER C 57 -4.39 -58.19 -5.79
C SER C 57 -3.51 -58.32 -4.54
N LYS C 58 -2.82 -59.45 -4.45
CA LYS C 58 -1.97 -59.74 -3.31
C LYS C 58 -0.81 -58.76 -3.23
N LEU C 59 -0.47 -58.35 -2.02
CA LEU C 59 0.65 -57.44 -1.83
C LEU C 59 1.98 -58.17 -1.89
N LYS C 60 2.88 -57.71 -2.76
CA LYS C 60 4.25 -58.21 -2.77
C LYS C 60 4.86 -57.90 -1.41
N ALA C 61 5.84 -58.69 -0.99
CA ALA C 61 6.36 -58.55 0.36
C ALA C 61 7.71 -57.83 0.40
N ARG C 62 7.91 -57.03 1.44
CA ARG C 62 9.17 -56.31 1.63
C ARG C 62 9.92 -56.91 2.81
N LYS C 63 10.98 -57.66 2.52
CA LYS C 63 11.80 -58.26 3.56
C LYS C 63 12.70 -57.22 4.20
N ARG C 64 12.76 -57.20 5.53
CA ARG C 64 13.59 -56.24 6.26
C ARG C 64 15.05 -56.35 5.86
N LYS C 65 15.46 -57.55 5.43
CA LYS C 65 16.83 -57.79 5.00
C LYS C 65 17.16 -57.07 3.69
N ARG C 66 16.13 -56.82 2.89
CA ARG C 66 16.29 -56.15 1.60
C ARG C 66 16.87 -54.73 1.72
N ASP C 67 16.24 -53.91 2.56
CA ASP C 67 16.63 -52.51 2.68
C ASP C 67 17.51 -52.24 3.89
N LYS C 68 17.86 -53.30 4.61
CA LYS C 68 18.68 -53.16 5.81
C LYS C 68 20.04 -52.54 5.48
N GLY C 69 20.36 -51.45 6.15
CA GLY C 69 21.62 -50.75 5.92
C GLY C 69 21.76 -50.23 4.50
N LYS C 70 20.65 -49.75 3.94
CA LYS C 70 20.64 -49.27 2.55
C LYS C 70 20.34 -47.77 2.45
N ASP C 71 21.02 -47.10 1.53
CA ASP C 71 20.75 -45.69 1.25
C ASP C 71 19.40 -45.54 0.56
N VAL C 72 18.88 -44.32 0.51
CA VAL C 72 17.61 -44.03 -0.15
C VAL C 72 17.74 -44.35 -1.64
N LYS C 73 18.86 -43.93 -2.23
CA LYS C 73 19.20 -44.23 -3.62
C LYS C 73 19.09 -45.72 -3.91
N GLU C 74 19.65 -46.52 -2.99
CA GLU C 74 19.72 -47.98 -3.15
C GLU C 74 18.37 -48.65 -2.90
N SER C 75 17.73 -48.30 -1.80
CA SER C 75 16.46 -48.90 -1.41
C SER C 75 15.42 -48.75 -2.51
N PHE C 76 15.40 -47.57 -3.11
CA PHE C 76 14.53 -47.31 -4.26
C PHE C 76 15.37 -46.87 -5.45
N SER C 77 15.79 -47.81 -6.28
CA SER C 77 16.59 -47.50 -7.46
C SER C 77 15.72 -47.48 -8.71
N THR C 78 14.44 -47.76 -8.54
CA THR C 78 13.52 -47.86 -9.67
C THR C 78 12.09 -47.48 -9.28
N SER C 79 11.27 -47.17 -10.29
CA SER C 79 9.89 -46.78 -10.05
C SER C 79 9.07 -47.87 -9.37
N GLN C 80 9.47 -49.12 -9.55
CA GLN C 80 8.72 -50.24 -8.97
C GLN C 80 9.04 -50.41 -7.49
N ASP C 81 10.14 -49.84 -7.05
CA ASP C 81 10.49 -49.85 -5.62
C ASP C 81 9.56 -48.91 -4.85
N LEU C 82 8.96 -47.97 -5.58
CA LEU C 82 8.10 -46.96 -4.97
C LEU C 82 6.63 -47.36 -5.05
N THR C 83 6.37 -48.64 -5.31
CA THR C 83 5.00 -49.13 -5.40
C THR C 83 4.31 -49.17 -4.03
N ILE C 84 3.00 -49.06 -4.03
CA ILE C 84 2.21 -49.19 -2.81
C ILE C 84 1.73 -50.65 -2.73
N GLY C 85 2.07 -51.42 -3.76
CA GLY C 85 1.77 -52.83 -3.79
C GLY C 85 2.70 -53.68 -2.94
N ASP C 86 3.50 -53.06 -2.07
CA ASP C 86 4.29 -53.83 -1.12
C ASP C 86 3.78 -53.71 0.31
N THR C 87 4.57 -54.20 1.27
CA THR C 87 4.14 -54.26 2.67
C THR C 87 4.78 -53.15 3.51
N ALA C 88 5.56 -52.30 2.85
CA ALA C 88 6.17 -51.15 3.52
C ALA C 88 5.08 -50.24 4.09
N PRO C 89 5.32 -49.69 5.29
CA PRO C 89 4.34 -48.83 5.96
C PRO C 89 3.95 -47.64 5.08
N VAL C 90 2.69 -47.23 5.16
CA VAL C 90 2.20 -46.09 4.39
C VAL C 90 1.94 -44.90 5.30
N TYR C 91 2.50 -43.74 4.93
CA TYR C 91 2.28 -42.52 5.71
C TYR C 91 1.43 -41.54 4.90
N LEU C 92 0.26 -41.18 5.42
CA LEU C 92 -0.56 -40.16 4.77
C LEU C 92 -0.34 -38.79 5.40
N MSE C 93 0.21 -37.87 4.62
CA MSE C 93 0.37 -36.50 5.06
C MSE C 93 -0.76 -35.65 4.49
O MSE C 93 -0.83 -35.45 3.28
CB MSE C 93 1.73 -35.94 4.60
CG MSE C 93 2.89 -36.90 4.74
SE MSE C 93 3.13 -37.62 6.53
CE MSE C 93 4.10 -36.13 7.30
N GLU C 94 -1.64 -35.16 5.36
CA GLU C 94 -2.77 -34.34 4.93
C GLU C 94 -2.52 -32.88 5.28
N TYR C 95 -2.48 -32.03 4.27
CA TYR C 95 -2.21 -30.62 4.46
C TYR C 95 -3.44 -29.84 4.93
N SER C 96 -3.25 -29.02 5.96
CA SER C 96 -4.33 -28.20 6.51
C SER C 96 -4.56 -26.99 5.62
N GLU C 97 -3.55 -26.68 4.80
CA GLU C 97 -3.63 -25.56 3.86
C GLU C 97 -4.25 -26.05 2.57
N GLN C 98 -5.17 -25.26 2.01
CA GLN C 98 -5.72 -25.54 0.69
C GLN C 98 -4.62 -25.39 -0.36
N THR C 99 -3.72 -24.44 -0.15
CA THR C 99 -2.63 -24.20 -1.09
C THR C 99 -1.28 -24.10 -0.38
N PRO C 100 -0.64 -25.26 -0.14
CA PRO C 100 0.67 -25.29 0.52
C PRO C 100 1.71 -24.64 -0.36
N VAL C 101 2.81 -24.18 0.23
CA VAL C 101 3.82 -23.45 -0.51
C VAL C 101 4.42 -24.33 -1.60
N ALA C 102 4.81 -25.54 -1.22
CA ALA C 102 5.39 -26.49 -2.16
C ALA C 102 4.90 -27.91 -1.88
N LEU C 103 5.01 -28.79 -2.87
CA LEU C 103 4.65 -30.20 -2.68
C LEU C 103 5.70 -31.06 -3.36
N SER C 104 5.86 -32.30 -2.90
CA SER C 104 6.86 -33.17 -3.49
C SER C 104 6.29 -33.84 -4.74
N LYS C 105 7.16 -34.16 -5.69
CA LYS C 105 6.78 -34.93 -6.85
C LYS C 105 7.13 -36.39 -6.60
N PHE C 106 7.32 -37.18 -7.64
CA PHE C 106 7.53 -38.61 -7.45
C PHE C 106 8.85 -38.94 -6.75
N GLY C 107 8.73 -39.32 -5.48
CA GLY C 107 9.81 -39.66 -4.57
C GLY C 107 11.25 -39.31 -4.92
N MSE C 108 11.76 -38.10 -4.62
CA MSE C 108 11.18 -37.06 -3.74
C MSE C 108 10.93 -37.54 -2.30
O MSE C 108 9.85 -38.02 -1.98
CB MSE C 108 9.95 -36.35 -4.35
CG MSE C 108 10.22 -35.37 -5.52
SE MSE C 108 10.83 -33.56 -5.04
CE MSE C 108 9.79 -32.55 -6.29
N ALA C 109 11.95 -37.41 -1.45
CA ALA C 109 11.87 -37.90 -0.07
C ALA C 109 11.75 -36.78 0.98
N ASN C 110 10.83 -36.97 1.91
CA ASN C 110 10.69 -36.10 3.09
C ASN C 110 11.29 -36.78 4.31
N LYS C 111 11.91 -36.00 5.18
CA LYS C 111 12.34 -36.52 6.48
C LYS C 111 11.34 -36.18 7.59
N LEU C 112 10.97 -37.19 8.38
CA LEU C 112 10.12 -36.99 9.55
C LEU C 112 11.02 -36.77 10.75
N ILE C 113 11.08 -35.53 11.23
CA ILE C 113 12.03 -35.16 12.26
C ILE C 113 11.33 -34.86 13.59
N ASN C 114 11.81 -35.52 14.65
CA ASN C 114 11.36 -35.18 15.99
C ASN C 114 12.43 -34.31 16.65
N TYR C 115 12.16 -33.01 16.73
CA TYR C 115 13.12 -32.06 17.30
C TYR C 115 13.03 -32.03 18.81
N TYR C 116 14.14 -32.30 19.49
CA TYR C 116 14.22 -32.14 20.93
C TYR C 116 15.18 -31.01 21.28
N ARG C 117 14.80 -30.20 22.26
CA ARG C 117 15.66 -29.13 22.74
C ARG C 117 16.09 -29.38 24.18
N LYS C 118 17.39 -29.22 24.43
CA LYS C 118 17.94 -29.43 25.77
C LYS C 118 17.24 -28.56 26.81
N ALA C 119 16.80 -29.20 27.90
CA ALA C 119 16.21 -28.47 29.03
C ALA C 119 17.26 -27.60 29.71
N ASN C 120 18.53 -27.99 29.54
CA ASN C 120 19.65 -27.24 30.11
CA ASN C 120 19.65 -27.23 30.11
C ASN C 120 20.96 -27.56 29.40
N GLU C 121 21.94 -26.67 29.52
CA GLU C 121 23.23 -26.82 28.85
C GLU C 121 23.93 -28.15 29.22
N GLN C 122 23.59 -28.66 30.40
CA GLN C 122 24.15 -29.91 30.89
C GLN C 122 23.49 -31.12 30.25
N ASP C 123 22.21 -31.31 30.56
CA ASP C 123 21.44 -32.49 30.16
C ASP C 123 21.58 -32.89 28.69
N THR C 124 21.77 -34.18 28.46
CA THR C 124 21.74 -34.76 27.13
C THR C 124 20.98 -36.08 27.14
N LEU C 125 19.75 -36.04 26.67
CA LEU C 125 18.99 -37.26 26.40
C LEU C 125 18.77 -37.30 24.89
N ARG C 126 18.23 -38.40 24.41
CA ARG C 126 17.82 -38.50 23.01
C ARG C 126 16.51 -39.26 22.93
N PRO C 127 15.40 -38.59 23.31
CA PRO C 127 14.10 -39.26 23.39
C PRO C 127 13.72 -39.84 22.04
N LYS C 128 12.92 -40.89 22.03
CA LYS C 128 12.54 -41.53 20.77
C LYS C 128 11.04 -41.78 20.71
N LEU C 129 10.48 -41.58 19.52
CA LEU C 129 9.07 -41.86 19.28
C LEU C 129 9.01 -43.04 18.32
N PRO C 130 7.87 -43.76 18.28
CA PRO C 130 7.66 -44.90 17.38
C PRO C 130 8.11 -44.61 15.96
N VAL C 131 7.74 -43.44 15.44
CA VAL C 131 8.12 -43.03 14.09
C VAL C 131 8.89 -41.72 14.10
N GLY C 132 9.76 -41.55 13.10
CA GLY C 132 10.51 -40.32 12.93
C GLY C 132 11.90 -40.34 13.54
N GLU C 133 12.82 -39.61 12.90
CA GLU C 133 14.17 -39.44 13.40
C GLU C 133 14.18 -38.39 14.50
N THR C 134 15.03 -38.56 15.50
CA THR C 134 15.14 -37.55 16.55
C THR C 134 16.40 -36.71 16.38
N HIS C 135 16.24 -35.39 16.39
CA HIS C 135 17.36 -34.48 16.28
CA HIS C 135 17.36 -34.45 16.26
C HIS C 135 17.38 -33.54 17.49
N VAL C 136 18.58 -33.29 18.00
CA VAL C 136 18.69 -32.50 19.23
C VAL C 136 19.27 -31.11 19.00
N LEU C 137 18.75 -30.12 19.73
CA LEU C 137 19.18 -28.74 19.57
C LEU C 137 19.83 -28.23 20.85
N GLY C 138 20.94 -27.51 20.70
CA GLY C 138 21.57 -26.86 21.85
C GLY C 138 20.65 -25.77 22.37
N VAL C 139 20.87 -25.33 23.60
CA VAL C 139 20.01 -24.32 24.22
C VAL C 139 20.19 -22.95 23.57
N GLN C 140 21.27 -22.79 22.82
CA GLN C 140 21.52 -21.56 22.10
C GLN C 140 21.28 -21.72 20.60
N ASP C 141 20.92 -22.93 20.18
CA ASP C 141 20.65 -23.24 18.76
C ASP C 141 19.42 -22.50 18.25
N LYS C 142 19.48 -22.01 17.01
CA LYS C 142 18.34 -21.34 16.40
C LYS C 142 17.22 -22.34 16.11
N SER C 143 15.98 -21.92 16.32
CA SER C 143 14.82 -22.76 16.04
C SER C 143 14.71 -23.06 14.56
N PRO C 144 14.39 -24.32 14.21
CA PRO C 144 14.25 -24.72 12.81
C PRO C 144 13.08 -24.03 12.15
N PHE C 145 12.21 -23.41 12.94
CA PHE C 145 11.12 -22.61 12.43
C PHE C 145 11.43 -21.13 12.57
N TRP C 146 12.72 -20.80 12.66
CA TRP C 146 13.15 -19.41 12.74
C TRP C 146 12.42 -18.68 13.87
N ASN C 147 11.93 -17.47 13.58
CA ASN C 147 11.27 -16.67 14.60
C ASN C 147 9.77 -16.87 14.66
N PHE C 148 9.27 -17.83 13.89
CA PHE C 148 7.82 -18.02 13.80
C PHE C 148 7.34 -19.24 14.57
N GLY C 149 8.20 -20.23 14.72
CA GLY C 149 7.86 -21.39 15.51
C GLY C 149 8.79 -21.61 16.68
N PHE C 150 8.44 -22.56 17.52
CA PHE C 150 9.22 -22.84 18.72
C PHE C 150 9.30 -24.32 19.01
N VAL C 151 10.52 -24.81 19.20
CA VAL C 151 10.70 -26.10 19.84
C VAL C 151 11.23 -25.80 21.25
N GLU C 152 10.39 -26.06 22.24
CA GLU C 152 10.63 -25.61 23.62
C GLU C 152 11.59 -26.55 24.35
N PRO C 153 12.38 -26.01 25.28
CA PRO C 153 13.34 -26.82 26.05
C PRO C 153 12.65 -28.00 26.71
N GLY C 154 13.17 -29.20 26.47
CA GLY C 154 12.58 -30.41 27.02
C GLY C 154 11.30 -30.81 26.31
N HIS C 155 11.06 -30.25 25.13
CA HIS C 155 9.89 -30.63 24.36
C HIS C 155 10.29 -31.28 23.03
N ILE C 156 9.35 -32.03 22.46
CA ILE C 156 9.57 -32.65 21.14
C ILE C 156 8.51 -32.21 20.14
N VAL C 157 8.96 -31.60 19.05
CA VAL C 157 8.05 -31.19 17.99
C VAL C 157 8.31 -32.00 16.73
N PRO C 158 7.44 -32.97 16.44
CA PRO C 158 7.58 -33.71 15.18
C PRO C 158 7.33 -32.79 13.98
N THR C 159 8.26 -32.77 13.03
CA THR C 159 8.17 -31.83 11.91
C THR C 159 8.39 -32.49 10.55
N LEU C 160 7.91 -31.86 9.48
CA LEU C 160 8.21 -32.34 8.13
C LEU C 160 9.39 -31.54 7.60
N TYR C 161 10.33 -32.21 6.93
CA TYR C 161 11.58 -31.59 6.53
C TYR C 161 11.98 -31.93 5.09
N ASN C 162 12.05 -30.90 4.26
CA ASN C 162 12.72 -31.01 2.96
C ASN C 162 13.46 -29.72 2.61
N ASN C 163 14.03 -29.67 1.41
CA ASN C 163 14.82 -28.52 1.00
C ASN C 163 13.90 -27.38 0.60
N MSE C 164 12.65 -27.75 0.33
CA MSE C 164 11.57 -26.79 0.18
C MSE C 164 11.06 -26.52 1.59
O MSE C 164 11.88 -26.47 2.51
CB MSE C 164 10.51 -27.37 -0.76
CG MSE C 164 11.13 -27.89 -2.06
SE MSE C 164 9.88 -28.66 -3.34
CE MSE C 164 9.44 -30.30 -2.38
N ILE C 165 9.76 -26.40 1.80
CA ILE C 165 9.23 -26.01 3.11
C ILE C 165 9.61 -26.85 4.34
N ARG C 166 9.36 -26.29 5.54
CA ARG C 166 9.31 -27.06 6.79
C ARG C 166 7.94 -26.83 7.43
N ALA C 167 7.42 -27.85 8.12
CA ALA C 167 6.12 -27.72 8.76
C ALA C 167 5.98 -28.67 9.94
N PRO C 168 5.31 -28.21 11.01
CA PRO C 168 5.02 -29.09 12.13
C PRO C 168 3.92 -30.08 11.77
N VAL C 169 4.10 -31.36 12.12
CA VAL C 169 3.08 -32.36 11.83
C VAL C 169 2.41 -32.84 13.10
N PHE C 170 1.21 -33.41 12.95
CA PHE C 170 0.42 -33.84 14.09
C PHE C 170 -0.21 -35.20 13.81
N LYS C 171 0.28 -36.23 14.49
CA LYS C 171 -0.19 -37.59 14.24
C LYS C 171 -1.62 -37.77 14.73
N HIS C 172 -2.43 -38.46 13.94
CA HIS C 172 -3.81 -38.75 14.32
C HIS C 172 -4.22 -40.15 13.87
N ASP C 173 -5.34 -40.64 14.40
CA ASP C 173 -5.82 -41.96 14.03
C ASP C 173 -6.79 -41.85 12.87
N ILE C 174 -6.78 -42.83 11.98
CA ILE C 174 -7.76 -42.89 10.90
C ILE C 174 -9.02 -43.58 11.42
N SER C 175 -10.17 -43.16 10.91
CA SER C 175 -11.41 -43.90 11.17
C SER C 175 -11.22 -45.29 10.59
N GLY C 176 -11.81 -46.29 11.23
CA GLY C 176 -11.67 -47.67 10.77
C GLY C 176 -12.26 -47.87 9.39
N THR C 177 -13.23 -47.03 9.04
CA THR C 177 -13.94 -47.13 7.77
C THR C 177 -13.08 -46.76 6.57
N ASP C 178 -12.00 -46.02 6.80
CA ASP C 178 -11.21 -45.45 5.70
C ASP C 178 -10.05 -46.35 5.24
N PHE C 179 -9.98 -46.60 3.93
CA PHE C 179 -8.90 -47.41 3.35
C PHE C 179 -8.24 -46.72 2.17
N LEU C 180 -7.05 -47.18 1.79
CA LEU C 180 -6.35 -46.63 0.63
C LEU C 180 -6.48 -47.55 -0.59
N LEU C 181 -7.24 -47.10 -1.58
CA LEU C 181 -7.36 -47.82 -2.85
C LEU C 181 -6.23 -47.35 -3.78
N THR C 182 -5.66 -48.28 -4.54
CA THR C 182 -4.57 -47.94 -5.45
C THR C 182 -4.70 -48.62 -6.80
N LYS C 183 -4.74 -47.85 -7.88
CA LYS C 183 -4.59 -48.42 -9.21
C LYS C 183 -3.10 -48.41 -9.54
N SER C 184 -2.62 -49.47 -10.19
CA SER C 184 -1.21 -49.57 -10.55
C SER C 184 -1.03 -50.27 -11.88
N SER C 185 -0.10 -49.77 -12.69
CA SER C 185 0.18 -50.33 -14.00
C SER C 185 1.61 -50.04 -14.41
N GLY C 186 2.14 -50.82 -15.35
CA GLY C 186 3.51 -50.62 -15.81
C GLY C 186 4.44 -51.79 -15.51
N PHE C 187 5.70 -51.63 -15.93
CA PHE C 187 6.71 -52.71 -15.88
C PHE C 187 6.26 -53.93 -16.67
N GLY C 188 5.57 -53.68 -17.78
CA GLY C 188 5.03 -54.74 -18.61
C GLY C 188 3.69 -55.25 -18.13
N ILE C 189 3.45 -55.14 -16.82
CA ILE C 189 2.24 -55.65 -16.19
C ILE C 189 1.06 -54.69 -16.36
N SER C 190 -0.13 -55.24 -16.58
CA SER C 190 -1.34 -54.45 -16.79
CA SER C 190 -1.32 -54.42 -16.80
C SER C 190 -1.87 -53.84 -15.48
N ASN C 191 -3.05 -53.25 -15.55
CA ASN C 191 -3.68 -52.63 -14.40
C ASN C 191 -3.88 -53.57 -13.22
N ARG C 192 -3.55 -53.11 -12.03
CA ARG C 192 -3.67 -53.92 -10.81
CA ARG C 192 -3.71 -53.91 -10.83
C ARG C 192 -4.10 -53.05 -9.65
N PHE C 193 -4.96 -53.59 -8.78
CA PHE C 193 -5.45 -52.81 -7.65
C PHE C 193 -5.03 -53.36 -6.31
N TYR C 194 -4.81 -52.48 -5.35
CA TYR C 194 -4.44 -52.91 -4.00
C TYR C 194 -5.26 -52.14 -2.97
N LEU C 195 -6.05 -52.86 -2.19
CA LEU C 195 -6.73 -52.28 -1.04
C LEU C 195 -5.89 -52.56 0.19
N ARG C 196 -5.60 -51.53 1.00
CA ARG C 196 -4.82 -51.75 2.21
C ARG C 196 -5.07 -50.70 3.30
N ASN C 197 -4.74 -51.06 4.53
CA ASN C 197 -4.90 -50.17 5.66
C ASN C 197 -3.86 -49.06 5.66
N ILE C 198 -4.20 -47.94 6.29
CA ILE C 198 -3.28 -46.81 6.38
C ILE C 198 -2.47 -46.96 7.66
N ASN C 199 -1.18 -47.18 7.52
CA ASN C 199 -0.31 -47.36 8.67
C ASN C 199 -0.29 -46.12 9.56
N HIS C 200 0.07 -44.98 8.99
CA HIS C 200 0.11 -43.75 9.77
C HIS C 200 -0.60 -42.59 9.08
N LEU C 201 -1.07 -41.63 9.87
CA LEU C 201 -1.72 -40.43 9.35
C LEU C 201 -1.21 -39.21 10.09
N PHE C 202 -0.66 -38.26 9.34
CA PHE C 202 -0.21 -37.01 9.92
C PHE C 202 -0.97 -35.84 9.32
N THR C 203 -1.25 -34.83 10.12
CA THR C 203 -1.82 -33.60 9.62
C THR C 203 -0.70 -32.58 9.52
N VAL C 204 -0.46 -32.06 8.32
CA VAL C 204 0.62 -31.10 8.13
C VAL C 204 0.14 -29.70 8.50
N GLY C 205 0.94 -28.99 9.28
CA GLY C 205 0.60 -27.65 9.71
C GLY C 205 0.99 -26.63 8.66
N GLN C 206 1.07 -25.36 9.06
CA GLN C 206 1.45 -24.31 8.14
C GLN C 206 2.82 -24.62 7.54
N THR C 207 2.95 -24.47 6.22
CA THR C 207 4.23 -24.67 5.55
C THR C 207 5.09 -23.41 5.55
N PHE C 208 6.30 -23.49 6.10
CA PHE C 208 7.22 -22.37 6.10
C PHE C 208 8.26 -22.60 5.02
N PRO C 209 8.45 -21.60 4.14
CA PRO C 209 9.36 -21.77 2.99
C PRO C 209 10.84 -21.66 3.38
N VAL C 210 11.65 -22.60 2.88
CA VAL C 210 13.09 -22.56 3.08
C VAL C 210 13.72 -21.76 1.95
N GLU C 211 13.11 -21.88 0.78
CA GLU C 211 13.52 -21.14 -0.42
C GLU C 211 12.31 -20.43 -1.03
N GLU C 212 12.56 -19.28 -1.65
CA GLU C 212 11.51 -18.55 -2.34
C GLU C 212 11.00 -19.37 -3.51
N ILE C 213 9.72 -19.21 -3.83
CA ILE C 213 9.19 -19.70 -5.09
C ILE C 213 9.57 -18.64 -6.12
N PRO C 214 10.16 -19.05 -7.25
CA PRO C 214 10.65 -18.07 -8.25
C PRO C 214 9.51 -17.27 -8.86
N GLY C 215 9.81 -16.04 -9.28
CA GLY C 215 8.82 -15.19 -9.92
C GLY C 215 8.81 -15.38 -11.42
N PRO C 216 7.78 -14.83 -12.09
CA PRO C 216 7.57 -15.08 -13.52
C PRO C 216 8.65 -14.43 -14.39
N ASN C 217 9.29 -13.40 -13.86
CA ASN C 217 10.34 -12.70 -14.59
C ASN C 217 11.74 -13.08 -14.11
N SER C 218 11.83 -14.18 -13.36
CA SER C 218 13.11 -14.60 -12.78
C SER C 218 14.00 -15.26 -13.82
N ARG C 219 15.30 -14.94 -13.76
CA ARG C 219 16.27 -15.54 -14.67
C ARG C 219 16.51 -16.99 -14.29
N LYS C 220 16.31 -17.32 -13.02
CA LYS C 220 16.50 -18.69 -12.54
C LYS C 220 15.63 -19.69 -13.31
N VAL C 221 14.38 -19.31 -13.56
CA VAL C 221 13.47 -20.11 -14.37
C VAL C 221 13.92 -20.18 -15.83
N THR C 222 14.27 -19.02 -16.39
CA THR C 222 14.67 -18.92 -17.79
C THR C 222 15.88 -19.79 -18.09
N SER C 223 16.83 -19.82 -17.16
CA SER C 223 18.09 -20.52 -17.36
C SER C 223 17.93 -22.04 -17.42
N MSE C 224 16.76 -22.55 -17.06
CA MSE C 224 16.56 -24.00 -17.00
C MSE C 224 16.49 -24.62 -18.38
O MSE C 224 16.98 -25.73 -18.59
CB MSE C 224 15.29 -24.33 -16.21
CG MSE C 224 15.30 -23.81 -14.78
SE MSE C 224 14.00 -24.73 -13.68
CE MSE C 224 12.55 -24.84 -14.98
N LYS C 225 15.89 -23.92 -19.34
CA LYS C 225 15.86 -24.40 -20.73
C LYS C 225 17.29 -24.52 -21.26
N ALA C 226 18.12 -23.55 -20.91
CA ALA C 226 19.52 -23.58 -21.32
C ALA C 226 20.25 -24.73 -20.65
N THR C 227 19.93 -25.00 -19.39
CA THR C 227 20.56 -26.09 -18.67
C THR C 227 20.14 -27.44 -19.26
N ARG C 228 18.84 -27.60 -19.47
CA ARG C 228 18.27 -28.81 -20.06
C ARG C 228 18.93 -29.14 -21.40
N LEU C 229 19.13 -28.11 -22.20
CA LEU C 229 19.85 -28.24 -23.46
C LEU C 229 21.23 -28.83 -23.22
N LYS C 230 22.02 -28.11 -22.44
CA LYS C 230 23.36 -28.52 -22.04
C LYS C 230 23.37 -29.94 -21.45
N MSE C 231 22.34 -30.28 -20.67
CA MSE C 231 22.20 -31.64 -20.13
C MSE C 231 22.17 -32.67 -21.25
O MSE C 231 22.81 -33.72 -21.16
CB MSE C 231 20.94 -31.79 -19.28
CG MSE C 231 20.90 -30.96 -18.01
SE MSE C 231 19.50 -31.55 -16.79
CE MSE C 231 18.05 -31.77 -18.08
N ILE C 232 21.41 -32.37 -22.29
CA ILE C 232 21.22 -33.28 -23.42
C ILE C 232 22.50 -33.46 -24.23
N ILE C 233 23.19 -32.35 -24.49
CA ILE C 233 24.44 -32.39 -25.26
C ILE C 233 25.53 -33.23 -24.56
N TYR C 234 25.69 -33.02 -23.25
CA TYR C 234 26.63 -33.82 -22.47
C TYR C 234 26.28 -35.30 -22.55
N ARG C 235 24.99 -35.60 -22.63
CA ARG C 235 24.54 -36.98 -22.71
C ARG C 235 24.85 -37.61 -24.06
N ILE C 236 24.85 -36.78 -25.11
CA ILE C 236 25.26 -37.22 -26.44
C ILE C 236 26.75 -37.56 -26.45
N LEU C 237 27.57 -36.62 -25.99
CA LEU C 237 29.03 -36.76 -25.98
C LEU C 237 29.49 -38.02 -25.25
N ASN C 238 28.90 -38.30 -24.09
CA ASN C 238 29.30 -39.46 -23.29
C ASN C 238 28.93 -40.79 -23.95
N HIS C 239 27.99 -40.73 -24.89
CA HIS C 239 27.53 -41.92 -25.60
C HIS C 239 28.22 -42.07 -26.95
N ASN C 240 28.98 -41.04 -27.35
CA ASN C 240 29.41 -40.90 -28.73
C ASN C 240 30.87 -41.26 -29.06
N HIS C 241 31.54 -41.99 -28.17
CA HIS C 241 32.95 -42.34 -28.37
C HIS C 241 33.80 -41.10 -28.61
N SER C 242 34.14 -40.88 -29.88
CA SER C 242 34.93 -39.71 -30.31
C SER C 242 34.27 -38.39 -29.89
N LYS C 243 35.10 -37.42 -29.54
CA LYS C 243 34.67 -36.20 -28.88
C LYS C 243 33.95 -35.20 -29.79
N ALA C 244 33.96 -35.47 -31.10
CA ALA C 244 33.24 -34.64 -32.05
C ALA C 244 31.84 -35.21 -32.27
N ILE C 245 30.83 -34.36 -32.22
CA ILE C 245 29.44 -34.83 -32.22
C ILE C 245 28.49 -34.02 -33.09
N SER C 246 27.46 -34.69 -33.59
CA SER C 246 26.42 -34.02 -34.37
C SER C 246 25.40 -33.34 -33.48
N ILE C 247 24.84 -32.23 -33.99
CA ILE C 247 23.88 -31.43 -33.24
C ILE C 247 22.47 -32.01 -33.39
N ASP C 248 22.31 -32.93 -34.34
CA ASP C 248 21.00 -33.46 -34.76
C ASP C 248 19.98 -33.81 -33.66
N PRO C 249 20.38 -34.57 -32.62
CA PRO C 249 19.39 -34.97 -31.60
C PRO C 249 18.70 -33.83 -30.83
N ILE C 250 19.27 -32.62 -30.87
CA ILE C 250 18.63 -31.48 -30.20
C ILE C 250 17.40 -31.00 -30.96
N ALA C 251 17.17 -31.58 -32.13
CA ALA C 251 16.01 -31.23 -32.95
C ALA C 251 14.73 -31.80 -32.34
N LYS C 252 14.68 -33.11 -32.19
CA LYS C 252 13.49 -33.79 -31.69
C LYS C 252 13.11 -33.37 -30.27
N HIS C 253 14.11 -33.10 -29.44
CA HIS C 253 13.88 -32.84 -28.02
C HIS C 253 13.35 -31.44 -27.73
N PHE C 254 13.43 -30.57 -28.74
CA PHE C 254 12.90 -29.23 -28.60
C PHE C 254 11.87 -28.97 -29.70
N PRO C 255 11.00 -27.97 -29.51
CA PRO C 255 10.04 -27.64 -30.57
C PRO C 255 10.78 -27.31 -31.87
N ASP C 256 10.19 -27.67 -33.01
CA ASP C 256 10.85 -27.45 -34.30
C ASP C 256 11.05 -25.95 -34.58
N GLN C 257 10.29 -25.13 -33.88
CA GLN C 257 10.37 -23.67 -34.02
C GLN C 257 11.65 -23.11 -33.44
N ASP C 258 12.12 -23.69 -32.33
CA ASP C 258 13.24 -23.13 -31.58
C ASP C 258 14.59 -23.72 -32.00
N TYR C 259 14.59 -24.62 -32.97
CA TYR C 259 15.82 -25.32 -33.37
C TYR C 259 16.98 -24.40 -33.77
N GLY C 260 16.67 -23.40 -34.59
CA GLY C 260 17.70 -22.47 -35.03
C GLY C 260 18.29 -21.69 -33.86
N GLN C 261 17.42 -21.20 -32.99
CA GLN C 261 17.84 -20.45 -31.81
C GLN C 261 18.75 -21.29 -30.92
N ASN C 262 18.37 -22.54 -30.69
CA ASN C 262 19.14 -23.46 -29.85
C ASN C 262 20.58 -23.67 -30.32
N ARG C 263 20.80 -23.60 -31.63
CA ARG C 263 22.15 -23.74 -32.17
C ARG C 263 23.06 -22.60 -31.71
N GLN C 264 22.52 -21.39 -31.64
CA GLN C 264 23.30 -20.25 -31.17
C GLN C 264 23.55 -20.36 -29.67
N LYS C 265 22.68 -21.09 -28.97
CA LYS C 265 22.83 -21.29 -27.54
C LYS C 265 24.02 -22.18 -27.22
N VAL C 266 24.22 -23.22 -28.02
CA VAL C 266 25.32 -24.15 -27.79
C VAL C 266 26.67 -23.56 -28.19
N LYS C 267 26.64 -22.47 -28.95
CA LYS C 267 27.87 -21.83 -29.39
C LYS C 267 28.67 -21.25 -28.22
N GLU C 268 28.03 -21.16 -27.06
CA GLU C 268 28.70 -20.67 -25.85
C GLU C 268 29.67 -21.69 -25.26
N PHE C 269 29.26 -22.95 -25.18
CA PHE C 269 30.10 -23.99 -24.60
C PHE C 269 30.64 -25.00 -25.63
N MSE C 270 30.34 -24.77 -26.90
CA MSE C 270 30.80 -25.66 -27.97
C MSE C 270 31.48 -24.87 -29.10
O MSE C 270 31.06 -23.77 -29.43
CB MSE C 270 29.63 -26.43 -28.55
CG MSE C 270 28.80 -27.18 -27.51
SE MSE C 270 29.11 -29.10 -27.54
CE MSE C 270 27.86 -29.57 -28.97
N LYS C 271 32.52 -25.47 -29.68
CA LYS C 271 33.18 -24.87 -30.85
C LYS C 271 32.84 -25.61 -32.13
N TYR C 272 32.60 -24.86 -33.21
CA TYR C 272 32.26 -25.48 -34.50
C TYR C 272 33.50 -25.78 -35.33
N GLN C 273 33.47 -26.92 -36.03
CA GLN C 273 34.58 -27.33 -36.88
C GLN C 273 34.37 -26.87 -38.32
N ARG C 274 35.19 -25.93 -38.76
CA ARG C 274 35.04 -25.34 -40.08
C ARG C 274 35.85 -26.09 -41.13
N ASP C 275 36.68 -27.03 -40.68
CA ASP C 275 37.53 -27.82 -41.56
C ASP C 275 37.99 -29.11 -40.89
N GLY C 276 38.80 -29.88 -41.59
CA GLY C 276 39.32 -31.14 -41.06
C GLY C 276 38.30 -32.26 -41.16
N PRO C 277 38.66 -33.45 -40.64
CA PRO C 277 37.83 -34.65 -40.65
C PRO C 277 36.50 -34.45 -39.94
N GLU C 278 36.48 -33.53 -38.99
CA GLU C 278 35.33 -33.31 -38.14
C GLU C 278 34.47 -32.14 -38.64
N LYS C 279 34.74 -31.68 -39.85
CA LYS C 279 34.03 -30.53 -40.41
C LYS C 279 32.53 -30.77 -40.43
N GLY C 280 31.77 -29.82 -39.90
CA GLY C 280 30.33 -29.96 -39.80
C GLY C 280 29.90 -30.39 -38.42
N LEU C 281 30.83 -30.92 -37.64
CA LEU C 281 30.53 -31.41 -36.30
C LEU C 281 30.81 -30.37 -35.22
N TRP C 282 30.53 -30.74 -33.97
CA TRP C 282 30.74 -29.85 -32.84
C TRP C 282 31.65 -30.48 -31.79
N ARG C 283 32.58 -29.67 -31.28
CA ARG C 283 33.48 -30.12 -30.21
C ARG C 283 33.24 -29.32 -28.94
N LEU C 284 33.34 -29.99 -27.80
CA LEU C 284 33.22 -29.34 -26.51
C LEU C 284 34.42 -28.42 -26.32
N LYS C 285 34.18 -27.22 -25.81
CA LYS C 285 35.26 -26.25 -25.62
CA LYS C 285 35.24 -26.24 -25.61
C LYS C 285 36.31 -26.74 -24.64
N ASP C 286 37.50 -26.18 -24.76
CA ASP C 286 38.64 -26.59 -23.94
C ASP C 286 38.48 -26.16 -22.48
N ASP C 287 37.87 -24.99 -22.28
CA ASP C 287 37.70 -24.43 -20.94
C ASP C 287 36.43 -24.93 -20.24
N GLU C 288 35.66 -25.78 -20.92
CA GLU C 288 34.49 -26.39 -20.31
C GLU C 288 34.86 -27.76 -19.73
N LYS C 289 34.29 -28.08 -18.57
CA LYS C 289 34.58 -29.36 -17.92
C LYS C 289 33.54 -30.41 -18.28
N LEU C 290 33.95 -31.45 -19.00
CA LEU C 290 33.05 -32.55 -19.32
C LEU C 290 32.76 -33.36 -18.07
N LEU C 291 31.49 -33.67 -17.84
CA LEU C 291 31.09 -34.43 -16.66
C LEU C 291 30.29 -35.67 -17.03
N ASP C 292 30.50 -36.73 -16.24
CA ASP C 292 29.81 -38.00 -16.44
C ASP C 292 28.29 -37.84 -16.44
N ASN C 293 27.58 -38.85 -16.94
CA ASN C 293 26.13 -38.81 -17.02
C ASN C 293 25.45 -38.68 -15.67
N GLU C 294 26.14 -39.11 -14.62
CA GLU C 294 25.59 -39.05 -13.27
C GLU C 294 25.71 -37.63 -12.71
N ALA C 295 26.68 -36.88 -13.22
CA ALA C 295 26.85 -35.49 -12.82
C ALA C 295 25.90 -34.57 -13.59
N VAL C 296 25.51 -35.00 -14.79
CA VAL C 296 24.54 -34.27 -15.60
C VAL C 296 23.19 -34.20 -14.88
N LYS C 297 22.81 -35.30 -14.24
CA LYS C 297 21.55 -35.39 -13.52
C LYS C 297 21.41 -34.27 -12.49
N SER C 298 22.54 -33.84 -11.94
CA SER C 298 22.57 -32.88 -10.84
C SER C 298 22.39 -31.43 -11.30
N LEU C 299 22.46 -31.21 -12.62
CA LEU C 299 22.35 -29.87 -13.17
C LEU C 299 20.96 -29.26 -12.94
N ILE C 300 19.97 -30.12 -12.72
CA ILE C 300 18.63 -29.67 -12.35
C ILE C 300 18.08 -30.57 -11.25
N THR C 301 17.76 -29.97 -10.11
CA THR C 301 17.24 -30.71 -8.95
C THR C 301 15.74 -30.88 -9.08
N PRO C 302 15.21 -32.02 -8.56
CA PRO C 302 13.76 -32.23 -8.60
C PRO C 302 13.02 -31.15 -7.85
N GLU C 303 13.67 -30.58 -6.84
CA GLU C 303 13.13 -29.45 -6.09
C GLU C 303 12.84 -28.27 -7.02
N GLN C 304 13.82 -27.94 -7.87
CA GLN C 304 13.68 -26.86 -8.83
C GLN C 304 12.42 -27.01 -9.68
N ILE C 305 12.16 -28.22 -10.15
CA ILE C 305 11.01 -28.47 -10.99
C ILE C 305 9.70 -28.24 -10.24
N SER C 306 9.63 -28.73 -9.01
CA SER C 306 8.45 -28.54 -8.17
C SER C 306 8.20 -27.07 -7.86
N GLN C 307 9.25 -26.39 -7.43
CA GLN C 307 9.15 -24.97 -7.10
C GLN C 307 8.62 -24.15 -8.29
N VAL C 308 9.11 -24.45 -9.50
CA VAL C 308 8.61 -23.80 -10.70
C VAL C 308 7.14 -24.14 -10.93
N GLU C 309 6.76 -25.40 -10.69
CA GLU C 309 5.37 -25.83 -10.83
C GLU C 309 4.46 -25.12 -9.85
N SER C 310 5.00 -24.75 -8.69
CA SER C 310 4.22 -23.97 -7.73
C SER C 310 4.03 -22.56 -8.26
N MSE C 311 5.06 -22.02 -8.91
CA MSE C 311 4.95 -20.72 -9.56
C MSE C 311 3.93 -20.79 -10.67
O MSE C 311 3.08 -19.91 -10.81
CB MSE C 311 6.29 -20.27 -10.14
CG MSE C 311 6.16 -19.06 -11.04
SE MSE C 311 7.68 -18.86 -12.23
CE MSE C 311 7.18 -20.23 -13.54
N SER C 312 4.01 -21.86 -11.47
CA SER C 312 3.08 -22.03 -12.58
C SER C 312 1.63 -22.06 -12.12
N GLN C 313 1.37 -22.63 -10.95
CA GLN C 313 0.01 -22.70 -10.46
C GLN C 313 -0.46 -21.33 -9.98
N GLY C 314 0.50 -20.51 -9.54
CA GLY C 314 0.18 -19.16 -9.12
C GLY C 314 -0.19 -18.33 -10.33
N LEU C 315 0.61 -18.46 -11.39
CA LEU C 315 0.34 -17.75 -12.64
C LEU C 315 -1.02 -18.08 -13.21
N GLN C 316 -1.31 -19.37 -13.31
CA GLN C 316 -2.59 -19.82 -13.83
C GLN C 316 -3.73 -19.26 -12.99
N PHE C 317 -3.54 -19.24 -11.68
CA PHE C 317 -4.58 -18.81 -10.77
C PHE C 317 -4.82 -17.30 -10.82
N GLN C 318 -3.76 -16.52 -11.02
CA GLN C 318 -3.95 -15.08 -11.08
C GLN C 318 -4.62 -14.72 -12.40
N GLU C 319 -4.30 -15.48 -13.44
CA GLU C 319 -4.86 -15.22 -14.75
C GLU C 319 -6.31 -15.70 -14.82
N ASP C 320 -6.62 -16.75 -14.06
CA ASP C 320 -8.01 -17.20 -13.97
C ASP C 320 -8.82 -16.19 -13.17
N ASN C 321 -8.21 -15.62 -12.14
CA ASN C 321 -8.88 -14.62 -11.34
C ASN C 321 -9.09 -13.34 -12.13
N GLU C 322 -8.10 -12.98 -12.94
CA GLU C 322 -8.19 -11.82 -13.82
C GLU C 322 -9.41 -11.92 -14.71
N ALA C 323 -9.59 -13.10 -15.28
CA ALA C 323 -10.72 -13.37 -16.17
C ALA C 323 -12.07 -13.41 -15.45
N TYR C 324 -12.18 -14.26 -14.44
CA TYR C 324 -13.50 -14.63 -13.91
C TYR C 324 -13.85 -14.05 -12.54
N ASN C 325 -12.93 -13.33 -11.92
CA ASN C 325 -13.22 -12.77 -10.58
C ASN C 325 -13.75 -11.33 -10.63
N PHE C 326 -15.02 -11.19 -10.30
CA PHE C 326 -15.70 -9.90 -10.35
C PHE C 326 -15.50 -9.11 -9.06
N ASP C 327 -14.95 -9.77 -8.05
CA ASP C 327 -14.74 -9.16 -6.74
C ASP C 327 -13.41 -8.42 -6.71
N SER C 328 -13.45 -7.09 -6.74
CA SER C 328 -12.26 -6.28 -6.87
C SER C 328 -11.28 -6.48 -5.71
N LYS C 329 -11.80 -6.35 -4.50
CA LYS C 329 -10.98 -6.42 -3.31
C LYS C 329 -10.46 -7.82 -3.06
N LEU C 330 -11.24 -8.83 -3.45
CA LEU C 330 -10.81 -10.21 -3.33
C LEU C 330 -9.76 -10.53 -4.38
N LYS C 331 -9.89 -9.94 -5.56
CA LYS C 331 -8.90 -10.15 -6.62
C LYS C 331 -7.60 -9.45 -6.26
N SER C 332 -7.74 -8.28 -5.63
CA SER C 332 -6.59 -7.52 -5.17
C SER C 332 -5.84 -8.30 -4.09
N LEU C 333 -6.59 -8.91 -3.17
CA LEU C 333 -5.99 -9.73 -2.12
C LEU C 333 -5.17 -10.87 -2.71
N GLU C 334 -5.80 -11.64 -3.59
CA GLU C 334 -5.14 -12.79 -4.21
C GLU C 334 -3.88 -12.39 -4.98
N GLU C 335 -3.81 -11.13 -5.39
CA GLU C 335 -2.61 -10.61 -6.03
C GLU C 335 -1.48 -10.51 -5.02
N ASN C 336 -1.81 -10.10 -3.80
CA ASN C 336 -0.82 -10.00 -2.74
C ASN C 336 -0.34 -11.36 -2.21
N LEU C 337 -1.16 -12.39 -2.38
CA LEU C 337 -0.84 -13.71 -1.85
C LEU C 337 -0.10 -14.63 -2.83
N LEU C 338 0.32 -14.07 -3.96
CA LEU C 338 1.06 -14.84 -4.97
C LEU C 338 2.38 -15.39 -4.40
N PRO C 339 2.60 -16.70 -4.58
CA PRO C 339 3.67 -17.47 -3.91
C PRO C 339 5.06 -16.82 -3.98
N TRP C 340 5.40 -16.22 -5.11
CA TRP C 340 6.70 -15.57 -5.22
C TRP C 340 6.78 -14.32 -4.34
N ASN C 341 5.63 -13.70 -4.08
CA ASN C 341 5.57 -12.56 -3.19
C ASN C 341 5.57 -13.01 -1.73
N ILE C 342 4.74 -14.01 -1.45
CA ILE C 342 4.49 -14.43 -0.08
C ILE C 342 5.71 -15.14 0.52
N THR C 343 6.38 -15.99 -0.24
CA THR C 343 7.53 -16.70 0.29
C THR C 343 8.75 -15.79 0.44
N LYS C 344 8.75 -14.68 -0.31
N LYS C 344 8.74 -14.68 -0.30
CA LYS C 344 9.82 -13.69 -0.21
CA LYS C 344 9.83 -13.71 -0.21
C LYS C 344 9.68 -12.85 1.04
C LYS C 344 9.69 -12.84 1.03
N ASN C 345 8.47 -12.35 1.27
CA ASN C 345 8.18 -11.58 2.47
C ASN C 345 8.55 -12.37 3.70
N PHE C 346 8.24 -13.66 3.67
CA PHE C 346 8.56 -14.56 4.77
C PHE C 346 10.05 -14.62 5.02
N ILE C 347 10.78 -15.14 4.04
CA ILE C 347 12.22 -15.33 4.19
C ILE C 347 12.94 -14.03 4.57
N ASN C 348 12.45 -12.89 4.06
CA ASN C 348 13.00 -11.61 4.46
C ASN C 348 12.80 -11.33 5.95
N SER C 349 11.62 -11.71 6.46
CA SER C 349 11.28 -11.54 7.87
C SER C 349 12.22 -12.33 8.76
N THR C 350 12.80 -13.37 8.19
CA THR C 350 13.74 -14.24 8.89
C THR C 350 15.12 -13.59 9.06
N GLN C 351 15.64 -13.02 7.98
CA GLN C 351 17.02 -12.55 7.98
C GLN C 351 17.16 -11.03 8.06
N MSE C 352 16.05 -10.32 8.07
CA MSE C 352 16.07 -8.87 8.13
C MSE C 352 14.98 -8.37 9.06
O MSE C 352 14.28 -9.17 9.69
CB MSE C 352 15.88 -8.25 6.75
CG MSE C 352 16.87 -8.72 5.70
SE MSE C 352 16.61 -7.83 4.01
CE MSE C 352 17.99 -8.75 2.97
N ARG C 353 14.82 -7.06 9.15
CA ARG C 353 13.67 -6.52 9.85
C ARG C 353 12.59 -6.18 8.84
N ALA C 354 11.82 -7.19 8.47
CA ALA C 354 10.64 -7.04 7.66
C ALA C 354 9.53 -7.71 8.43
N MSE C 355 8.53 -6.96 8.88
CA MSE C 355 7.49 -7.57 9.69
C MSE C 355 6.29 -7.94 8.83
O MSE C 355 5.92 -7.22 7.92
CB MSE C 355 7.09 -6.66 10.84
CG MSE C 355 8.28 -5.99 11.50
SE MSE C 355 7.92 -5.25 13.26
CE MSE C 355 6.18 -4.43 12.90
N ILE C 356 5.72 -9.10 9.13
CA ILE C 356 4.50 -9.55 8.46
C ILE C 356 3.26 -9.24 9.30
N GLN C 357 2.08 -9.47 8.74
CA GLN C 357 0.84 -9.10 9.40
C GLN C 357 0.40 -10.09 10.49
N ILE C 358 0.79 -11.35 10.33
CA ILE C 358 0.49 -12.43 11.28
C ILE C 358 -0.99 -12.82 11.30
N HIS C 359 -1.86 -11.82 11.28
CA HIS C 359 -3.28 -12.10 11.28
CA HIS C 359 -3.30 -12.00 11.36
C HIS C 359 -4.03 -11.34 10.18
N GLY C 360 -5.31 -11.64 10.04
CA GLY C 360 -6.14 -10.94 9.08
C GLY C 360 -6.33 -11.62 7.74
N VAL C 361 -6.52 -10.82 6.70
CA VAL C 361 -6.95 -11.33 5.41
C VAL C 361 -5.96 -12.29 4.77
N GLY C 362 -4.71 -12.24 5.23
CA GLY C 362 -3.67 -13.10 4.69
C GLY C 362 -3.64 -14.48 5.32
N ASP C 363 -4.28 -14.61 6.47
CA ASP C 363 -4.38 -15.90 7.15
C ASP C 363 -5.18 -16.86 6.29
N PRO C 364 -4.52 -17.94 5.83
CA PRO C 364 -5.15 -18.93 4.94
C PRO C 364 -6.23 -19.75 5.64
N THR C 365 -6.41 -19.59 6.94
CA THR C 365 -7.42 -20.35 7.66
C THR C 365 -8.80 -19.71 7.56
N GLY C 366 -8.88 -18.39 7.63
CA GLY C 366 -10.17 -17.74 7.69
C GLY C 366 -10.54 -17.42 9.12
N CYS C 367 -10.14 -18.28 10.04
CA CYS C 367 -10.17 -17.94 11.46
C CYS C 367 -8.75 -17.49 11.82
N GLY C 368 -8.42 -17.49 13.10
CA GLY C 368 -7.10 -17.03 13.50
C GLY C 368 -6.14 -18.17 13.81
N GLU C 369 -6.26 -19.25 13.06
CA GLU C 369 -5.49 -20.46 13.34
C GLU C 369 -4.30 -20.65 12.40
N GLY C 370 -3.87 -19.57 11.75
CA GLY C 370 -2.74 -19.67 10.83
C GLY C 370 -1.95 -18.38 10.76
N PHE C 371 -0.83 -18.42 10.05
CA PHE C 371 0.00 -17.24 9.88
C PHE C 371 -0.31 -16.53 8.57
N SER C 372 -0.41 -15.20 8.63
CA SER C 372 -0.49 -14.38 7.42
C SER C 372 0.89 -13.87 7.06
N PHE C 373 1.34 -14.17 5.83
CA PHE C 373 2.67 -13.74 5.41
C PHE C 373 2.63 -12.43 4.64
N LEU C 374 1.50 -11.73 4.71
CA LEU C 374 1.39 -10.43 4.08
C LEU C 374 2.34 -9.47 4.77
N LYS C 375 2.94 -8.57 3.99
CA LYS C 375 3.87 -7.57 4.51
C LYS C 375 3.10 -6.53 5.33
N THR C 376 3.75 -5.96 6.33
CA THR C 376 3.12 -4.92 7.14
C THR C 376 3.16 -3.58 6.41
N SER C 377 2.03 -2.86 6.42
CA SER C 377 1.96 -1.56 5.75
C SER C 377 2.77 -0.50 6.48
N MSE C 378 2.82 0.70 5.91
CA MSE C 378 3.61 1.79 6.45
C MSE C 378 3.03 2.41 7.72
O MSE C 378 3.70 3.16 8.41
CB MSE C 378 3.83 2.87 5.39
CG MSE C 378 4.91 2.56 4.37
SE MSE C 378 6.69 2.50 5.16
CE MSE C 378 6.75 4.30 5.89
N LYS C 379 1.77 2.11 8.01
CA LYS C 379 1.13 2.66 9.20
C LYS C 379 0.20 1.66 9.86
N SER C 404 1.98 5.49 17.78
CA SER C 404 3.24 6.25 17.89
C SER C 404 4.20 5.59 18.87
N TYR C 405 4.21 4.25 18.88
CA TYR C 405 4.96 3.48 19.86
C TYR C 405 6.48 3.52 19.68
N ASN C 406 7.19 3.25 20.77
CA ASN C 406 8.65 3.15 20.74
C ASN C 406 9.09 1.88 20.01
N VAL C 407 10.28 1.91 19.43
CA VAL C 407 10.79 0.83 18.59
C VAL C 407 10.84 -0.53 19.30
N ALA C 408 11.35 -0.54 20.52
CA ALA C 408 11.44 -1.78 21.30
C ALA C 408 10.07 -2.30 21.72
N GLN C 409 9.11 -1.38 21.88
CA GLN C 409 7.73 -1.73 22.20
C GLN C 409 7.07 -2.49 21.05
N GLN C 410 7.36 -2.07 19.82
CA GLN C 410 6.83 -2.74 18.63
C GLN C 410 7.33 -4.18 18.57
N GLN C 411 8.64 -4.35 18.76
CA GLN C 411 9.25 -5.68 18.73
C GLN C 411 8.62 -6.63 19.74
N LYS C 412 8.41 -6.15 20.96
CA LYS C 412 7.78 -6.97 21.99
C LYS C 412 6.37 -7.38 21.57
N ALA C 413 5.61 -6.42 21.05
CA ALA C 413 4.27 -6.68 20.56
C ALA C 413 4.31 -7.73 19.46
N TYR C 414 5.14 -7.47 18.45
CA TYR C 414 5.31 -8.36 17.32
C TYR C 414 5.71 -9.75 17.79
N ASP C 415 6.74 -9.83 18.62
CA ASP C 415 7.21 -11.12 19.12
C ASP C 415 6.14 -11.86 19.94
N GLU C 416 5.33 -11.12 20.68
CA GLU C 416 4.24 -11.70 21.47
C GLU C 416 3.15 -12.30 20.59
N GLU C 417 2.75 -11.57 19.55
CA GLU C 417 1.73 -12.06 18.63
C GLU C 417 2.16 -13.35 17.94
N ILE C 418 3.42 -13.40 17.49
CA ILE C 418 3.94 -14.59 16.84
C ILE C 418 3.81 -15.80 17.74
N ALA C 419 4.23 -15.64 18.98
CA ALA C 419 4.17 -16.73 19.96
C ALA C 419 2.74 -17.16 20.15
N LYS C 420 1.87 -16.19 20.41
CA LYS C 420 0.45 -16.42 20.59
C LYS C 420 -0.16 -17.16 19.40
N THR C 421 0.15 -16.70 18.19
CA THR C 421 -0.35 -17.33 16.97
C THR C 421 0.18 -18.76 16.79
N TRP C 422 1.48 -18.94 17.01
CA TRP C 422 2.11 -20.25 16.88
C TRP C 422 1.45 -21.30 17.76
N TYR C 423 1.26 -20.97 19.02
CA TYR C 423 0.66 -21.92 19.94
C TYR C 423 -0.82 -22.16 19.62
N THR C 424 -1.50 -21.10 19.19
CA THR C 424 -2.89 -21.22 18.73
C THR C 424 -2.97 -22.14 17.52
N HIS C 425 -1.99 -22.00 16.63
CA HIS C 425 -1.91 -22.82 15.44
C HIS C 425 -1.71 -24.28 15.81
N THR C 426 -0.65 -24.56 16.56
CA THR C 426 -0.29 -25.93 16.92
C THR C 426 -1.38 -26.63 17.73
N LYS C 427 -2.02 -25.88 18.61
CA LYS C 427 -3.12 -26.40 19.42
C LYS C 427 -4.29 -26.88 18.54
N SER C 428 -4.61 -26.10 17.51
CA SER C 428 -5.77 -26.39 16.66
C SER C 428 -5.62 -27.70 15.89
N LEU C 429 -4.39 -28.04 15.54
CA LEU C 429 -4.16 -29.24 14.74
C LEU C 429 -3.87 -30.44 15.62
N SER C 430 -3.91 -30.22 16.93
CA SER C 430 -3.68 -31.28 17.91
C SER C 430 -4.98 -31.96 18.28
N ILE C 431 -6.08 -31.33 17.91
CA ILE C 431 -7.42 -31.82 18.23
C ILE C 431 -7.70 -33.20 17.65
N SER C 432 -8.02 -34.15 18.52
CA SER C 432 -8.34 -35.52 18.13
C SER C 432 -9.83 -35.78 18.21
N ASN C 433 -10.53 -34.89 18.91
CA ASN C 433 -11.94 -35.05 19.20
C ASN C 433 -12.70 -33.74 18.96
N PRO C 434 -13.12 -33.52 17.71
CA PRO C 434 -13.73 -32.27 17.25
C PRO C 434 -14.87 -31.78 18.13
N PHE C 435 -15.84 -32.63 18.43
CA PHE C 435 -17.04 -32.18 19.14
C PHE C 435 -16.81 -31.85 20.61
N GLU C 436 -15.78 -32.43 21.22
CA GLU C 436 -15.44 -32.10 22.60
C GLU C 436 -14.53 -30.87 22.69
N GLU C 437 -13.59 -30.79 21.76
CA GLU C 437 -12.52 -29.78 21.83
C GLU C 437 -12.80 -28.49 21.05
N MSE C 438 -13.81 -28.51 20.19
CA MSE C 438 -14.25 -27.33 19.46
C MSE C 438 -15.57 -26.81 20.03
O MSE C 438 -16.47 -27.61 20.32
CB MSE C 438 -14.43 -27.64 17.97
CG MSE C 438 -13.50 -26.92 17.02
SE MSE C 438 -12.61 -28.11 15.76
CE MSE C 438 -14.08 -28.63 14.61
N THR C 439 -15.69 -25.50 20.18
CA THR C 439 -16.91 -24.89 20.70
C THR C 439 -18.10 -25.16 19.78
N ASN C 440 -17.95 -24.79 18.51
CA ASN C 440 -18.93 -25.15 17.49
C ASN C 440 -18.23 -25.68 16.25
N PRO C 441 -18.04 -27.01 16.20
CA PRO C 441 -17.33 -27.64 15.10
C PRO C 441 -17.99 -27.40 13.74
N ASP C 442 -19.28 -27.14 13.74
CA ASP C 442 -20.02 -26.98 12.50
C ASP C 442 -20.13 -25.53 12.03
N GLU C 443 -19.37 -24.63 12.65
CA GLU C 443 -19.45 -23.21 12.32
C GLU C 443 -18.78 -22.91 10.97
N ILE C 444 -18.95 -21.68 10.51
CA ILE C 444 -18.48 -21.26 9.20
C ILE C 444 -17.79 -19.92 9.31
N ASN C 445 -16.54 -19.82 8.85
CA ASN C 445 -15.81 -18.55 8.95
C ASN C 445 -16.40 -17.46 8.06
N GLN C 446 -16.02 -16.22 8.34
CA GLN C 446 -16.64 -15.06 7.67
C GLN C 446 -16.54 -15.10 6.14
N THR C 447 -15.44 -15.65 5.63
CA THR C 447 -15.22 -15.68 4.19
C THR C 447 -16.01 -16.77 3.47
N ASN C 448 -16.60 -17.68 4.21
CA ASN C 448 -17.49 -18.70 3.64
C ASN C 448 -18.95 -18.49 4.00
N LYS C 449 -19.21 -17.40 4.72
CA LYS C 449 -20.54 -17.16 5.31
C LYS C 449 -21.33 -16.16 4.48
N HIS C 450 -20.83 -14.93 4.40
CA HIS C 450 -21.49 -13.92 3.58
C HIS C 450 -20.57 -13.50 2.45
N VAL C 451 -20.94 -13.92 1.23
CA VAL C 451 -20.07 -13.74 0.07
C VAL C 451 -20.64 -12.71 -0.88
N LYS C 452 -19.77 -11.99 -1.57
CA LYS C 452 -20.21 -11.00 -2.54
C LYS C 452 -20.61 -11.72 -3.83
N THR C 453 -21.90 -11.71 -4.14
CA THR C 453 -22.43 -12.47 -5.28
C THR C 453 -22.77 -11.55 -6.45
N ASP C 454 -22.52 -10.26 -6.28
CA ASP C 454 -22.82 -9.28 -7.31
C ASP C 454 -21.55 -8.51 -7.65
N ARG C 455 -21.52 -7.89 -8.83
CA ARG C 455 -20.41 -7.01 -9.17
C ARG C 455 -20.62 -5.64 -8.52
N ASP C 456 -19.61 -4.79 -8.57
CA ASP C 456 -19.62 -3.55 -7.80
C ASP C 456 -20.71 -2.57 -8.22
N ASP C 457 -21.07 -2.57 -9.50
CA ASP C 457 -22.14 -1.72 -10.00
C ASP C 457 -23.51 -2.41 -9.92
N LYS C 458 -23.51 -3.64 -9.42
CA LYS C 458 -24.73 -4.44 -9.26
C LYS C 458 -25.51 -4.61 -10.56
N LYS C 459 -24.80 -4.62 -11.68
CA LYS C 459 -25.44 -4.70 -12.99
C LYS C 459 -25.36 -6.11 -13.57
N ILE C 460 -26.32 -6.44 -14.43
CA ILE C 460 -26.29 -7.71 -15.15
C ILE C 460 -25.95 -7.48 -16.62
N LEU C 461 -25.81 -8.55 -17.38
CA LEU C 461 -25.43 -8.44 -18.79
C LEU C 461 -26.60 -8.67 -19.73
N LYS C 462 -26.79 -7.74 -20.66
CA LYS C 462 -27.81 -7.88 -21.70
C LYS C 462 -27.14 -8.07 -23.06
N ILE C 463 -27.39 -9.21 -23.69
CA ILE C 463 -26.80 -9.51 -25.00
C ILE C 463 -27.89 -9.52 -26.09
N VAL C 464 -27.69 -8.72 -27.13
CA VAL C 464 -28.61 -8.72 -28.26
C VAL C 464 -27.94 -9.29 -29.51
N ARG C 465 -28.48 -10.40 -30.01
CA ARG C 465 -27.94 -11.05 -31.19
C ARG C 465 -28.82 -10.73 -32.41
N LYS C 466 -28.18 -10.32 -33.50
CA LYS C 466 -28.91 -10.04 -34.75
C LYS C 466 -28.53 -11.04 -35.84
N LYS C 467 -29.47 -11.88 -36.23
CA LYS C 467 -29.22 -12.92 -37.22
C LYS C 467 -30.20 -12.80 -38.40
N ARG C 468 -29.82 -13.36 -39.55
CA ARG C 468 -30.67 -13.31 -40.73
C ARG C 468 -31.74 -14.40 -40.75
N ASP C 469 -32.98 -14.00 -40.96
CA ASP C 469 -34.11 -14.92 -41.12
C ASP C 469 -33.92 -15.76 -42.39
N GLU C 470 -34.67 -16.86 -42.47
CA GLU C 470 -34.65 -17.71 -43.67
C GLU C 470 -35.03 -16.92 -44.92
N ASN C 471 -35.71 -15.80 -44.73
CA ASN C 471 -36.09 -14.93 -45.83
C ASN C 471 -35.17 -13.72 -45.97
N GLY C 472 -34.14 -13.66 -45.14
CA GLY C 472 -33.17 -12.59 -45.21
C GLY C 472 -33.50 -11.36 -44.37
N ILE C 473 -34.47 -11.48 -43.48
CA ILE C 473 -34.82 -10.39 -42.57
C ILE C 473 -34.03 -10.52 -41.27
N ILE C 474 -33.70 -9.39 -40.65
CA ILE C 474 -32.98 -9.43 -39.37
C ILE C 474 -33.94 -9.70 -38.22
N GLN C 475 -33.69 -10.77 -37.48
CA GLN C 475 -34.44 -11.06 -36.27
C GLN C 475 -33.54 -10.89 -35.05
N ARG C 476 -34.13 -10.49 -33.92
CA ARG C 476 -33.37 -10.27 -32.70
C ARG C 476 -33.49 -11.44 -31.73
N GLN C 477 -32.42 -11.71 -30.99
CA GLN C 477 -32.45 -12.63 -29.87
C GLN C 477 -31.87 -11.89 -28.68
N THR C 478 -32.63 -11.81 -27.61
CA THR C 478 -32.14 -11.12 -26.42
C THR C 478 -31.78 -12.14 -25.33
N ILE C 479 -30.54 -12.08 -24.87
CA ILE C 479 -30.09 -12.97 -23.80
C ILE C 479 -29.62 -12.16 -22.59
N PHE C 480 -30.03 -12.61 -21.40
CA PHE C 480 -29.54 -12.01 -20.17
C PHE C 480 -28.55 -12.93 -19.47
N ILE C 481 -27.47 -12.37 -18.93
CA ILE C 481 -26.54 -13.14 -18.12
C ILE C 481 -26.48 -12.56 -16.71
N ARG C 482 -26.91 -13.37 -15.74
CA ARG C 482 -26.92 -12.96 -14.34
C ARG C 482 -25.61 -13.32 -13.61
N ASP C 483 -24.96 -14.40 -14.05
CA ASP C 483 -23.72 -14.89 -13.44
C ASP C 483 -22.58 -13.90 -13.63
N PRO C 484 -22.13 -13.25 -12.53
CA PRO C 484 -21.12 -12.19 -12.58
C PRO C 484 -19.75 -12.73 -13.01
N ARG C 485 -19.49 -13.99 -12.71
CA ARG C 485 -18.26 -14.62 -13.17
C ARG C 485 -18.27 -14.69 -14.69
N VAL C 486 -19.37 -15.17 -15.26
CA VAL C 486 -19.53 -15.29 -16.70
C VAL C 486 -19.43 -13.92 -17.39
N ILE C 487 -20.07 -12.93 -16.80
CA ILE C 487 -20.00 -11.57 -17.34
C ILE C 487 -18.54 -11.11 -17.42
N GLN C 488 -17.77 -11.33 -16.36
CA GLN C 488 -16.40 -10.82 -16.29
C GLN C 488 -15.51 -11.36 -17.39
N GLY C 489 -15.59 -12.67 -17.61
CA GLY C 489 -14.75 -13.31 -18.62
C GLY C 489 -15.20 -12.94 -20.02
N TYR C 490 -16.51 -12.93 -20.22
CA TYR C 490 -17.10 -12.57 -21.51
C TYR C 490 -16.64 -11.20 -21.96
N ILE C 491 -16.85 -10.19 -21.11
CA ILE C 491 -16.45 -8.83 -21.43
C ILE C 491 -14.94 -8.71 -21.63
N LYS C 492 -14.19 -9.48 -20.85
CA LYS C 492 -12.73 -9.46 -20.93
C LYS C 492 -12.29 -9.82 -22.35
N ILE C 493 -12.93 -10.83 -22.92
CA ILE C 493 -12.67 -11.24 -24.30
C ILE C 493 -13.13 -10.17 -25.28
N LYS C 494 -14.36 -9.69 -25.07
CA LYS C 494 -14.97 -8.71 -25.95
C LYS C 494 -14.15 -7.42 -26.08
N GLU C 495 -13.56 -6.96 -24.98
CA GLU C 495 -12.82 -5.70 -24.98
C GLU C 495 -11.41 -5.82 -25.57
N GLN C 496 -10.86 -7.03 -25.56
CA GLN C 496 -9.52 -7.25 -26.12
C GLN C 496 -9.58 -7.36 -27.63
N ASP C 497 -10.74 -7.74 -28.16
CA ASP C 497 -10.94 -7.85 -29.60
C ASP C 497 -11.28 -6.50 -30.23
N LYS C 498 -11.98 -5.66 -29.46
CA LYS C 498 -12.28 -4.30 -29.91
C LYS C 498 -11.02 -3.44 -29.93
N GLU C 499 -10.14 -3.67 -28.96
CA GLU C 499 -8.87 -2.95 -28.88
C GLU C 499 -7.70 -3.88 -29.08
N LEU D 2 36.78 8.52 -41.09
CA LEU D 2 38.02 8.40 -40.34
C LEU D 2 37.79 8.59 -38.84
N ARG D 3 38.61 7.92 -38.04
CA ARG D 3 38.52 8.05 -36.58
C ARG D 3 39.09 9.39 -36.11
N LEU D 4 38.23 10.20 -35.51
CA LEU D 4 38.64 11.54 -35.06
C LEU D 4 39.11 11.51 -33.61
N LYS D 5 40.42 11.57 -33.41
CA LYS D 5 41.00 11.55 -32.07
C LYS D 5 40.65 12.84 -31.32
N PRO D 6 40.01 12.72 -30.15
CA PRO D 6 39.59 13.86 -29.34
C PRO D 6 40.77 14.74 -28.91
N ILE D 7 40.62 16.05 -29.04
CA ILE D 7 41.70 16.97 -28.69
C ILE D 7 41.62 17.40 -27.23
N ARG D 8 42.76 17.37 -26.55
CA ARG D 8 42.84 17.78 -25.16
C ARG D 8 43.09 19.29 -25.08
N ILE D 9 42.39 19.96 -24.18
CA ILE D 9 42.57 21.39 -23.99
C ILE D 9 43.56 21.64 -22.85
N PRO D 10 44.58 22.47 -23.09
CA PRO D 10 45.63 22.76 -22.12
C PRO D 10 45.09 23.30 -20.79
N GLY D 11 45.53 22.73 -19.68
CA GLY D 11 45.15 23.21 -18.36
C GLY D 11 43.87 22.61 -17.81
N GLU D 12 43.34 21.60 -18.49
CA GLU D 12 42.06 21.01 -18.11
C GLU D 12 42.20 19.61 -17.50
N ALA D 13 43.44 19.12 -17.38
CA ALA D 13 43.66 17.72 -17.01
C ALA D 13 44.66 17.54 -15.87
N TYR D 14 44.50 16.46 -15.11
CA TYR D 14 45.45 16.11 -14.05
C TYR D 14 46.45 15.07 -14.52
N ASP D 15 46.13 14.42 -15.64
CA ASP D 15 46.97 13.33 -16.15
C ASP D 15 48.00 13.82 -17.17
N SER D 16 48.17 15.12 -17.26
CA SER D 16 49.11 15.71 -18.22
C SER D 16 50.57 15.33 -17.91
N GLU D 17 51.35 15.15 -18.97
CA GLU D 17 52.76 14.75 -18.87
C GLU D 17 52.99 13.31 -18.42
N ALA D 18 51.91 12.58 -18.15
CA ALA D 18 52.03 11.17 -17.80
C ALA D 18 52.21 10.34 -19.07
N SER D 19 52.82 9.17 -18.92
CA SER D 19 53.06 8.27 -20.04
C SER D 19 51.89 7.32 -20.28
N ASP D 20 51.10 7.10 -19.23
CA ASP D 20 49.99 6.14 -19.25
C ASP D 20 48.79 6.62 -20.06
N ILE D 21 48.84 7.86 -20.55
CA ILE D 21 47.68 8.49 -21.20
C ILE D 21 47.12 7.69 -22.36
N GLU D 22 45.81 7.43 -22.32
CA GLU D 22 45.12 6.83 -23.44
C GLU D 22 44.82 7.89 -24.49
N ASP D 23 45.12 7.58 -25.74
CA ASP D 23 44.93 8.53 -26.83
C ASP D 23 43.44 8.71 -27.08
N ASP D 24 42.75 7.59 -27.27
CA ASP D 24 41.33 7.60 -27.60
C ASP D 24 40.57 6.72 -26.62
N PRO D 25 40.24 7.26 -25.45
CA PRO D 25 39.55 6.50 -24.39
C PRO D 25 38.11 6.16 -24.77
N LEU D 26 37.50 5.25 -24.02
CA LEU D 26 36.12 4.83 -24.30
C LEU D 26 35.11 5.67 -23.53
N ILE D 27 34.32 6.46 -24.25
CA ILE D 27 33.27 7.24 -23.60
C ILE D 27 31.88 6.63 -23.84
N GLU D 28 31.16 6.39 -22.76
CA GLU D 28 29.84 5.77 -22.87
C GLU D 28 28.74 6.57 -22.18
N SER D 29 27.57 6.59 -22.81
CA SER D 29 26.39 7.22 -22.25
C SER D 29 25.23 6.23 -22.39
N GLY D 30 24.10 6.54 -21.75
CA GLY D 30 22.97 5.66 -21.84
C GLY D 30 21.71 6.18 -21.17
N VAL D 31 20.58 5.56 -21.50
CA VAL D 31 19.30 5.88 -20.89
C VAL D 31 18.52 4.60 -20.66
N ILE D 32 17.50 4.66 -19.81
CA ILE D 32 16.60 3.53 -19.66
C ILE D 32 15.70 3.50 -20.89
N LEU D 33 15.39 2.30 -21.38
CA LEU D 33 14.43 2.14 -22.47
C LEU D 33 13.23 1.36 -21.96
N ARG D 34 12.06 1.99 -21.94
CA ARG D 34 10.85 1.31 -21.52
C ARG D 34 9.90 1.10 -22.69
N ILE D 35 9.52 -0.16 -22.93
CA ILE D 35 8.57 -0.45 -23.99
C ILE D 35 7.24 -0.94 -23.41
N LEU D 36 6.18 -0.85 -24.20
CA LEU D 36 4.85 -1.24 -23.73
C LEU D 36 4.79 -2.75 -23.55
N PRO D 37 3.97 -3.21 -22.58
CA PRO D 37 3.73 -4.64 -22.37
C PRO D 37 2.91 -5.26 -23.50
N ASP D 38 3.43 -5.17 -24.73
CA ASP D 38 2.80 -5.73 -25.90
C ASP D 38 3.27 -7.15 -26.12
N ILE D 39 2.91 -7.70 -27.28
CA ILE D 39 3.42 -9.00 -27.71
C ILE D 39 4.79 -8.81 -28.32
N GLN D 40 5.24 -7.56 -28.37
CA GLN D 40 6.56 -7.23 -28.89
C GLN D 40 7.56 -7.13 -27.74
N LEU D 41 7.03 -7.09 -26.53
CA LEU D 41 7.88 -7.15 -25.34
C LEU D 41 8.52 -8.52 -25.28
N GLU D 42 7.68 -9.54 -25.46
CA GLU D 42 8.16 -10.92 -25.48
C GLU D 42 9.11 -11.14 -26.67
N PHE D 43 8.95 -10.33 -27.71
CA PHE D 43 9.85 -10.38 -28.86
C PHE D 43 11.22 -9.86 -28.46
N VAL D 44 11.23 -8.74 -27.73
CA VAL D 44 12.47 -8.13 -27.27
C VAL D 44 13.23 -9.04 -26.31
N LYS D 45 12.51 -9.61 -25.34
CA LYS D 45 13.11 -10.56 -24.42
C LYS D 45 13.83 -11.69 -25.17
N ASN D 46 13.14 -12.27 -26.16
CA ASN D 46 13.73 -13.31 -26.99
C ASN D 46 14.94 -12.81 -27.79
N SER D 47 14.86 -11.59 -28.29
CA SER D 47 15.94 -11.00 -29.07
C SER D 47 17.22 -10.90 -28.23
N LEU D 48 17.08 -10.40 -27.01
CA LEU D 48 18.21 -10.26 -26.10
C LEU D 48 18.78 -11.61 -25.71
N GLU D 49 17.91 -12.62 -25.60
CA GLU D 49 18.34 -13.97 -25.30
C GLU D 49 19.06 -14.61 -26.48
N SER D 50 18.46 -14.50 -27.66
CA SER D 50 19.02 -15.08 -28.87
C SER D 50 20.29 -14.37 -29.31
N GLY D 51 20.34 -13.05 -29.09
CA GLY D 51 21.44 -12.26 -29.59
C GLY D 51 21.13 -11.74 -30.98
N ASP D 52 19.87 -11.86 -31.38
CA ASP D 52 19.43 -11.39 -32.68
C ASP D 52 18.76 -10.02 -32.57
N TYR D 53 19.52 -8.98 -32.90
CA TYR D 53 19.05 -7.60 -32.74
C TYR D 53 18.49 -7.02 -34.03
N SER D 54 18.28 -7.88 -35.02
CA SER D 54 17.84 -7.44 -36.34
C SER D 54 16.38 -6.99 -36.38
N GLY D 55 15.59 -7.42 -35.40
CA GLY D 55 14.19 -7.07 -35.36
C GLY D 55 13.92 -5.80 -34.56
N ILE D 56 14.98 -5.13 -34.12
CA ILE D 56 14.84 -3.90 -33.34
C ILE D 56 15.67 -2.77 -33.94
N SER D 57 15.06 -1.61 -34.11
CA SER D 57 15.76 -0.41 -34.55
C SER D 57 15.13 0.84 -33.94
N ILE D 58 15.91 1.92 -33.84
CA ILE D 58 15.40 3.16 -33.28
C ILE D 58 15.78 4.34 -34.16
N LYS D 59 14.78 5.06 -34.66
CA LYS D 59 15.02 6.29 -35.42
C LYS D 59 14.81 7.51 -34.55
N TRP D 60 15.88 8.27 -34.34
CA TRP D 60 15.80 9.49 -33.55
C TRP D 60 15.30 10.64 -34.43
N LYS D 61 14.12 11.16 -34.12
CA LYS D 61 13.50 12.21 -34.93
C LYS D 61 13.72 13.62 -34.40
N ASN D 62 14.10 13.72 -33.13
CA ASN D 62 14.08 14.99 -32.41
C ASN D 62 14.81 14.82 -31.09
N GLU D 63 15.15 15.93 -30.42
CA GLU D 63 15.87 15.89 -29.16
C GLU D 63 15.24 14.95 -28.14
N ARG D 64 13.91 15.01 -28.06
CA ARG D 64 13.16 14.25 -27.08
C ARG D 64 12.19 13.27 -27.74
N HIS D 65 12.22 13.18 -29.07
CA HIS D 65 11.29 12.31 -29.79
C HIS D 65 12.00 11.28 -30.66
N ALA D 66 11.62 10.02 -30.51
CA ALA D 66 12.20 8.95 -31.32
C ALA D 66 11.16 7.90 -31.69
N VAL D 67 11.47 7.11 -32.72
CA VAL D 67 10.55 6.07 -33.17
C VAL D 67 11.17 4.68 -32.98
N VAL D 68 10.53 3.85 -32.16
CA VAL D 68 11.05 2.53 -31.87
C VAL D 68 10.32 1.45 -32.66
N THR D 69 10.98 0.88 -33.66
CA THR D 69 10.36 -0.17 -34.46
C THR D 69 10.76 -1.54 -33.91
N ILE D 70 9.75 -2.33 -33.56
CA ILE D 70 9.97 -3.68 -33.03
C ILE D 70 9.08 -4.64 -33.79
N ASN D 71 9.69 -5.58 -34.52
CA ASN D 71 8.95 -6.58 -35.27
C ASN D 71 7.97 -5.93 -36.24
N ASP D 72 8.46 -4.92 -36.97
CA ASP D 72 7.66 -4.14 -37.92
C ASP D 72 6.53 -3.29 -37.31
N VAL D 73 6.42 -3.29 -35.98
CA VAL D 73 5.48 -2.42 -35.30
C VAL D 73 6.17 -1.12 -34.88
N MSE D 74 5.57 0.00 -35.25
CA MSE D 74 6.22 1.30 -35.12
C MSE D 74 5.73 2.05 -33.88
O MSE D 74 4.54 2.37 -33.78
CB MSE D 74 5.95 2.11 -36.39
CG MSE D 74 6.68 3.43 -36.48
SE MSE D 74 6.80 4.09 -38.32
CE MSE D 74 7.84 2.64 -39.10
N TYR D 75 6.62 2.31 -32.94
CA TYR D 75 6.22 2.92 -31.66
C TYR D 75 6.68 4.36 -31.50
N GLY D 76 5.76 5.20 -31.04
CA GLY D 76 6.09 6.58 -30.70
C GLY D 76 6.72 6.65 -29.32
N ALA D 77 7.87 7.27 -29.21
CA ALA D 77 8.58 7.35 -27.94
C ALA D 77 9.04 8.77 -27.59
N ILE D 78 8.96 9.10 -26.31
CA ILE D 78 9.42 10.39 -25.80
C ILE D 78 10.52 10.20 -24.76
N LEU D 79 11.61 10.94 -24.91
CA LEU D 79 12.71 10.91 -23.95
C LEU D 79 12.36 11.82 -22.77
N VAL D 80 12.19 11.22 -21.59
CA VAL D 80 11.81 11.98 -20.40
C VAL D 80 12.93 12.03 -19.37
N ASP D 81 12.92 13.06 -18.52
CA ASP D 81 13.91 13.18 -17.47
C ASP D 81 13.45 12.50 -16.18
N LEU D 82 14.28 11.63 -15.64
CA LEU D 82 13.97 10.98 -14.37
C LEU D 82 14.29 11.93 -13.22
N PRO D 83 13.48 11.89 -12.16
CA PRO D 83 13.73 12.75 -11.00
C PRO D 83 14.94 12.26 -10.23
N THR D 84 15.31 11.01 -10.45
CA THR D 84 16.44 10.41 -9.75
C THR D 84 17.67 10.30 -10.64
N VAL D 85 18.85 10.24 -10.02
CA VAL D 85 20.09 9.96 -10.75
C VAL D 85 20.44 8.49 -10.55
N ILE D 86 20.79 7.80 -11.63
CA ILE D 86 21.08 6.37 -11.55
C ILE D 86 22.52 6.05 -11.94
N GLU D 87 23.29 5.49 -11.01
CA GLU D 87 24.65 5.07 -11.30
C GLU D 87 24.65 3.68 -11.94
N VAL D 88 25.20 3.57 -13.15
CA VAL D 88 25.33 2.27 -13.79
C VAL D 88 26.68 1.66 -13.41
N ASN D 89 26.64 0.50 -12.77
CA ASN D 89 27.88 -0.17 -12.39
C ASN D 89 27.98 -1.54 -13.06
N LYS D 90 29.20 -2.04 -13.19
CA LYS D 90 29.42 -3.40 -13.66
C LYS D 90 30.28 -4.14 -12.64
N SER D 91 30.15 -5.46 -12.58
CA SER D 91 30.90 -6.25 -11.63
C SER D 91 31.18 -7.64 -12.16
N VAL D 92 32.43 -8.08 -12.04
CA VAL D 92 32.80 -9.45 -12.36
C VAL D 92 32.95 -10.20 -11.03
N ASP D 93 32.86 -9.44 -9.95
CA ASP D 93 33.10 -9.92 -8.60
C ASP D 93 31.85 -10.43 -7.89
N ARG D 94 30.70 -9.87 -8.26
CA ARG D 94 29.47 -9.89 -7.44
C ARG D 94 29.64 -9.05 -6.16
N LYS D 95 30.85 -8.51 -5.96
CA LYS D 95 31.21 -7.83 -4.72
C LYS D 95 31.70 -6.41 -4.96
N ASN D 96 32.69 -6.27 -5.85
CA ASN D 96 33.21 -4.95 -6.18
C ASN D 96 32.49 -4.34 -7.38
N LEU D 97 31.81 -3.23 -7.16
CA LEU D 97 31.04 -2.59 -8.22
C LEU D 97 31.77 -1.38 -8.79
N LEU D 98 31.96 -1.36 -10.11
CA LEU D 98 32.69 -0.26 -10.75
C LEU D 98 31.82 0.68 -11.57
N LYS D 99 31.96 1.98 -11.29
CA LYS D 99 31.14 3.01 -11.93
C LYS D 99 31.50 3.22 -13.39
N THR D 100 30.48 3.28 -14.25
CA THR D 100 30.69 3.57 -15.66
C THR D 100 30.12 4.95 -15.99
N PHE D 101 28.81 5.02 -16.16
CA PHE D 101 28.15 6.28 -16.44
C PHE D 101 26.85 6.45 -15.63
N ASP D 102 26.31 7.66 -15.63
CA ASP D 102 25.07 7.93 -14.91
C ASP D 102 23.89 7.98 -15.88
N VAL D 103 22.74 7.50 -15.42
CA VAL D 103 21.52 7.53 -16.20
C VAL D 103 20.50 8.43 -15.49
N SER D 104 20.02 9.45 -16.20
CA SER D 104 19.07 10.40 -15.62
C SER D 104 17.87 10.55 -16.53
N GLN D 105 17.84 9.75 -17.60
CA GLN D 105 16.75 9.85 -18.57
C GLN D 105 16.19 8.49 -18.95
N MSE D 106 14.98 8.51 -19.51
CA MSE D 106 14.30 7.30 -19.95
C MSE D 106 13.62 7.57 -21.28
O MSE D 106 12.83 8.50 -21.41
CB MSE D 106 13.26 6.87 -18.91
CG MSE D 106 12.59 5.55 -19.23
SE MSE D 106 10.94 5.30 -18.21
CE MSE D 106 11.72 5.11 -16.45
N LEU D 107 13.94 6.74 -22.28
CA LEU D 107 13.22 6.78 -23.54
C LEU D 107 11.94 5.97 -23.36
N LEU D 108 10.80 6.65 -23.38
CA LEU D 108 9.53 6.02 -23.03
C LEU D 108 8.62 5.76 -24.23
N CYS D 109 8.44 4.49 -24.57
CA CYS D 109 7.43 4.11 -25.57
C CYS D 109 6.02 4.45 -25.06
N ILE D 110 5.20 5.01 -25.93
CA ILE D 110 3.86 5.47 -25.55
C ILE D 110 2.72 4.70 -26.23
N ARG D 111 2.65 4.78 -27.55
CA ARG D 111 1.67 4.01 -28.31
C ARG D 111 2.16 3.69 -29.71
N PRO D 112 1.66 2.59 -30.31
CA PRO D 112 1.99 2.30 -31.70
C PRO D 112 1.43 3.37 -32.63
N ILE D 113 2.22 3.77 -33.61
CA ILE D 113 1.83 4.80 -34.56
C ILE D 113 1.96 4.27 -35.98
N GLN D 114 1.20 4.87 -36.91
CA GLN D 114 1.24 4.44 -38.30
C GLN D 114 2.27 5.23 -39.10
N GLU D 115 2.41 6.51 -38.78
CA GLU D 115 3.38 7.38 -39.45
C GLU D 115 4.30 8.03 -38.43
N GLU D 116 5.54 8.32 -38.84
CA GLU D 116 6.56 8.81 -37.93
C GLU D 116 6.24 10.16 -37.26
N GLU D 117 5.46 11.00 -37.92
CA GLU D 117 5.24 12.36 -37.42
C GLU D 117 4.12 12.44 -36.37
N GLU D 118 3.60 11.28 -35.98
CA GLU D 118 2.57 11.23 -34.95
C GLU D 118 3.18 11.38 -33.55
N VAL D 119 4.50 11.20 -33.46
CA VAL D 119 5.19 11.27 -32.17
C VAL D 119 5.09 12.65 -31.54
N TYR D 120 5.01 13.68 -32.37
CA TYR D 120 5.00 15.04 -31.87
C TYR D 120 3.69 15.39 -31.21
N ALA D 121 2.61 14.78 -31.68
CA ALA D 121 1.29 14.98 -31.10
C ALA D 121 1.12 14.19 -29.80
N LEU D 122 2.03 13.24 -29.58
CA LEU D 122 1.96 12.33 -28.43
C LEU D 122 2.24 13.01 -27.09
N GLU D 123 1.66 12.46 -26.03
CA GLU D 123 1.82 13.00 -24.69
C GLU D 123 2.43 11.94 -23.76
N ALA D 124 3.52 12.27 -23.07
CA ALA D 124 4.16 11.33 -22.17
C ALA D 124 3.41 11.22 -20.85
N PRO D 125 3.02 9.99 -20.47
CA PRO D 125 2.26 9.78 -19.24
C PRO D 125 3.09 10.08 -18.00
N ASP D 126 2.43 10.42 -16.90
CA ASP D 126 3.09 10.71 -15.63
C ASP D 126 4.23 11.73 -15.76
N THR D 127 4.04 12.72 -16.61
CA THR D 127 5.05 13.74 -16.79
C THR D 127 4.47 15.14 -16.60
N GLU D 128 5.29 16.07 -16.13
CA GLU D 128 4.88 17.44 -15.95
C GLU D 128 5.96 18.40 -16.48
N ASP D 129 5.68 19.70 -16.40
CA ASP D 129 6.61 20.71 -16.88
C ASP D 129 7.03 21.57 -15.71
N LEU D 130 8.23 21.31 -15.19
CA LEU D 130 8.69 21.94 -13.95
C LEU D 130 9.04 23.43 -14.09
N VAL D 131 8.99 23.94 -15.32
CA VAL D 131 9.16 25.36 -15.55
C VAL D 131 7.84 26.06 -15.23
N VAL D 132 6.74 25.43 -15.63
CA VAL D 132 5.39 25.99 -15.49
C VAL D 132 4.70 25.66 -14.17
N LYS D 133 4.89 24.44 -13.66
CA LYS D 133 4.13 23.96 -12.50
C LYS D 133 4.14 24.91 -11.30
N HIS D 134 2.95 25.13 -10.74
CA HIS D 134 2.67 26.10 -9.69
C HIS D 134 2.57 27.53 -10.21
N PHE D 135 3.10 27.77 -11.40
CA PHE D 135 3.05 29.09 -12.03
C PHE D 135 2.07 29.13 -13.19
N GLU D 136 1.12 28.20 -13.18
CA GLU D 136 0.15 28.06 -14.27
C GLU D 136 -0.65 29.34 -14.56
N GLY D 137 -0.67 30.26 -13.58
CA GLY D 137 -1.31 31.55 -13.79
C GLY D 137 -0.60 32.34 -14.87
N ILE D 138 0.73 32.33 -14.83
CA ILE D 138 1.55 33.07 -15.77
C ILE D 138 2.04 32.20 -16.93
N GLU D 139 1.40 31.05 -17.12
CA GLU D 139 1.83 30.08 -18.14
C GLU D 139 1.81 30.62 -19.57
N ASP D 140 1.00 31.65 -19.80
CA ASP D 140 0.94 32.28 -21.13
C ASP D 140 2.23 33.02 -21.43
N GLU D 141 2.74 33.73 -20.42
CA GLU D 141 4.00 34.46 -20.52
C GLU D 141 5.17 33.50 -20.71
N ILE D 142 5.13 32.38 -19.99
CA ILE D 142 6.17 31.36 -20.03
C ILE D 142 6.24 30.65 -21.39
N TRP D 143 5.08 30.24 -21.89
CA TRP D 143 5.01 29.50 -23.15
C TRP D 143 5.63 30.22 -24.34
N GLU D 144 5.30 31.50 -24.50
CA GLU D 144 5.78 32.24 -25.67
C GLU D 144 7.30 32.37 -25.67
N ASN D 145 7.89 32.38 -24.49
CA ASN D 145 9.34 32.38 -24.35
C ASN D 145 9.93 31.01 -24.70
N LYS D 146 9.19 29.96 -24.35
CA LYS D 146 9.62 28.60 -24.66
C LYS D 146 9.57 28.33 -26.16
N GLU D 147 8.60 28.94 -26.83
CA GLU D 147 8.51 28.80 -28.28
C GLU D 147 9.68 29.52 -28.95
N THR D 148 10.02 30.69 -28.41
CA THR D 148 11.14 31.48 -28.92
C THR D 148 12.46 30.72 -28.77
N PHE D 149 12.70 30.22 -27.56
CA PHE D 149 13.97 29.60 -27.21
C PHE D 149 14.21 28.26 -27.90
N LEU D 150 13.14 27.63 -28.38
CA LEU D 150 13.26 26.28 -28.96
C LEU D 150 14.16 26.26 -30.20
N LYS D 151 15.18 25.41 -30.16
CA LYS D 151 16.10 25.27 -31.28
C LYS D 151 16.43 23.81 -31.52
N GLY D 152 16.94 23.52 -32.72
CA GLY D 152 17.23 22.14 -33.11
C GLY D 152 18.60 21.65 -32.66
N TYR D 153 19.16 20.72 -33.44
CA TYR D 153 20.43 20.10 -33.08
C TYR D 153 21.58 21.10 -33.12
N ASN D 154 22.30 21.20 -32.01
CA ASN D 154 23.40 22.14 -31.86
C ASN D 154 23.02 23.60 -32.12
N GLY D 155 21.81 23.96 -31.76
CA GLY D 155 21.35 25.33 -31.88
C GLY D 155 20.90 25.70 -33.27
N ALA D 156 20.76 24.69 -34.13
CA ALA D 156 20.32 24.90 -35.50
C ALA D 156 18.89 25.45 -35.54
N PRO D 157 18.54 26.18 -36.60
CA PRO D 157 17.16 26.64 -36.77
C PRO D 157 16.21 25.46 -36.84
N LEU D 158 14.93 25.69 -36.53
CA LEU D 158 13.94 24.62 -36.53
C LEU D 158 13.68 24.09 -37.94
N SER D 159 13.45 22.78 -38.06
CA SER D 159 13.06 22.17 -39.32
C SER D 159 11.64 22.59 -39.73
N ASP D 160 11.28 22.29 -40.97
CA ASP D 160 9.92 22.53 -41.44
C ASP D 160 8.95 21.65 -40.65
N MSE D 161 9.40 20.45 -40.32
CA MSE D 161 8.63 19.52 -39.51
C MSE D 161 8.39 20.09 -38.12
O MSE D 161 7.25 20.23 -37.67
CB MSE D 161 9.36 18.19 -39.36
CG MSE D 161 8.95 17.11 -40.36
SE MSE D 161 7.08 16.56 -40.22
CE MSE D 161 6.97 16.40 -38.30
N GLU D 162 9.49 20.42 -37.44
CA GLU D 162 9.44 20.91 -36.06
C GLU D 162 8.59 22.17 -35.93
N ALA D 163 8.78 23.12 -36.83
CA ALA D 163 8.04 24.39 -36.78
C ALA D 163 6.53 24.20 -36.93
N LYS D 164 6.15 23.15 -37.65
CA LYS D 164 4.74 22.78 -37.80
C LYS D 164 4.17 22.34 -36.46
N HIS D 165 4.91 21.49 -35.77
CA HIS D 165 4.48 20.97 -34.48
C HIS D 165 5.13 21.74 -33.32
N LEU D 166 5.60 22.95 -33.61
CA LEU D 166 6.30 23.79 -32.64
C LEU D 166 5.56 23.99 -31.32
N LYS D 167 4.25 24.13 -31.40
CA LYS D 167 3.42 24.36 -30.22
C LYS D 167 3.43 23.12 -29.30
N GLU D 168 3.30 21.94 -29.89
CA GLU D 168 3.32 20.69 -29.14
C GLU D 168 4.70 20.43 -28.55
N ILE D 169 5.72 20.43 -29.40
CA ILE D 169 7.11 20.14 -29.00
C ILE D 169 7.63 20.97 -27.83
N ALA D 170 7.48 22.28 -27.91
CA ALA D 170 8.10 23.16 -26.93
C ALA D 170 7.33 23.22 -25.61
N LEU D 171 6.04 22.93 -25.65
CA LEU D 171 5.18 23.18 -24.49
C LEU D 171 4.77 21.94 -23.69
N LYS D 172 5.05 20.75 -24.21
CA LYS D 172 4.71 19.54 -23.48
C LYS D 172 5.69 19.30 -22.33
N GLY D 173 5.23 18.58 -21.30
CA GLY D 173 6.08 18.29 -20.16
C GLY D 173 6.99 17.12 -20.45
N TYR D 174 8.25 17.24 -20.02
CA TYR D 174 9.21 16.16 -20.20
C TYR D 174 9.73 15.61 -18.88
N ASP D 175 9.30 16.21 -17.76
CA ASP D 175 9.80 15.83 -16.44
C ASP D 175 8.98 14.70 -15.82
N TYR D 176 9.58 13.51 -15.73
CA TYR D 176 8.88 12.30 -15.30
C TYR D 176 8.70 12.23 -13.78
N LYS D 177 7.56 11.69 -13.36
CA LYS D 177 7.16 11.70 -11.94
C LYS D 177 7.88 10.64 -11.10
N HIS D 178 8.02 9.44 -11.65
CA HIS D 178 8.46 8.31 -10.86
C HIS D 178 9.91 7.90 -11.11
N GLY D 179 10.53 7.29 -10.11
CA GLY D 179 11.79 6.61 -10.32
C GLY D 179 11.48 5.23 -10.89
N ILE D 180 12.51 4.49 -11.28
CA ILE D 180 12.29 3.16 -11.84
C ILE D 180 12.08 2.12 -10.75
N SER D 181 12.57 2.40 -9.54
CA SER D 181 12.38 1.48 -8.43
C SER D 181 11.03 1.75 -7.75
N PRO D 182 10.39 0.67 -7.26
CA PRO D 182 9.07 0.77 -6.62
C PRO D 182 8.94 1.80 -5.48
N PRO D 183 9.91 1.88 -4.54
CA PRO D 183 9.72 2.85 -3.45
C PRO D 183 9.70 4.29 -3.96
N LEU D 184 10.39 4.53 -5.07
CA LEU D 184 10.50 5.88 -5.61
C LEU D 184 9.33 6.22 -6.54
N TYR D 185 8.22 5.49 -6.40
CA TYR D 185 7.00 5.84 -7.12
C TYR D 185 6.59 7.24 -6.68
N ASN D 186 6.36 8.12 -7.66
CA ASN D 186 5.93 9.49 -7.39
C ASN D 186 6.90 10.22 -6.46
N VAL D 187 8.18 9.81 -6.51
CA VAL D 187 9.20 10.35 -5.61
C VAL D 187 9.31 11.87 -5.71
N ARG D 188 9.14 12.41 -6.91
CA ARG D 188 9.27 13.84 -7.12
C ARG D 188 8.25 14.63 -6.30
N ASN D 189 7.00 14.19 -6.36
CA ASN D 189 5.95 14.84 -5.59
C ASN D 189 5.81 14.35 -4.15
N ARG D 190 6.21 13.10 -3.88
CA ARG D 190 6.10 12.50 -2.54
C ARG D 190 7.36 12.67 -1.70
N ARG D 191 8.44 12.06 -2.18
CA ARG D 191 9.65 11.87 -1.39
C ARG D 191 10.77 12.85 -1.72
N PHE D 192 10.44 13.92 -2.42
CA PHE D 192 11.41 14.98 -2.66
C PHE D 192 11.02 16.25 -1.91
N ARG D 193 11.96 16.83 -1.17
CA ARG D 193 11.77 18.17 -0.64
C ARG D 193 12.01 19.10 -1.83
N ARG D 194 11.12 20.06 -2.06
CA ARG D 194 11.11 20.82 -3.30
C ARG D 194 12.28 21.81 -3.46
N LYS D 195 12.95 21.73 -4.61
CA LYS D 195 14.05 22.63 -4.96
C LYS D 195 13.84 23.27 -6.33
N MSE D 196 14.68 24.23 -6.68
CA MSE D 196 14.65 24.79 -8.02
C MSE D 196 15.17 23.75 -9.01
O MSE D 196 16.16 23.06 -8.72
CB MSE D 196 15.46 26.08 -8.11
CG MSE D 196 14.91 27.22 -7.26
SE MSE D 196 15.46 29.01 -7.87
CE MSE D 196 14.60 29.00 -9.63
N ASP D 197 14.52 23.64 -10.16
CA ASP D 197 14.90 22.65 -11.16
C ASP D 197 15.94 23.24 -12.08
N PRO D 198 16.95 22.44 -12.46
CA PRO D 198 18.00 22.92 -13.38
C PRO D 198 17.44 23.42 -14.71
N ASN D 199 16.50 22.68 -15.30
CA ASN D 199 15.85 23.15 -16.52
C ASN D 199 15.02 24.40 -16.30
N GLU D 200 14.59 24.62 -15.07
CA GLU D 200 13.87 25.83 -14.71
C GLU D 200 14.83 27.00 -14.66
N ILE D 201 15.97 26.79 -13.99
CA ILE D 201 17.00 27.81 -13.86
C ILE D 201 17.53 28.29 -15.21
N ASP D 202 17.73 27.34 -16.12
CA ASP D 202 18.17 27.66 -17.48
C ASP D 202 17.18 28.61 -18.14
N TYR D 203 15.90 28.27 -18.07
CA TYR D 203 14.84 29.10 -18.64
C TYR D 203 14.86 30.51 -18.06
N VAL D 204 14.88 30.59 -16.73
CA VAL D 204 14.92 31.88 -16.05
C VAL D 204 16.12 32.69 -16.51
N GLU D 205 17.26 32.02 -16.66
CA GLU D 205 18.49 32.69 -17.06
C GLU D 205 18.38 33.28 -18.47
N LYS D 206 17.83 32.51 -19.40
CA LYS D 206 17.62 32.96 -20.77
C LYS D 206 16.70 34.18 -20.85
N VAL D 207 15.58 34.12 -20.12
CA VAL D 207 14.62 35.22 -20.12
C VAL D 207 15.28 36.51 -19.64
N VAL D 208 16.04 36.41 -18.56
CA VAL D 208 16.79 37.56 -18.06
C VAL D 208 17.73 38.09 -19.14
N ASP D 209 18.39 37.20 -19.85
CA ASP D 209 19.33 37.60 -20.89
C ASP D 209 18.63 38.27 -22.07
N MSE D 210 17.52 37.68 -22.53
CA MSE D 210 16.78 38.24 -23.65
C MSE D 210 16.25 39.64 -23.32
O MSE D 210 16.13 40.49 -24.20
CB MSE D 210 15.64 37.31 -24.08
CG MSE D 210 14.24 37.80 -23.72
SE MSE D 210 12.76 36.85 -24.58
CE MSE D 210 13.39 36.89 -26.43
N LEU D 211 15.94 39.86 -22.05
CA LEU D 211 15.41 41.16 -21.61
C LEU D 211 16.52 42.23 -21.59
N LEU D 212 17.73 41.84 -21.21
CA LEU D 212 18.85 42.77 -21.18
C LEU D 212 19.37 43.07 -22.58
N LYS D 213 19.29 42.09 -23.46
CA LYS D 213 19.73 42.27 -24.85
C LYS D 213 18.80 43.22 -25.59
N GLN D 214 17.57 43.34 -25.11
CA GLN D 214 16.61 44.29 -25.66
C GLN D 214 16.82 45.67 -25.06
N ASP D 215 17.44 45.69 -23.88
CA ASP D 215 17.74 46.94 -23.19
C ASP D 215 18.94 47.66 -23.83
N LYS D 216 19.87 46.89 -24.36
CA LYS D 216 21.02 47.45 -25.05
C LYS D 216 20.63 47.91 -26.44
N GLN D 217 19.66 47.21 -27.03
CA GLN D 217 19.17 47.53 -28.36
C GLN D 217 18.26 48.76 -28.37
N ALA D 218 17.99 49.29 -27.19
CA ALA D 218 17.19 50.51 -27.07
C ALA D 218 18.06 51.69 -26.67
N GLU D 219 17.48 52.88 -26.70
CA GLU D 219 18.21 54.11 -26.38
C GLU D 219 18.03 54.45 -24.91
N GLU D 220 16.81 54.83 -24.56
CA GLU D 220 16.45 55.07 -23.17
C GLU D 220 15.59 53.93 -22.64
N VAL D 221 15.95 53.41 -21.48
CA VAL D 221 15.18 52.35 -20.83
C VAL D 221 14.94 52.67 -19.37
N SER D 222 13.82 52.19 -18.82
CA SER D 222 13.55 52.32 -17.40
C SER D 222 12.66 51.18 -16.91
N TYR D 223 12.88 50.78 -15.66
CA TYR D 223 12.10 49.71 -15.06
C TYR D 223 11.59 50.16 -13.70
N ASP D 224 10.35 49.78 -13.38
CA ASP D 224 9.77 50.09 -12.08
C ASP D 224 8.94 48.93 -11.56
N LEU D 225 9.04 48.69 -10.26
CA LEU D 225 8.18 47.70 -9.61
C LEU D 225 6.83 48.32 -9.31
N VAL D 226 5.77 47.73 -9.85
CA VAL D 226 4.43 48.29 -9.71
C VAL D 226 3.47 47.24 -9.14
N ASP D 227 2.36 47.70 -8.56
CA ASP D 227 1.34 46.77 -8.08
C ASP D 227 0.65 46.08 -9.25
N LYS D 228 -0.16 45.07 -8.95
CA LYS D 228 -0.79 44.26 -10.00
C LYS D 228 -1.68 45.05 -10.97
N SER D 229 -2.09 46.24 -10.56
CA SER D 229 -2.85 47.14 -11.44
C SER D 229 -1.93 48.01 -12.28
N GLU D 230 -1.98 47.85 -13.60
CA GLU D 230 -2.87 46.88 -14.24
C GLU D 230 -2.11 46.06 -15.27
N PRO E 6 -25.88 32.97 34.71
CA PRO E 6 -26.86 31.91 34.97
C PRO E 6 -28.28 32.46 35.09
N ILE E 7 -28.62 33.40 34.22
CA ILE E 7 -29.97 33.97 34.20
C ILE E 7 -30.69 33.60 32.91
N ARG E 8 -31.90 33.07 33.04
CA ARG E 8 -32.67 32.59 31.89
C ARG E 8 -33.14 33.72 30.98
N ILE E 9 -32.95 33.53 29.68
CA ILE E 9 -33.62 34.37 28.71
C ILE E 9 -35.10 34.05 28.79
N PRO E 10 -35.96 35.07 28.66
CA PRO E 10 -37.40 34.95 28.94
C PRO E 10 -38.11 33.79 28.22
N GLY E 11 -37.91 33.67 26.91
CA GLY E 11 -38.63 32.67 26.12
C GLY E 11 -37.83 31.42 25.79
N GLU E 12 -36.76 31.17 26.56
CA GLU E 12 -35.90 30.02 26.30
C GLU E 12 -36.35 28.73 26.97
N ALA E 13 -36.72 28.81 28.25
CA ALA E 13 -36.90 27.61 29.07
C ALA E 13 -38.28 26.94 29.00
N TYR E 14 -38.30 25.62 29.10
CA TYR E 14 -39.55 24.83 29.12
C TYR E 14 -39.97 24.58 30.55
N ASP E 15 -39.03 24.73 31.49
CA ASP E 15 -39.31 24.50 32.89
C ASP E 15 -39.72 25.80 33.59
N SER E 16 -39.95 26.85 32.80
CA SER E 16 -40.35 28.15 33.32
C SER E 16 -41.56 28.05 34.25
N GLU E 17 -41.49 28.77 35.37
CA GLU E 17 -42.57 28.78 36.37
C GLU E 17 -42.84 27.40 36.98
N ALA E 18 -41.79 26.72 37.42
CA ALA E 18 -41.96 25.42 38.05
C ALA E 18 -41.33 25.38 39.44
N SER E 19 -41.79 24.45 40.27
CA SER E 19 -41.35 24.35 41.66
C SER E 19 -40.08 23.52 41.82
N ASP E 20 -39.90 22.52 40.97
CA ASP E 20 -38.81 21.55 41.12
C ASP E 20 -37.48 22.01 40.55
N ILE E 21 -37.44 23.24 40.03
CA ILE E 21 -36.25 23.79 39.37
C ILE E 21 -35.02 23.84 40.28
N GLU E 22 -33.90 23.33 39.76
CA GLU E 22 -32.61 23.47 40.43
C GLU E 22 -32.08 24.88 40.18
N ASP E 23 -31.46 25.47 41.19
CA ASP E 23 -30.99 26.86 41.09
C ASP E 23 -29.68 26.98 40.32
N ASP E 24 -28.65 26.28 40.78
CA ASP E 24 -27.34 26.31 40.14
C ASP E 24 -26.95 24.91 39.67
N PRO E 25 -27.43 24.51 38.49
CA PRO E 25 -27.25 23.15 37.97
C PRO E 25 -25.79 22.83 37.67
N LEU E 26 -25.44 21.55 37.77
CA LEU E 26 -24.07 21.12 37.48
C LEU E 26 -23.93 20.76 36.00
N ILE E 27 -23.26 21.64 35.25
CA ILE E 27 -23.06 21.39 33.83
C ILE E 27 -21.62 20.95 33.56
N GLU E 28 -21.43 20.10 32.56
CA GLU E 28 -20.12 19.55 32.27
C GLU E 28 -19.80 19.54 30.77
N SER E 29 -18.50 19.48 30.46
CA SER E 29 -18.03 19.40 29.08
C SER E 29 -16.71 18.65 29.08
N GLY E 30 -16.30 18.13 27.92
CA GLY E 30 -15.09 17.34 27.86
C GLY E 30 -14.50 17.06 26.49
N VAL E 31 -13.24 16.66 26.49
CA VAL E 31 -12.54 16.24 25.27
C VAL E 31 -11.74 14.98 25.53
N ILE E 32 -11.32 14.32 24.46
CA ILE E 32 -10.45 13.16 24.59
C ILE E 32 -9.03 13.67 24.75
N LEU E 33 -8.28 13.10 25.69
CA LEU E 33 -6.87 13.45 25.82
C LEU E 33 -6.04 12.27 25.34
N ARG E 34 -5.20 12.51 24.33
CA ARG E 34 -4.30 11.48 23.82
C ARG E 34 -2.84 11.88 24.07
N ILE E 35 -2.14 11.09 24.88
CA ILE E 35 -0.75 11.39 25.21
C ILE E 35 0.20 10.37 24.59
N LEU E 36 1.45 10.77 24.38
CA LEU E 36 2.46 9.89 23.81
C LEU E 36 2.77 8.72 24.73
N PRO E 37 3.03 7.53 24.14
CA PRO E 37 3.38 6.33 24.91
C PRO E 37 4.81 6.37 25.48
N ASP E 38 5.08 7.33 26.36
CA ASP E 38 6.37 7.45 27.03
C ASP E 38 6.40 6.61 28.29
N ILE E 39 7.35 6.93 29.16
CA ILE E 39 7.31 6.41 30.53
C ILE E 39 6.39 7.34 31.31
N GLN E 40 6.11 8.50 30.73
CA GLN E 40 5.23 9.49 31.33
C GLN E 40 3.78 9.04 31.22
N LEU E 41 3.48 8.24 30.20
CA LEU E 41 2.16 7.62 30.09
C LEU E 41 1.94 6.68 31.26
N GLU E 42 2.96 5.86 31.54
CA GLU E 42 2.93 4.93 32.65
C GLU E 42 2.70 5.68 33.97
N PHE E 43 3.28 6.86 34.08
CA PHE E 43 3.06 7.71 35.24
C PHE E 43 1.58 8.04 35.34
N VAL E 44 1.01 8.59 34.27
CA VAL E 44 -0.41 8.93 34.21
C VAL E 44 -1.31 7.75 34.58
N LYS E 45 -0.98 6.56 34.07
CA LYS E 45 -1.71 5.35 34.39
C LYS E 45 -1.65 5.04 35.89
N ASN E 46 -0.45 5.17 36.46
CA ASN E 46 -0.26 4.95 37.90
C ASN E 46 -0.95 6.01 38.75
N SER E 47 -0.99 7.24 38.23
CA SER E 47 -1.62 8.36 38.93
C SER E 47 -3.13 8.20 39.05
N LEU E 48 -3.73 7.57 38.05
CA LEU E 48 -5.18 7.36 38.06
C LEU E 48 -5.52 6.14 38.92
N GLU E 49 -4.56 5.24 39.08
CA GLU E 49 -4.73 4.09 39.95
C GLU E 49 -4.64 4.51 41.42
N SER E 50 -3.59 5.24 41.77
CA SER E 50 -3.38 5.68 43.14
C SER E 50 -4.34 6.78 43.54
N GLY E 51 -4.76 7.59 42.58
CA GLY E 51 -5.63 8.72 42.87
C GLY E 51 -4.85 9.98 43.16
N ASP E 52 -3.55 9.94 42.86
CA ASP E 52 -2.67 11.08 43.09
C ASP E 52 -2.42 11.82 41.78
N TYR E 53 -3.08 12.96 41.60
CA TYR E 53 -3.00 13.72 40.36
C TYR E 53 -1.95 14.83 40.43
N SER E 54 -1.12 14.77 41.47
CA SER E 54 -0.19 15.86 41.80
C SER E 54 0.79 16.23 40.69
N GLY E 55 1.32 15.23 39.99
CA GLY E 55 2.33 15.46 38.97
C GLY E 55 1.81 15.90 37.61
N ILE E 56 0.49 15.90 37.45
CA ILE E 56 -0.11 16.17 36.15
C ILE E 56 -0.77 17.54 36.08
N SER E 57 -0.50 18.27 35.01
CA SER E 57 -0.98 19.64 34.85
C SER E 57 -1.07 20.02 33.37
N ILE E 58 -1.98 20.94 33.04
CA ILE E 58 -2.11 21.43 31.67
C ILE E 58 -2.27 22.94 31.66
N LYS E 59 -1.49 23.62 30.82
CA LYS E 59 -1.64 25.07 30.65
C LYS E 59 -2.18 25.40 29.27
N TRP E 60 -3.27 26.14 29.23
CA TRP E 60 -3.91 26.49 27.96
C TRP E 60 -3.32 27.79 27.42
N LYS E 61 -2.53 27.70 26.35
CA LYS E 61 -1.80 28.86 25.86
C LYS E 61 -2.54 29.61 24.75
N ASN E 62 -3.57 28.98 24.22
CA ASN E 62 -4.30 29.50 23.07
C ASN E 62 -5.55 28.65 22.92
N GLU E 63 -6.53 29.12 22.15
CA GLU E 63 -7.77 28.40 21.90
C GLU E 63 -7.54 26.91 21.64
N ARG E 64 -6.69 26.62 20.67
CA ARG E 64 -6.44 25.25 20.25
C ARG E 64 -5.03 24.77 20.54
N HIS E 65 -4.30 25.52 21.35
CA HIS E 65 -2.95 25.11 21.75
C HIS E 65 -2.82 25.06 23.26
N ALA E 66 -2.16 24.02 23.76
CA ALA E 66 -1.95 23.87 25.19
C ALA E 66 -0.68 23.08 25.49
N VAL E 67 -0.22 23.16 26.72
CA VAL E 67 0.95 22.41 27.14
C VAL E 67 0.60 21.43 28.25
N VAL E 68 0.80 20.14 27.99
CA VAL E 68 0.57 19.12 28.99
C VAL E 68 1.88 18.78 29.67
N THR E 69 1.97 19.07 30.96
CA THR E 69 3.17 18.75 31.73
C THR E 69 2.91 17.55 32.64
N ILE E 70 3.74 16.53 32.50
CA ILE E 70 3.63 15.31 33.30
C ILE E 70 4.99 15.01 33.92
N ASN E 71 5.04 15.00 35.26
CA ASN E 71 6.30 14.88 35.98
C ASN E 71 7.30 15.93 35.53
N ASP E 72 6.81 17.17 35.39
CA ASP E 72 7.60 18.29 34.89
C ASP E 72 8.24 18.02 33.52
N VAL E 73 7.49 17.35 32.64
CA VAL E 73 7.90 17.17 31.25
C VAL E 73 6.86 17.83 30.35
N MSE E 74 7.27 18.93 29.72
CA MSE E 74 6.33 19.69 28.89
C MSE E 74 6.07 19.04 27.53
O MSE E 74 7.00 18.67 26.82
CB MSE E 74 6.83 21.13 28.70
CG MSE E 74 6.55 22.04 29.87
SE MSE E 74 6.96 23.90 29.48
CE MSE E 74 5.99 24.73 30.97
N TYR E 75 4.79 18.91 27.20
CA TYR E 75 4.37 18.42 25.89
C TYR E 75 3.49 19.44 25.20
N GLY E 76 3.84 19.81 23.98
CA GLY E 76 2.97 20.67 23.20
C GLY E 76 1.77 19.88 22.74
N ALA E 77 0.58 20.46 22.88
CA ALA E 77 -0.64 19.78 22.47
C ALA E 77 -1.55 20.70 21.64
N ILE E 78 -2.20 20.13 20.64
CA ILE E 78 -3.13 20.87 19.79
C ILE E 78 -4.53 20.25 19.85
N LEU E 79 -5.53 21.09 20.09
CA LEU E 79 -6.92 20.61 20.17
C LEU E 79 -7.47 20.40 18.77
N VAL E 80 -7.82 19.15 18.44
CA VAL E 80 -8.28 18.81 17.10
C VAL E 80 -9.75 18.43 17.10
N ASP E 81 -10.40 18.61 15.96
CA ASP E 81 -11.81 18.26 15.82
C ASP E 81 -11.97 16.85 15.22
N LEU E 82 -12.49 15.93 16.03
CA LEU E 82 -12.76 14.58 15.59
C LEU E 82 -13.86 14.59 14.53
N PRO E 83 -13.79 13.67 13.55
CA PRO E 83 -14.80 13.55 12.50
C PRO E 83 -16.11 12.97 13.01
N THR E 84 -16.03 12.33 14.17
CA THR E 84 -17.17 11.65 14.75
C THR E 84 -17.68 12.40 15.98
N VAL E 85 -18.96 12.22 16.30
CA VAL E 85 -19.51 12.73 17.55
C VAL E 85 -19.64 11.57 18.55
N ILE E 86 -19.19 11.79 19.79
CA ILE E 86 -19.22 10.75 20.81
C ILE E 86 -20.09 11.11 22.02
N GLU E 87 -21.17 10.36 22.24
CA GLU E 87 -21.98 10.54 23.43
C GLU E 87 -21.27 9.94 24.63
N VAL E 88 -21.02 10.76 25.64
CA VAL E 88 -20.45 10.25 26.89
C VAL E 88 -21.58 9.85 27.82
N ASN E 89 -21.67 8.56 28.10
CA ASN E 89 -22.75 8.07 28.94
C ASN E 89 -22.25 7.60 30.29
N LYS E 90 -23.14 7.61 31.28
CA LYS E 90 -22.81 7.19 32.63
C LYS E 90 -23.74 6.04 33.00
N SER E 91 -23.21 5.05 33.72
CA SER E 91 -24.06 3.93 34.13
C SER E 91 -23.69 3.26 35.45
N VAL E 92 -24.72 2.99 36.26
CA VAL E 92 -24.58 2.28 37.52
C VAL E 92 -25.11 0.85 37.39
N ASP E 93 -26.26 0.72 36.73
CA ASP E 93 -26.87 -0.58 36.45
C ASP E 93 -26.07 -1.35 35.39
N ARG E 94 -25.28 -0.61 34.61
CA ARG E 94 -24.54 -1.13 33.45
C ARG E 94 -25.45 -1.76 32.37
N LYS E 95 -26.76 -1.53 32.55
CA LYS E 95 -27.75 -1.89 31.56
C LYS E 95 -28.44 -0.61 31.07
N ASN E 96 -28.35 0.44 31.90
CA ASN E 96 -28.95 1.73 31.56
C ASN E 96 -27.90 2.83 31.44
N LEU E 97 -27.79 3.40 30.24
CA LEU E 97 -26.76 4.41 29.98
C LEU E 97 -27.38 5.81 29.94
N LEU E 98 -26.86 6.72 30.76
CA LEU E 98 -27.40 8.08 30.82
C LEU E 98 -26.47 9.13 30.22
N LYS E 99 -27.03 9.96 29.34
CA LYS E 99 -26.27 10.96 28.60
C LYS E 99 -25.83 12.12 29.48
N THR E 100 -24.57 12.53 29.33
CA THR E 100 -24.03 13.69 30.03
C THR E 100 -23.69 14.78 29.03
N PHE E 101 -22.54 14.64 28.38
CA PHE E 101 -22.14 15.60 27.34
C PHE E 101 -21.60 14.88 26.11
N ASP E 102 -21.45 15.64 25.02
CA ASP E 102 -20.92 15.10 23.78
C ASP E 102 -19.44 15.44 23.64
N VAL E 103 -18.67 14.55 23.01
CA VAL E 103 -17.26 14.81 22.73
C VAL E 103 -17.03 14.84 21.23
N SER E 104 -16.55 15.97 20.74
CA SER E 104 -16.25 16.11 19.31
C SER E 104 -14.80 16.54 19.11
N GLN E 105 -14.04 16.57 20.19
CA GLN E 105 -12.67 17.06 20.13
C GLN E 105 -11.68 16.25 20.95
N MSE E 106 -10.41 16.32 20.55
CA MSE E 106 -9.34 15.63 21.23
C MSE E 106 -8.13 16.53 21.40
O MSE E 106 -7.69 17.19 20.44
CB MSE E 106 -8.95 14.36 20.45
CG MSE E 106 -7.72 13.64 21.00
SE MSE E 106 -7.23 12.08 19.93
CE MSE E 106 -7.12 12.93 18.18
N LEU E 107 -7.60 16.59 22.62
CA LEU E 107 -6.35 17.30 22.87
C LEU E 107 -5.23 16.31 22.60
N LEU E 108 -4.46 16.58 21.56
CA LEU E 108 -3.46 15.64 21.07
C LEU E 108 -2.03 16.07 21.41
N CYS E 109 -1.35 15.28 22.23
CA CYS E 109 0.06 15.52 22.50
C CYS E 109 0.88 15.22 21.27
N ILE E 110 1.71 16.19 20.86
CA ILE E 110 2.53 16.06 19.66
C ILE E 110 3.92 15.54 19.99
N ARG E 111 4.67 16.30 20.78
CA ARG E 111 6.02 15.94 21.18
C ARG E 111 6.45 16.69 22.44
N PRO E 112 7.46 16.17 23.16
CA PRO E 112 8.00 16.94 24.28
C PRO E 112 8.67 18.24 23.81
N ILE E 113 8.44 19.31 24.56
CA ILE E 113 9.00 20.62 24.24
C ILE E 113 9.76 21.14 25.45
N GLN E 114 10.67 22.09 25.22
CA GLN E 114 11.43 22.70 26.31
C GLN E 114 10.95 24.12 26.61
N GLU E 115 10.16 24.67 25.69
CA GLU E 115 9.62 26.01 25.81
C GLU E 115 8.15 26.02 25.43
N GLU E 116 7.32 26.73 26.20
CA GLU E 116 5.90 26.85 25.92
C GLU E 116 5.65 27.44 24.54
N GLU E 117 6.59 28.26 24.07
CA GLU E 117 6.43 28.96 22.80
C GLU E 117 6.58 28.01 21.61
N GLU E 118 7.11 26.82 21.87
CA GLU E 118 7.37 25.85 20.81
C GLU E 118 6.09 25.21 20.28
N VAL E 119 5.00 25.34 21.02
CA VAL E 119 3.73 24.69 20.65
C VAL E 119 3.05 25.33 19.44
N TYR E 120 3.36 26.60 19.17
CA TYR E 120 2.70 27.31 18.07
C TYR E 120 3.31 26.89 16.73
N ALA E 121 4.44 26.21 16.79
CA ALA E 121 5.14 25.76 15.59
C ALA E 121 4.93 24.27 15.35
N LEU E 122 4.25 23.61 16.28
CA LEU E 122 3.98 22.18 16.17
C LEU E 122 2.91 21.89 15.12
N GLU E 123 3.01 20.73 14.47
CA GLU E 123 2.01 20.29 13.52
C GLU E 123 1.30 19.06 14.08
N ALA E 124 -0.03 19.06 14.04
CA ALA E 124 -0.80 17.89 14.45
C ALA E 124 -0.90 16.93 13.28
N PRO E 125 -0.51 15.66 13.51
CA PRO E 125 -0.50 14.64 12.46
C PRO E 125 -1.92 14.19 12.11
N ASP E 126 -2.10 13.63 10.92
CA ASP E 126 -3.40 13.15 10.46
C ASP E 126 -4.49 14.21 10.57
N THR E 127 -4.15 15.45 10.21
CA THR E 127 -5.13 16.53 10.22
C THR E 127 -5.28 17.15 8.85
N GLU E 128 -6.33 17.96 8.70
CA GLU E 128 -6.58 18.68 7.46
C GLU E 128 -7.22 20.01 7.76
N ASP E 129 -7.14 20.93 6.80
CA ASP E 129 -7.94 22.15 6.87
C ASP E 129 -9.03 22.00 5.81
N LEU E 130 -10.23 21.68 6.27
CA LEU E 130 -11.34 21.34 5.38
C LEU E 130 -11.84 22.54 4.58
N VAL E 131 -11.48 23.74 5.01
CA VAL E 131 -11.74 24.96 4.26
C VAL E 131 -10.88 24.96 2.99
N VAL E 132 -9.59 24.69 3.18
CA VAL E 132 -8.61 24.72 2.09
C VAL E 132 -8.66 23.48 1.19
N LYS E 133 -9.02 22.34 1.76
CA LYS E 133 -9.03 21.06 1.05
C LYS E 133 -9.77 21.10 -0.29
N HIS E 134 -9.10 20.61 -1.32
CA HIS E 134 -9.57 20.64 -2.71
C HIS E 134 -9.54 22.04 -3.32
N PHE E 135 -9.47 23.06 -2.47
CA PHE E 135 -9.43 24.44 -2.91
C PHE E 135 -8.03 25.03 -2.76
N GLU E 136 -7.04 24.15 -2.61
CA GLU E 136 -5.66 24.59 -2.40
C GLU E 136 -5.11 25.38 -3.60
N GLY E 137 -5.86 25.41 -4.70
CA GLY E 137 -5.50 26.21 -5.85
C GLY E 137 -5.67 27.70 -5.59
N ILE E 138 -6.68 28.04 -4.79
CA ILE E 138 -6.96 29.43 -4.43
C ILE E 138 -6.51 29.74 -3.00
N GLU E 139 -5.75 28.83 -2.42
CA GLU E 139 -5.43 28.88 -0.99
C GLU E 139 -4.80 30.19 -0.53
N ASP E 140 -4.12 30.86 -1.45
CA ASP E 140 -3.51 32.15 -1.14
C ASP E 140 -4.58 33.14 -0.70
N GLU E 141 -5.69 33.15 -1.43
CA GLU E 141 -6.85 33.97 -1.07
C GLU E 141 -7.37 33.60 0.32
N ILE E 142 -7.67 32.32 0.52
CA ILE E 142 -8.21 31.84 1.78
C ILE E 142 -7.32 32.18 2.97
N TRP E 143 -6.03 31.86 2.84
CA TRP E 143 -5.06 32.05 3.90
C TRP E 143 -5.02 33.49 4.42
N GLU E 144 -5.12 34.45 3.49
CA GLU E 144 -5.10 35.86 3.85
C GLU E 144 -6.26 36.16 4.79
N ASN E 145 -7.46 35.76 4.39
CA ASN E 145 -8.68 36.01 5.15
C ASN E 145 -8.67 35.32 6.52
N LYS E 146 -8.07 34.15 6.59
CA LYS E 146 -7.99 33.41 7.86
C LYS E 146 -7.12 34.15 8.86
N GLU E 147 -5.98 34.65 8.39
CA GLU E 147 -5.08 35.44 9.23
C GLU E 147 -5.78 36.70 9.71
N THR E 148 -6.64 37.24 8.86
CA THR E 148 -7.44 38.40 9.22
C THR E 148 -8.43 38.05 10.33
N PHE E 149 -9.07 36.88 10.20
CA PHE E 149 -10.18 36.50 11.08
C PHE E 149 -9.81 36.04 12.49
N LEU E 150 -8.52 35.89 12.78
CA LEU E 150 -8.14 35.27 14.05
C LEU E 150 -8.29 36.21 15.24
N LYS E 151 -9.33 35.97 16.03
CA LYS E 151 -9.54 36.70 17.28
C LYS E 151 -8.84 35.96 18.41
N GLY E 152 -8.64 36.66 19.53
CA GLY E 152 -8.14 36.02 20.73
C GLY E 152 -9.31 35.46 21.53
N TYR E 153 -9.15 35.38 22.84
CA TYR E 153 -10.21 34.87 23.71
C TYR E 153 -11.41 35.81 23.77
N ASN E 154 -12.57 35.32 23.32
CA ASN E 154 -13.80 36.10 23.29
C ASN E 154 -13.71 37.38 22.46
N GLY E 155 -12.89 37.35 21.41
CA GLY E 155 -12.74 38.50 20.52
C GLY E 155 -11.74 39.53 21.03
N ALA E 156 -11.02 39.19 22.09
CA ALA E 156 -10.04 40.08 22.70
C ALA E 156 -8.84 40.33 21.76
N PRO E 157 -7.91 41.22 22.16
CA PRO E 157 -6.66 41.30 21.40
C PRO E 157 -5.84 40.02 21.48
N LEU E 158 -4.73 39.97 20.74
CA LEU E 158 -3.91 38.77 20.68
C LEU E 158 -2.61 38.98 21.43
N SER E 159 -2.20 37.99 22.21
CA SER E 159 -0.91 38.07 22.92
C SER E 159 0.24 38.18 21.92
N ASP E 160 1.40 38.62 22.40
CA ASP E 160 2.57 38.82 21.53
C ASP E 160 2.93 37.55 20.77
N MSE E 161 2.94 36.42 21.48
CA MSE E 161 3.26 35.12 20.89
C MSE E 161 2.31 34.79 19.74
O MSE E 161 2.73 34.26 18.71
CB MSE E 161 3.19 34.03 21.95
CG MSE E 161 4.19 34.19 23.08
SE MSE E 161 3.62 33.23 24.68
CE MSE E 161 1.97 34.22 25.05
N GLU E 162 1.03 35.08 19.93
CA GLU E 162 0.02 34.83 18.91
C GLU E 162 0.22 35.75 17.72
N ALA E 163 0.70 36.96 17.97
CA ALA E 163 1.00 37.90 16.90
C ALA E 163 2.26 37.45 16.16
N LYS E 164 3.25 37.01 16.92
CA LYS E 164 4.53 36.55 16.38
C LYS E 164 4.36 35.27 15.58
N HIS E 165 3.60 34.33 16.13
CA HIS E 165 3.41 33.04 15.50
C HIS E 165 2.10 32.97 14.73
N LEU E 166 1.56 34.12 14.39
CA LEU E 166 0.26 34.23 13.70
C LEU E 166 0.18 33.36 12.45
N LYS E 167 1.06 33.63 11.48
CA LYS E 167 1.02 32.95 10.19
C LYS E 167 1.07 31.43 10.32
N GLU E 168 1.72 30.94 11.37
CA GLU E 168 1.79 29.51 11.63
C GLU E 168 0.43 28.96 12.07
N ILE E 169 -0.17 29.59 13.06
CA ILE E 169 -1.32 29.03 13.77
C ILE E 169 -2.69 29.29 13.13
N ALA E 170 -2.73 30.14 12.12
CA ALA E 170 -3.99 30.37 11.41
C ALA E 170 -4.07 29.51 10.16
N LEU E 171 -2.97 28.84 9.83
CA LEU E 171 -2.90 28.02 8.63
C LEU E 171 -2.93 26.52 8.93
N LYS E 172 -2.78 26.17 10.21
CA LYS E 172 -2.86 24.77 10.63
C LYS E 172 -4.25 24.23 10.38
N GLY E 173 -4.32 22.98 9.90
CA GLY E 173 -5.57 22.27 9.87
C GLY E 173 -5.78 21.70 11.25
N TYR E 174 -7.01 21.77 11.75
CA TYR E 174 -7.33 21.19 13.04
C TYR E 174 -8.35 20.07 12.93
N ASP E 175 -8.71 19.71 11.70
CA ASP E 175 -9.70 18.67 11.44
C ASP E 175 -9.06 17.30 11.38
N TYR E 176 -9.37 16.45 12.37
CA TYR E 176 -8.75 15.13 12.49
C TYR E 176 -9.35 14.11 11.51
N LYS E 177 -8.54 13.14 11.09
CA LYS E 177 -8.95 12.19 10.06
C LYS E 177 -9.71 10.99 10.61
N HIS E 178 -9.38 10.58 11.84
CA HIS E 178 -9.88 9.32 12.37
C HIS E 178 -10.79 9.51 13.56
N GLY E 179 -11.72 8.57 13.74
CA GLY E 179 -12.46 8.49 14.99
C GLY E 179 -11.57 7.75 15.97
N ILE E 180 -12.06 7.51 17.19
CA ILE E 180 -11.24 6.81 18.17
C ILE E 180 -11.52 5.31 18.22
N SER E 181 -12.47 4.87 17.39
CA SER E 181 -12.76 3.44 17.27
C SER E 181 -11.98 2.86 16.11
N PRO E 182 -11.44 1.65 16.31
CA PRO E 182 -10.68 0.95 15.27
C PRO E 182 -11.38 0.94 13.90
N PRO E 183 -12.66 0.53 13.83
CA PRO E 183 -13.22 0.45 12.48
C PRO E 183 -13.47 1.84 11.89
N LEU E 184 -13.41 2.87 12.72
CA LEU E 184 -13.61 4.23 12.25
C LEU E 184 -12.30 4.92 11.84
N TYR E 185 -11.22 4.12 11.72
CA TYR E 185 -9.97 4.63 11.17
C TYR E 185 -10.24 5.20 9.77
N ASN E 186 -9.81 6.43 9.56
CA ASN E 186 -9.95 7.11 8.27
CA ASN E 186 -9.95 7.11 8.27
C ASN E 186 -11.42 7.27 7.88
N VAL E 187 -12.30 7.34 8.88
CA VAL E 187 -13.74 7.44 8.62
C VAL E 187 -14.11 8.64 7.76
N ARG E 188 -13.43 9.76 7.96
CA ARG E 188 -13.78 11.01 7.28
C ARG E 188 -13.64 10.91 5.76
N ASN E 189 -12.53 10.36 5.28
CA ASN E 189 -12.29 10.27 3.85
C ASN E 189 -12.79 8.97 3.23
N ARG E 190 -13.12 7.99 4.05
CA ARG E 190 -13.46 6.66 3.56
C ARG E 190 -14.92 6.28 3.83
N ARG E 191 -15.35 6.47 5.07
CA ARG E 191 -16.68 6.05 5.49
C ARG E 191 -17.65 7.22 5.68
N PHE E 192 -17.29 8.39 5.17
CA PHE E 192 -18.20 9.55 5.14
C PHE E 192 -18.48 9.98 3.70
N ARG E 193 -19.75 10.13 3.35
CA ARG E 193 -20.11 10.83 2.12
C ARG E 193 -19.83 12.30 2.38
N ARG E 194 -19.24 12.99 1.39
CA ARG E 194 -18.78 14.37 1.62
C ARG E 194 -19.89 15.42 1.59
N LYS E 195 -19.84 16.32 2.57
CA LYS E 195 -20.77 17.45 2.65
C LYS E 195 -20.07 18.60 3.38
N MSE E 196 -20.64 19.80 3.26
CA MSE E 196 -19.99 21.00 3.80
C MSE E 196 -19.67 20.92 5.30
O MSE E 196 -20.53 20.56 6.11
CB MSE E 196 -20.82 22.25 3.48
CG MSE E 196 -20.84 22.57 1.99
SE MSE E 196 -21.45 24.36 1.54
CE MSE E 196 -20.51 24.53 -0.17
N ASP E 197 -18.44 21.26 5.64
CA ASP E 197 -17.99 21.27 7.02
C ASP E 197 -18.58 22.49 7.72
N PRO E 198 -18.92 22.36 9.01
CA PRO E 198 -19.42 23.49 9.79
C PRO E 198 -18.43 24.64 9.81
N ASN E 199 -17.17 24.35 10.11
CA ASN E 199 -16.12 25.37 10.13
C ASN E 199 -15.84 25.96 8.74
N GLU E 200 -16.15 25.20 7.70
CA GLU E 200 -16.01 25.69 6.32
C GLU E 200 -17.00 26.82 6.08
N ILE E 201 -18.29 26.53 6.23
CA ILE E 201 -19.33 27.53 6.00
C ILE E 201 -19.30 28.65 7.05
N ASP E 202 -18.68 28.37 8.19
CA ASP E 202 -18.39 29.40 9.20
C ASP E 202 -17.47 30.45 8.59
N TYR E 203 -16.46 29.97 7.86
CA TYR E 203 -15.50 30.84 7.19
C TYR E 203 -16.12 31.61 6.02
N VAL E 204 -16.81 30.90 5.13
CA VAL E 204 -17.43 31.51 3.95
C VAL E 204 -18.43 32.61 4.33
N GLU E 205 -19.18 32.38 5.40
CA GLU E 205 -20.09 33.40 5.92
C GLU E 205 -19.30 34.59 6.46
N LYS E 206 -18.25 34.29 7.22
CA LYS E 206 -17.42 35.33 7.84
C LYS E 206 -16.67 36.16 6.79
N VAL E 207 -16.58 35.62 5.57
CA VAL E 207 -16.00 36.34 4.44
C VAL E 207 -17.05 37.21 3.76
N VAL E 208 -18.14 36.59 3.32
CA VAL E 208 -19.19 37.27 2.58
C VAL E 208 -19.77 38.49 3.32
N ASP E 209 -19.85 38.40 4.65
CA ASP E 209 -20.29 39.55 5.44
C ASP E 209 -19.26 40.69 5.46
N MSE E 210 -17.98 40.32 5.54
CA MSE E 210 -16.88 41.29 5.47
C MSE E 210 -16.88 42.02 4.14
O MSE E 210 -16.72 43.23 4.08
CB MSE E 210 -15.55 40.59 5.70
CG MSE E 210 -14.34 41.53 5.72
SE MSE E 210 -12.59 40.64 5.61
CE MSE E 210 -12.65 40.07 3.75
N LEU E 211 -17.08 41.26 3.05
CA LEU E 211 -17.14 41.82 1.71
C LEU E 211 -18.27 42.83 1.54
N LEU E 212 -19.27 42.77 2.42
CA LEU E 212 -20.39 43.70 2.38
C LEU E 212 -20.05 45.02 3.06
N LYS E 213 -19.22 44.97 4.10
CA LYS E 213 -18.69 46.17 4.73
C LYS E 213 -17.90 46.98 3.70
N GLN E 214 -17.16 46.27 2.86
CA GLN E 214 -16.34 46.88 1.82
C GLN E 214 -17.21 47.36 0.65
N ASP E 215 -18.51 47.06 0.75
CA ASP E 215 -19.50 47.56 -0.21
C ASP E 215 -20.24 48.76 0.39
N LYS E 216 -20.75 48.58 1.60
CA LYS E 216 -21.56 49.59 2.27
C LYS E 216 -20.77 50.86 2.63
N GLN E 217 -19.45 50.75 2.69
CA GLN E 217 -18.58 51.89 3.00
C GLN E 217 -18.02 52.54 1.74
N ALA E 218 -18.49 52.09 0.58
CA ALA E 218 -18.05 52.65 -0.71
C ALA E 218 -19.07 53.67 -1.23
N GLU E 219 -18.91 54.06 -2.49
CA GLU E 219 -19.84 54.99 -3.12
C GLU E 219 -20.62 54.28 -4.23
N GLU E 220 -19.88 53.81 -5.23
CA GLU E 220 -20.47 53.02 -6.31
C GLU E 220 -19.70 51.71 -6.48
N VAL E 221 -20.41 50.58 -6.37
CA VAL E 221 -19.79 49.27 -6.46
C VAL E 221 -20.31 48.47 -7.65
N SER E 222 -19.40 47.88 -8.42
CA SER E 222 -19.80 47.04 -9.55
C SER E 222 -19.20 45.64 -9.41
N TYR E 223 -20.06 44.63 -9.43
CA TYR E 223 -19.64 43.23 -9.43
C TYR E 223 -20.08 42.56 -10.73
N ASP E 224 -19.21 41.74 -11.32
CA ASP E 224 -19.51 41.07 -12.57
C ASP E 224 -18.86 39.70 -12.66
N LEU E 225 -19.54 38.76 -13.33
CA LEU E 225 -18.96 37.43 -13.57
C LEU E 225 -18.09 37.46 -14.83
N VAL E 226 -16.86 37.00 -14.71
CA VAL E 226 -15.85 37.16 -15.76
C VAL E 226 -15.53 35.87 -16.52
N ASP E 227 -14.55 35.94 -17.43
CA ASP E 227 -14.00 34.76 -18.06
C ASP E 227 -12.50 34.69 -17.75
N LYS E 228 -11.76 33.88 -18.52
CA LYS E 228 -10.32 33.75 -18.33
C LYS E 228 -9.58 35.06 -18.60
N SER E 229 -8.88 35.58 -17.60
CA SER E 229 -8.16 36.83 -17.73
C SER E 229 -7.08 36.96 -16.65
N GLU E 230 -6.48 38.15 -16.53
CA GLU E 230 -5.43 38.39 -15.56
C GLU E 230 -5.98 38.47 -14.14
N PRO F 6 3.22 -47.62 -24.36
CA PRO F 6 3.63 -46.29 -23.91
C PRO F 6 4.40 -45.51 -24.98
N ILE F 7 4.13 -44.20 -25.05
CA ILE F 7 4.84 -43.33 -25.99
C ILE F 7 5.21 -42.02 -25.31
N ARG F 8 6.38 -41.49 -25.65
CA ARG F 8 6.88 -40.27 -25.02
C ARG F 8 6.97 -39.08 -25.98
N ILE F 9 6.11 -38.08 -25.77
CA ILE F 9 6.19 -36.83 -26.51
C ILE F 9 7.52 -36.17 -26.17
N PRO F 10 8.37 -35.93 -27.18
CA PRO F 10 9.79 -35.59 -27.02
C PRO F 10 10.09 -34.31 -26.25
N GLY F 11 9.36 -33.21 -26.52
CA GLY F 11 9.67 -31.94 -25.91
C GLY F 11 9.33 -31.84 -24.43
N GLU F 12 8.87 -32.95 -23.85
CA GLU F 12 8.40 -32.96 -22.46
C GLU F 12 9.47 -33.34 -21.45
N ALA F 13 10.29 -34.33 -21.78
CA ALA F 13 11.15 -34.99 -20.81
C ALA F 13 12.44 -34.24 -20.44
N TYR F 14 12.81 -34.29 -19.16
CA TYR F 14 14.08 -33.75 -18.71
C TYR F 14 15.18 -34.80 -18.80
N ASP F 15 14.77 -36.07 -18.88
CA ASP F 15 15.70 -37.18 -18.91
C ASP F 15 16.07 -37.58 -20.34
N SER F 16 15.80 -36.70 -21.30
CA SER F 16 16.06 -36.96 -22.71
C SER F 16 17.51 -37.37 -22.96
N GLU F 17 17.68 -38.42 -23.75
CA GLU F 17 18.99 -39.00 -24.08
C GLU F 17 19.71 -39.55 -22.86
N ALA F 18 19.11 -40.52 -22.18
CA ALA F 18 19.78 -41.14 -21.05
C ALA F 18 19.80 -42.66 -21.12
N SER F 19 20.81 -43.27 -20.51
CA SER F 19 20.98 -44.71 -20.57
C SER F 19 20.11 -45.44 -19.56
N ASP F 20 19.80 -44.77 -18.46
CA ASP F 20 19.04 -45.37 -17.35
C ASP F 20 17.53 -45.14 -17.44
N ILE F 21 17.06 -44.63 -18.57
CA ILE F 21 15.62 -44.37 -18.76
C ILE F 21 14.82 -45.66 -18.68
N GLU F 22 13.76 -45.65 -17.87
CA GLU F 22 12.86 -46.81 -17.79
C GLU F 22 11.93 -46.84 -19.01
N ASP F 23 11.60 -48.04 -19.46
CA ASP F 23 10.78 -48.23 -20.65
C ASP F 23 9.29 -48.05 -20.36
N ASP F 24 8.76 -48.90 -19.48
CA ASP F 24 7.37 -48.85 -19.07
C ASP F 24 7.31 -48.60 -17.56
N PRO F 25 7.54 -47.34 -17.14
CA PRO F 25 7.65 -47.03 -15.71
C PRO F 25 6.35 -47.33 -14.97
N LEU F 26 6.43 -47.48 -13.66
CA LEU F 26 5.26 -47.79 -12.85
C LEU F 26 4.49 -46.53 -12.50
N ILE F 27 3.26 -46.44 -12.98
CA ILE F 27 2.41 -45.29 -12.71
C ILE F 27 1.26 -45.69 -11.77
N GLU F 28 1.22 -45.06 -10.59
CA GLU F 28 0.18 -45.35 -9.62
C GLU F 28 -0.62 -44.12 -9.21
N SER F 29 -1.94 -44.27 -9.15
CA SER F 29 -2.82 -43.25 -8.62
C SER F 29 -3.59 -43.88 -7.47
N GLY F 30 -4.54 -43.15 -6.88
CA GLY F 30 -5.31 -43.69 -5.77
C GLY F 30 -6.29 -42.75 -5.11
N VAL F 31 -7.26 -43.33 -4.40
CA VAL F 31 -8.26 -42.58 -3.67
C VAL F 31 -8.37 -43.10 -2.25
N ILE F 32 -9.22 -42.48 -1.45
CA ILE F 32 -9.52 -43.01 -0.13
C ILE F 32 -10.86 -43.75 -0.22
N LEU F 33 -10.90 -44.97 0.30
CA LEU F 33 -12.15 -45.72 0.32
C LEU F 33 -12.75 -45.72 1.71
N ARG F 34 -13.95 -45.18 1.84
CA ARG F 34 -14.67 -45.18 3.11
C ARG F 34 -15.94 -46.02 3.00
N ILE F 35 -15.95 -47.14 3.70
CA ILE F 35 -17.10 -48.04 3.67
C ILE F 35 -17.97 -47.87 4.92
N LEU F 36 -19.08 -48.60 4.97
CA LEU F 36 -20.02 -48.46 6.07
C LEU F 36 -19.62 -49.28 7.30
N PRO F 37 -19.91 -48.76 8.50
CA PRO F 37 -19.60 -49.41 9.77
C PRO F 37 -20.59 -50.54 10.10
N ASP F 38 -20.82 -51.43 9.16
CA ASP F 38 -21.69 -52.58 9.37
C ASP F 38 -20.87 -53.87 9.53
N ILE F 39 -21.56 -55.00 9.52
CA ILE F 39 -20.89 -56.30 9.66
C ILE F 39 -20.01 -56.60 8.44
N GLN F 40 -20.22 -55.86 7.36
CA GLN F 40 -19.44 -56.04 6.15
C GLN F 40 -18.12 -55.28 6.24
N LEU F 41 -18.01 -54.40 7.22
CA LEU F 41 -16.74 -53.71 7.50
C LEU F 41 -15.74 -54.67 8.11
N GLU F 42 -16.16 -55.40 9.13
CA GLU F 42 -15.32 -56.38 9.78
C GLU F 42 -14.85 -57.42 8.76
N PHE F 43 -15.73 -57.75 7.82
CA PHE F 43 -15.42 -58.66 6.73
C PHE F 43 -14.16 -58.23 5.99
N VAL F 44 -14.09 -56.94 5.67
CA VAL F 44 -12.96 -56.39 4.91
C VAL F 44 -11.67 -56.40 5.72
N LYS F 45 -11.76 -55.96 6.98
CA LYS F 45 -10.59 -55.93 7.87
C LYS F 45 -9.98 -57.32 7.98
N ASN F 46 -10.84 -58.32 8.19
CA ASN F 46 -10.41 -59.71 8.25
C ASN F 46 -9.87 -60.18 6.89
N SER F 47 -10.55 -59.82 5.82
CA SER F 47 -10.12 -60.15 4.47
C SER F 47 -8.73 -59.57 4.20
N LEU F 48 -8.46 -58.43 4.83
CA LEU F 48 -7.18 -57.75 4.69
C LEU F 48 -6.10 -58.45 5.48
N GLU F 49 -6.40 -58.79 6.73
CA GLU F 49 -5.47 -59.50 7.60
C GLU F 49 -5.12 -60.87 7.02
N SER F 50 -6.13 -61.54 6.45
CA SER F 50 -5.95 -62.86 5.88
C SER F 50 -5.12 -62.82 4.60
N GLY F 51 -5.34 -61.78 3.78
CA GLY F 51 -4.71 -61.71 2.47
C GLY F 51 -5.66 -62.21 1.40
N ASP F 52 -6.88 -62.53 1.82
CA ASP F 52 -7.90 -63.04 0.91
C ASP F 52 -8.81 -61.91 0.46
N TYR F 53 -8.66 -61.50 -0.80
CA TYR F 53 -9.42 -60.38 -1.36
C TYR F 53 -10.51 -60.85 -2.31
N SER F 54 -10.83 -62.14 -2.25
CA SER F 54 -11.79 -62.74 -3.18
C SER F 54 -13.20 -62.17 -3.07
N GLY F 55 -13.64 -61.88 -1.85
CA GLY F 55 -15.01 -61.44 -1.63
C GLY F 55 -15.25 -59.94 -1.72
N ILE F 56 -14.34 -59.23 -2.39
CA ILE F 56 -14.43 -57.78 -2.51
C ILE F 56 -14.34 -57.35 -3.98
N SER F 57 -15.31 -56.56 -4.43
CA SER F 57 -15.36 -56.13 -5.83
C SER F 57 -15.95 -54.72 -6.00
N ILE F 58 -15.49 -53.99 -7.01
CA ILE F 58 -16.02 -52.66 -7.31
C ILE F 58 -16.33 -52.52 -8.80
N LYS F 59 -17.60 -52.28 -9.13
CA LYS F 59 -18.00 -52.06 -10.52
C LYS F 59 -18.20 -50.57 -10.78
N TRP F 60 -17.38 -50.02 -11.65
CA TRP F 60 -17.43 -48.59 -11.95
C TRP F 60 -18.53 -48.31 -12.97
N LYS F 61 -19.57 -47.60 -12.55
CA LYS F 61 -20.75 -47.40 -13.39
C LYS F 61 -20.75 -46.08 -14.17
N ASN F 62 -19.88 -45.16 -13.78
CA ASN F 62 -19.92 -43.77 -14.24
C ASN F 62 -18.70 -43.07 -13.66
N GLU F 63 -18.36 -41.90 -14.20
CA GLU F 63 -17.23 -41.10 -13.70
C GLU F 63 -17.14 -41.08 -12.18
N ARG F 64 -18.16 -40.53 -11.53
CA ARG F 64 -18.14 -40.39 -10.08
C ARG F 64 -19.06 -41.36 -9.35
N HIS F 65 -19.71 -42.25 -10.09
CA HIS F 65 -20.55 -43.27 -9.48
C HIS F 65 -20.01 -44.68 -9.67
N ALA F 66 -20.11 -45.49 -8.62
CA ALA F 66 -19.61 -46.86 -8.66
C ALA F 66 -20.35 -47.75 -7.69
N VAL F 67 -20.23 -49.06 -7.87
CA VAL F 67 -20.88 -50.02 -6.99
C VAL F 67 -19.84 -50.93 -6.33
N VAL F 68 -19.93 -51.07 -5.01
CA VAL F 68 -18.97 -51.86 -4.24
C VAL F 68 -19.58 -53.15 -3.75
N THR F 69 -18.91 -54.27 -4.03
CA THR F 69 -19.39 -55.58 -3.61
C THR F 69 -18.52 -56.14 -2.47
N ILE F 70 -19.12 -56.29 -1.29
CA ILE F 70 -18.47 -56.88 -0.13
C ILE F 70 -19.28 -58.07 0.35
N ASN F 71 -18.70 -59.28 0.26
CA ASN F 71 -19.38 -60.49 0.71
C ASN F 71 -20.74 -60.67 0.01
N ASP F 72 -20.79 -60.24 -1.25
CA ASP F 72 -22.00 -60.32 -2.07
C ASP F 72 -23.21 -59.51 -1.57
N VAL F 73 -22.95 -58.31 -1.05
CA VAL F 73 -24.00 -57.31 -0.89
C VAL F 73 -23.53 -56.00 -1.54
N MSE F 74 -24.37 -55.45 -2.42
CA MSE F 74 -23.98 -54.29 -3.21
C MSE F 74 -24.16 -52.98 -2.44
O MSE F 74 -25.20 -52.76 -1.83
CB MSE F 74 -24.78 -54.24 -4.52
CG MSE F 74 -25.00 -55.58 -5.17
SE MSE F 74 -25.09 -55.49 -7.11
CE MSE F 74 -23.18 -55.64 -7.52
N TYR F 75 -23.16 -52.12 -2.51
CA TYR F 75 -23.25 -50.80 -1.89
C TYR F 75 -23.16 -49.71 -2.94
N GLY F 76 -23.99 -48.67 -2.80
CA GLY F 76 -23.93 -47.53 -3.69
C GLY F 76 -22.85 -46.55 -3.27
N ALA F 77 -21.95 -46.21 -4.18
CA ALA F 77 -20.81 -45.36 -3.85
C ALA F 77 -20.63 -44.18 -4.79
N ILE F 78 -20.28 -43.03 -4.23
CA ILE F 78 -20.03 -41.82 -5.02
C ILE F 78 -18.61 -41.32 -4.80
N LEU F 79 -17.94 -40.91 -5.88
CA LEU F 79 -16.58 -40.38 -5.78
C LEU F 79 -16.61 -38.89 -5.51
N VAL F 80 -16.24 -38.49 -4.30
CA VAL F 80 -16.27 -37.10 -3.91
C VAL F 80 -14.87 -36.50 -3.85
N ASP F 81 -14.80 -35.17 -3.99
CA ASP F 81 -13.52 -34.47 -3.93
C ASP F 81 -13.25 -33.97 -2.51
N LEU F 82 -12.09 -34.34 -1.97
CA LEU F 82 -11.69 -33.90 -0.64
C LEU F 82 -11.22 -32.45 -0.71
N PRO F 83 -11.52 -31.68 0.34
CA PRO F 83 -11.07 -30.29 0.43
C PRO F 83 -9.57 -30.19 0.59
N THR F 84 -8.93 -31.28 1.03
CA THR F 84 -7.50 -31.26 1.27
C THR F 84 -6.75 -32.05 0.21
N VAL F 85 -5.45 -31.82 0.13
CA VAL F 85 -4.58 -32.67 -0.70
C VAL F 85 -3.71 -33.54 0.22
N ILE F 86 -3.59 -34.82 -0.11
CA ILE F 86 -2.89 -35.77 0.74
C ILE F 86 -1.74 -36.47 0.00
N GLU F 87 -0.51 -36.20 0.43
CA GLU F 87 0.65 -36.92 -0.11
C GLU F 87 0.68 -38.31 0.49
N VAL F 88 0.76 -39.33 -0.36
CA VAL F 88 0.90 -40.69 0.10
C VAL F 88 2.38 -41.07 0.11
N ASN F 89 2.93 -41.26 1.30
CA ASN F 89 4.34 -41.62 1.42
C ASN F 89 4.54 -43.08 1.82
N LYS F 90 5.77 -43.55 1.71
CA LYS F 90 6.14 -44.87 2.20
C LYS F 90 7.53 -44.79 2.80
N SER F 91 7.76 -45.50 3.90
CA SER F 91 9.04 -45.46 4.56
C SER F 91 9.48 -46.85 5.01
N VAL F 92 10.76 -47.13 4.82
CA VAL F 92 11.36 -48.38 5.25
C VAL F 92 11.95 -48.20 6.65
N ASP F 93 12.53 -47.03 6.87
CA ASP F 93 13.26 -46.74 8.11
C ASP F 93 12.47 -45.92 9.14
N ARG F 94 11.19 -45.67 8.86
CA ARG F 94 10.33 -44.83 9.69
C ARG F 94 10.88 -43.41 9.86
N LYS F 95 11.77 -43.01 8.96
CA LYS F 95 12.43 -41.71 9.04
C LYS F 95 12.35 -40.98 7.70
N ASN F 96 12.85 -41.62 6.65
CA ASN F 96 12.77 -41.05 5.32
C ASN F 96 11.53 -41.52 4.59
N LEU F 97 10.57 -40.63 4.44
CA LEU F 97 9.31 -40.92 3.78
C LEU F 97 9.44 -40.58 2.30
N LEU F 98 9.03 -41.50 1.42
CA LEU F 98 9.14 -41.24 -0.01
C LEU F 98 7.79 -41.06 -0.69
N LYS F 99 7.69 -39.98 -1.46
CA LYS F 99 6.43 -39.62 -2.09
C LYS F 99 6.11 -40.52 -3.28
N THR F 100 4.84 -40.88 -3.40
CA THR F 100 4.39 -41.70 -4.52
C THR F 100 3.38 -40.91 -5.34
N PHE F 101 2.15 -40.83 -4.85
CA PHE F 101 1.12 -40.05 -5.52
C PHE F 101 0.27 -39.24 -4.53
N ASP F 102 -0.59 -38.38 -5.05
CA ASP F 102 -1.44 -37.56 -4.20
C ASP F 102 -2.86 -38.12 -4.18
N VAL F 103 -3.56 -37.94 -3.07
CA VAL F 103 -4.97 -38.31 -2.99
C VAL F 103 -5.77 -37.05 -2.72
N SER F 104 -6.75 -36.77 -3.58
CA SER F 104 -7.61 -35.60 -3.43
C SER F 104 -9.08 -36.02 -3.41
N GLN F 105 -9.32 -37.32 -3.54
CA GLN F 105 -10.68 -37.82 -3.65
C GLN F 105 -10.98 -38.98 -2.71
N MSE F 106 -12.26 -39.17 -2.41
CA MSE F 106 -12.72 -40.27 -1.59
C MSE F 106 -13.84 -41.01 -2.30
O MSE F 106 -14.76 -40.39 -2.84
CB MSE F 106 -13.19 -39.77 -0.22
CG MSE F 106 -13.83 -40.83 0.66
SE MSE F 106 -14.27 -40.14 2.44
CE MSE F 106 -12.47 -39.93 3.12
N LEU F 107 -13.77 -42.34 -2.31
CA LEU F 107 -14.89 -43.15 -2.77
C LEU F 107 -15.74 -43.52 -1.57
N LEU F 108 -16.95 -42.96 -1.52
CA LEU F 108 -17.78 -43.04 -0.32
C LEU F 108 -18.94 -44.01 -0.50
N CYS F 109 -18.95 -45.08 0.28
CA CYS F 109 -20.08 -46.00 0.30
C CYS F 109 -21.22 -45.37 1.09
N ILE F 110 -22.40 -45.32 0.48
CA ILE F 110 -23.53 -44.57 1.03
C ILE F 110 -24.57 -45.46 1.71
N ARG F 111 -25.21 -46.33 0.93
CA ARG F 111 -26.16 -47.30 1.48
C ARG F 111 -26.13 -48.58 0.64
N PRO F 112 -26.45 -49.73 1.27
CA PRO F 112 -26.54 -50.98 0.51
C PRO F 112 -27.71 -50.94 -0.48
N ILE F 113 -27.48 -51.40 -1.71
CA ILE F 113 -28.51 -51.37 -2.74
C ILE F 113 -28.75 -52.75 -3.35
N GLN F 114 -29.91 -52.92 -3.97
CA GLN F 114 -30.22 -54.17 -4.68
C GLN F 114 -29.73 -54.10 -6.13
N GLU F 115 -30.45 -53.34 -6.95
CA GLU F 115 -30.04 -53.11 -8.33
C GLU F 115 -28.85 -52.16 -8.41
N GLU F 116 -28.08 -52.24 -9.49
CA GLU F 116 -26.93 -51.36 -9.69
C GLU F 116 -27.33 -49.95 -10.11
N GLU F 117 -28.49 -49.83 -10.74
CA GLU F 117 -28.96 -48.56 -11.28
C GLU F 117 -29.35 -47.55 -10.19
N GLU F 118 -29.51 -48.03 -8.97
CA GLU F 118 -29.94 -47.19 -7.85
C GLU F 118 -28.97 -46.05 -7.51
N VAL F 119 -27.69 -46.25 -7.81
CA VAL F 119 -26.64 -45.28 -7.43
C VAL F 119 -26.90 -43.84 -7.87
N TYR F 120 -27.42 -43.68 -9.08
CA TYR F 120 -27.58 -42.35 -9.67
C TYR F 120 -28.56 -41.46 -8.91
N ALA F 121 -29.34 -42.06 -8.03
CA ALA F 121 -30.30 -41.31 -7.23
C ALA F 121 -29.73 -40.95 -5.85
N LEU F 122 -28.58 -41.54 -5.53
CA LEU F 122 -27.94 -41.35 -4.23
C LEU F 122 -27.30 -39.96 -4.10
N GLU F 123 -27.49 -39.34 -2.94
CA GLU F 123 -26.84 -38.07 -2.64
C GLU F 123 -25.79 -38.31 -1.56
N ALA F 124 -24.54 -37.92 -1.83
CA ALA F 124 -23.47 -38.09 -0.85
C ALA F 124 -23.63 -37.10 0.29
N PRO F 125 -23.56 -37.59 1.54
CA PRO F 125 -23.73 -36.72 2.71
C PRO F 125 -22.52 -35.83 2.90
N ASP F 126 -22.73 -34.67 3.52
CA ASP F 126 -21.66 -33.71 3.77
C ASP F 126 -20.93 -33.28 2.49
N THR F 127 -21.69 -33.03 1.43
CA THR F 127 -21.12 -32.52 0.19
C THR F 127 -21.83 -31.25 -0.28
N GLU F 128 -21.17 -30.51 -1.17
CA GLU F 128 -21.73 -29.28 -1.72
C GLU F 128 -21.46 -29.20 -3.21
N ASP F 129 -22.10 -28.25 -3.88
CA ASP F 129 -21.76 -27.91 -5.25
C ASP F 129 -21.12 -26.52 -5.21
N LEU F 130 -19.80 -26.47 -5.40
CA LEU F 130 -19.06 -25.23 -5.21
C LEU F 130 -19.21 -24.26 -6.37
N VAL F 131 -19.85 -24.72 -7.45
CA VAL F 131 -20.15 -23.85 -8.57
C VAL F 131 -21.42 -23.06 -8.28
N VAL F 132 -22.37 -23.70 -7.63
CA VAL F 132 -23.67 -23.11 -7.32
C VAL F 132 -23.66 -22.41 -5.96
N LYS F 133 -22.77 -22.86 -5.07
CA LYS F 133 -22.73 -22.36 -3.69
C LYS F 133 -22.57 -20.85 -3.62
N HIS F 134 -23.47 -20.22 -2.85
CA HIS F 134 -23.60 -18.77 -2.72
C HIS F 134 -24.36 -18.14 -3.88
N PHE F 135 -24.45 -18.86 -4.99
CA PHE F 135 -25.09 -18.34 -6.18
C PHE F 135 -26.44 -19.00 -6.46
N GLU F 136 -27.03 -19.60 -5.43
CA GLU F 136 -28.30 -20.32 -5.59
C GLU F 136 -29.46 -19.42 -6.02
N GLY F 137 -29.22 -18.11 -6.02
CA GLY F 137 -30.19 -17.17 -6.55
C GLY F 137 -30.37 -17.37 -8.05
N ILE F 138 -29.26 -17.66 -8.74
CA ILE F 138 -29.28 -17.87 -10.18
C ILE F 138 -29.07 -19.35 -10.53
N GLU F 139 -29.36 -20.23 -9.58
CA GLU F 139 -29.04 -21.65 -9.72
C GLU F 139 -29.70 -22.32 -10.94
N ASP F 140 -30.80 -21.75 -11.42
CA ASP F 140 -31.49 -22.28 -12.58
C ASP F 140 -30.62 -22.14 -13.81
N GLU F 141 -30.12 -20.92 -14.01
CA GLU F 141 -29.22 -20.58 -15.10
C GLU F 141 -27.98 -21.49 -15.13
N ILE F 142 -27.49 -21.84 -13.95
CA ILE F 142 -26.31 -22.67 -13.81
C ILE F 142 -26.63 -24.14 -14.09
N TRP F 143 -27.76 -24.61 -13.57
CA TRP F 143 -28.19 -25.98 -13.76
C TRP F 143 -28.39 -26.32 -15.22
N GLU F 144 -28.94 -25.37 -15.97
CA GLU F 144 -29.18 -25.55 -17.39
C GLU F 144 -27.87 -25.82 -18.13
N ASN F 145 -26.89 -24.92 -17.95
CA ASN F 145 -25.60 -25.06 -18.60
C ASN F 145 -24.85 -26.28 -18.10
N LYS F 146 -25.08 -26.65 -16.84
CA LYS F 146 -24.43 -27.81 -16.26
C LYS F 146 -24.87 -29.08 -16.97
N GLU F 147 -26.15 -29.15 -17.32
CA GLU F 147 -26.71 -30.30 -18.04
C GLU F 147 -26.14 -30.37 -19.46
N THR F 148 -25.96 -29.20 -20.07
CA THR F 148 -25.42 -29.12 -21.43
C THR F 148 -23.97 -29.60 -21.53
N PHE F 149 -23.18 -29.29 -20.50
CA PHE F 149 -21.75 -29.58 -20.52
C PHE F 149 -21.42 -31.02 -20.14
N LEU F 150 -22.40 -31.73 -19.58
CA LEU F 150 -22.15 -33.09 -19.08
C LEU F 150 -21.80 -34.07 -20.20
N LYS F 151 -20.65 -34.73 -20.06
CA LYS F 151 -20.17 -35.64 -21.08
C LYS F 151 -19.76 -36.98 -20.49
N GLY F 152 -19.51 -37.96 -21.35
CA GLY F 152 -19.12 -39.30 -20.90
C GLY F 152 -17.62 -39.49 -20.86
N TYR F 153 -17.20 -40.75 -20.81
CA TYR F 153 -15.78 -41.10 -20.73
C TYR F 153 -15.00 -40.59 -21.94
N ASN F 154 -13.86 -39.94 -21.67
CA ASN F 154 -13.02 -39.36 -22.71
C ASN F 154 -13.72 -38.36 -23.62
N GLY F 155 -14.74 -37.67 -23.10
CA GLY F 155 -15.45 -36.66 -23.85
C GLY F 155 -16.53 -37.22 -24.77
N ALA F 156 -16.68 -38.54 -24.76
CA ALA F 156 -17.69 -39.20 -25.58
C ALA F 156 -19.09 -38.75 -25.17
N PRO F 157 -20.04 -38.81 -26.12
CA PRO F 157 -21.44 -38.48 -25.80
C PRO F 157 -22.02 -39.38 -24.73
N LEU F 158 -23.23 -39.08 -24.27
CA LEU F 158 -23.81 -39.81 -23.14
C LEU F 158 -24.39 -41.17 -23.51
N SER F 159 -24.10 -42.17 -22.69
CA SER F 159 -24.77 -43.46 -22.80
C SER F 159 -26.24 -43.27 -22.44
N ASP F 160 -27.12 -44.12 -22.97
CA ASP F 160 -28.56 -43.99 -22.76
C ASP F 160 -28.91 -44.08 -21.28
N MSE F 161 -28.05 -44.73 -20.51
CA MSE F 161 -28.20 -44.83 -19.07
C MSE F 161 -28.01 -43.47 -18.40
O MSE F 161 -28.90 -42.97 -17.72
CB MSE F 161 -27.20 -45.83 -18.48
CG MSE F 161 -27.78 -47.23 -18.31
SE MSE F 161 -29.34 -47.23 -17.14
CE MSE F 161 -28.50 -46.49 -15.55
N GLU F 162 -26.83 -42.89 -18.61
CA GLU F 162 -26.50 -41.58 -18.06
C GLU F 162 -27.48 -40.51 -18.54
N ALA F 163 -27.92 -40.63 -19.78
CA ALA F 163 -28.87 -39.69 -20.36
C ALA F 163 -30.22 -39.71 -19.63
N LYS F 164 -30.61 -40.90 -19.18
CA LYS F 164 -31.86 -41.05 -18.43
C LYS F 164 -31.75 -40.45 -17.04
N HIS F 165 -30.62 -40.66 -16.40
CA HIS F 165 -30.38 -40.15 -15.05
C HIS F 165 -29.62 -38.82 -15.05
N LEU F 166 -29.58 -38.16 -16.20
CA LEU F 166 -28.78 -36.94 -16.41
C LEU F 166 -28.86 -35.91 -15.27
N LYS F 167 -30.06 -35.37 -15.06
CA LYS F 167 -30.29 -34.33 -14.06
C LYS F 167 -29.75 -34.71 -12.68
N GLU F 168 -29.92 -35.97 -12.31
CA GLU F 168 -29.43 -36.46 -11.02
C GLU F 168 -27.91 -36.39 -10.93
N ILE F 169 -27.22 -36.91 -11.93
CA ILE F 169 -25.76 -37.00 -11.88
C ILE F 169 -25.07 -35.67 -12.23
N ALA F 170 -25.78 -34.79 -12.91
CA ALA F 170 -25.20 -33.52 -13.33
C ALA F 170 -25.30 -32.45 -12.24
N LEU F 171 -26.32 -32.55 -11.40
CA LEU F 171 -26.62 -31.48 -10.45
C LEU F 171 -26.22 -31.77 -9.00
N LYS F 172 -25.85 -33.01 -8.71
CA LYS F 172 -25.51 -33.39 -7.34
C LYS F 172 -24.12 -32.90 -6.95
N GLY F 173 -23.97 -32.55 -5.67
CA GLY F 173 -22.69 -32.07 -5.17
C GLY F 173 -21.70 -33.20 -4.98
N TYR F 174 -20.48 -32.98 -5.47
CA TYR F 174 -19.41 -33.94 -5.24
C TYR F 174 -18.29 -33.35 -4.38
N ASP F 175 -18.51 -32.16 -3.84
CA ASP F 175 -17.47 -31.48 -3.06
C ASP F 175 -17.60 -31.75 -1.55
N TYR F 176 -16.69 -32.58 -1.03
CA TYR F 176 -16.76 -33.05 0.36
C TYR F 176 -16.32 -32.00 1.39
N LYS F 177 -17.04 -31.94 2.51
CA LYS F 177 -16.87 -30.91 3.52
C LYS F 177 -15.68 -31.11 4.45
N HIS F 178 -15.29 -32.37 4.66
CA HIS F 178 -14.34 -32.67 5.71
C HIS F 178 -13.03 -33.22 5.20
N GLY F 179 -11.95 -32.97 5.93
CA GLY F 179 -10.70 -33.67 5.70
C GLY F 179 -10.82 -35.02 6.39
N ILE F 180 -9.81 -35.87 6.23
CA ILE F 180 -9.86 -37.17 6.89
C ILE F 180 -9.21 -37.12 8.28
N SER F 181 -8.54 -36.03 8.58
CA SER F 181 -7.98 -35.82 9.92
C SER F 181 -9.03 -35.17 10.82
N PRO F 182 -9.00 -35.53 12.11
CA PRO F 182 -9.89 -34.94 13.11
C PRO F 182 -9.87 -33.40 13.16
N PRO F 183 -8.69 -32.75 13.13
CA PRO F 183 -8.79 -31.29 13.23
C PRO F 183 -9.30 -30.67 11.94
N LEU F 184 -9.23 -31.43 10.84
CA LEU F 184 -9.68 -30.93 9.55
C LEU F 184 -11.17 -31.21 9.32
N TYR F 185 -11.89 -31.50 10.40
CA TYR F 185 -13.35 -31.63 10.33
C TYR F 185 -13.92 -30.29 9.90
N ASN F 186 -14.74 -30.32 8.84
CA ASN F 186 -15.38 -29.11 8.31
C ASN F 186 -14.35 -28.05 7.92
N VAL F 187 -13.18 -28.50 7.48
CA VAL F 187 -12.06 -27.60 7.16
C VAL F 187 -12.44 -26.59 6.07
N ARG F 188 -13.23 -27.03 5.09
CA ARG F 188 -13.55 -26.20 3.94
C ARG F 188 -14.27 -24.91 4.33
N ASN F 189 -15.22 -25.01 5.24
CA ASN F 189 -15.96 -23.82 5.69
C ASN F 189 -15.37 -23.14 6.95
N ARG F 190 -14.40 -23.79 7.58
CA ARG F 190 -13.83 -23.30 8.84
CA ARG F 190 -13.84 -23.31 8.83
C ARG F 190 -12.39 -22.84 8.72
N ARG F 191 -11.51 -23.76 8.31
CA ARG F 191 -10.08 -23.49 8.26
C ARG F 191 -9.58 -23.19 6.86
N PHE F 192 -10.48 -22.95 5.93
CA PHE F 192 -10.09 -22.45 4.61
C PHE F 192 -10.58 -21.02 4.40
N ARG F 193 -9.70 -20.14 3.93
CA ARG F 193 -10.15 -18.84 3.44
C ARG F 193 -10.70 -19.05 2.04
N ARG F 194 -11.93 -18.61 1.80
CA ARG F 194 -12.62 -18.93 0.54
C ARG F 194 -11.93 -18.36 -0.69
N LYS F 195 -11.80 -19.19 -1.72
CA LYS F 195 -11.26 -18.74 -2.99
C LYS F 195 -11.73 -19.63 -4.15
N MSE F 196 -11.74 -19.03 -5.35
CA MSE F 196 -12.20 -19.69 -6.57
C MSE F 196 -11.85 -21.18 -6.68
O MSE F 196 -10.67 -21.57 -6.69
CB MSE F 196 -11.66 -18.96 -7.80
CG MSE F 196 -12.10 -17.51 -7.91
SE MSE F 196 -12.58 -17.04 -9.75
CE MSE F 196 -14.44 -17.57 -9.67
N ASP F 197 -12.89 -22.01 -6.75
CA ASP F 197 -12.71 -23.45 -6.93
C ASP F 197 -12.38 -23.73 -8.38
N PRO F 198 -11.45 -24.67 -8.61
CA PRO F 198 -11.10 -25.02 -10.00
C PRO F 198 -12.27 -25.57 -10.82
N ASN F 199 -13.17 -26.33 -10.20
CA ASN F 199 -14.35 -26.79 -10.92
C ASN F 199 -15.26 -25.62 -11.30
N GLU F 200 -15.32 -24.64 -10.39
CA GLU F 200 -16.06 -23.41 -10.65
C GLU F 200 -15.45 -22.65 -11.84
N ILE F 201 -14.13 -22.55 -11.85
CA ILE F 201 -13.43 -21.87 -12.92
C ILE F 201 -13.62 -22.61 -14.24
N ASP F 202 -13.46 -23.93 -14.21
CA ASP F 202 -13.70 -24.76 -15.40
C ASP F 202 -15.10 -24.54 -15.96
N TYR F 203 -16.09 -24.47 -15.08
CA TYR F 203 -17.47 -24.22 -15.49
C TYR F 203 -17.59 -22.88 -16.21
N VAL F 204 -17.18 -21.81 -15.54
CA VAL F 204 -17.30 -20.47 -16.09
C VAL F 204 -16.69 -20.36 -17.48
N GLU F 205 -15.48 -20.90 -17.62
CA GLU F 205 -14.78 -20.88 -18.91
C GLU F 205 -15.60 -21.53 -20.02
N LYS F 206 -16.26 -22.64 -19.71
CA LYS F 206 -17.09 -23.33 -20.69
C LYS F 206 -18.31 -22.51 -21.10
N VAL F 207 -18.87 -21.74 -20.16
CA VAL F 207 -20.00 -20.87 -20.47
C VAL F 207 -19.59 -19.68 -21.32
N VAL F 208 -18.44 -19.10 -21.01
CA VAL F 208 -17.95 -17.97 -21.78
C VAL F 208 -17.62 -18.41 -23.21
N ASP F 209 -17.02 -19.59 -23.35
CA ASP F 209 -16.72 -20.11 -24.67
C ASP F 209 -17.99 -20.40 -25.45
N MSE F 210 -18.99 -20.96 -24.77
CA MSE F 210 -20.29 -21.23 -25.39
C MSE F 210 -20.94 -19.96 -25.91
O MSE F 210 -21.31 -19.88 -27.08
CB MSE F 210 -21.21 -21.93 -24.39
CG MSE F 210 -22.63 -22.08 -24.88
SE MSE F 210 -23.80 -22.81 -23.51
CE MSE F 210 -24.11 -21.17 -22.50
N LEU F 211 -21.05 -18.97 -25.04
CA LEU F 211 -21.60 -17.68 -25.40
C LEU F 211 -20.86 -17.05 -26.58
N LEU F 212 -19.55 -17.28 -26.65
CA LEU F 212 -18.76 -16.68 -27.73
C LEU F 212 -19.01 -17.37 -29.07
N LYS F 213 -19.16 -18.69 -29.05
CA LYS F 213 -19.44 -19.45 -30.26
C LYS F 213 -20.79 -19.03 -30.83
N GLN F 214 -21.73 -18.79 -29.92
CA GLN F 214 -23.06 -18.29 -30.29
C GLN F 214 -22.96 -16.91 -30.94
N ASP F 215 -22.09 -16.08 -30.41
CA ASP F 215 -21.90 -14.73 -30.94
C ASP F 215 -21.34 -14.76 -32.37
N LYS F 216 -20.66 -15.85 -32.72
CA LYS F 216 -20.08 -15.97 -34.03
C LYS F 216 -21.12 -16.35 -35.08
N GLN F 217 -22.28 -16.78 -34.63
CA GLN F 217 -23.34 -17.22 -35.53
CA GLN F 217 -23.33 -17.22 -35.54
C GLN F 217 -24.31 -16.10 -35.87
N ALA F 218 -23.99 -14.87 -35.46
CA ALA F 218 -24.87 -13.75 -35.76
C ALA F 218 -24.20 -12.77 -36.70
N GLU F 219 -24.98 -11.80 -37.20
CA GLU F 219 -24.44 -10.77 -38.07
C GLU F 219 -23.87 -9.66 -37.23
N GLU F 220 -24.58 -9.33 -36.14
CA GLU F 220 -24.16 -8.31 -35.21
C GLU F 220 -24.52 -8.73 -33.79
N VAL F 221 -23.60 -8.55 -32.85
CA VAL F 221 -23.93 -8.71 -31.44
C VAL F 221 -23.64 -7.41 -30.71
N SER F 222 -24.48 -7.11 -29.73
CA SER F 222 -24.27 -5.95 -28.89
C SER F 222 -24.49 -6.38 -27.46
N TYR F 223 -23.55 -6.03 -26.58
CA TYR F 223 -23.70 -6.34 -25.16
C TYR F 223 -23.78 -5.05 -24.37
N ASP F 224 -24.57 -5.05 -23.30
CA ASP F 224 -24.72 -3.88 -22.45
C ASP F 224 -24.90 -4.27 -20.99
N LEU F 225 -24.35 -3.45 -20.09
CA LEU F 225 -24.55 -3.66 -18.67
C LEU F 225 -25.78 -2.85 -18.24
N VAL F 226 -26.78 -3.53 -17.70
CA VAL F 226 -28.06 -2.92 -17.40
C VAL F 226 -28.53 -3.23 -15.98
N ASP F 227 -29.55 -2.52 -15.52
CA ASP F 227 -30.08 -2.76 -14.17
CA ASP F 227 -30.15 -2.72 -14.19
C ASP F 227 -30.78 -4.11 -14.10
N LYS F 228 -30.83 -4.66 -12.89
CA LYS F 228 -31.43 -5.98 -12.66
C LYS F 228 -32.89 -6.04 -13.08
N SER F 229 -33.54 -4.88 -13.09
CA SER F 229 -34.94 -4.77 -13.49
C SER F 229 -35.13 -4.95 -15.00
N GLU F 230 -34.02 -5.16 -15.71
CA GLU F 230 -34.00 -5.33 -17.15
C GLU F 230 -34.44 -4.06 -17.88
ZN ZN G . 36.52 7.85 -32.02
C TRS H . -26.95 -8.16 37.56
C1 TRS H . -26.36 -6.75 37.62
C2 TRS H . -26.93 -8.69 36.14
C3 TRS H . -28.37 -8.14 38.13
N TRS H . -26.11 -9.02 38.40
O1 TRS H . -27.24 -5.82 37.01
O2 TRS H . -27.55 -9.96 36.09
O3 TRS H . -29.05 -9.33 37.79
#